data_1VA9
#
_entry.id   1VA9
#
_entity_poly.entity_id   1
_entity_poly.type   'polypeptide(L)'
_entity_poly.pdbx_seq_one_letter_code
;GSSGSSGISTEEAAPDGPPMDVTLQPVTSQSIQVTWKAPKKELQNGVIRGYQIGYRENSPGSNGQYSIVEMKATGDSEVY
TLDNLKKFAQYGVVVQAFNRAGTGPSSSEINATTLESGPSSG
;
_entity_poly.pdbx_strand_id   A
#
# COMPACT_ATOMS: atom_id res chain seq x y z
N GLY A 1 15.09 -2.27 18.02
CA GLY A 1 15.09 -3.60 18.60
C GLY A 1 14.12 -3.69 19.78
N SER A 2 12.92 -4.17 19.48
CA SER A 2 11.90 -4.31 20.50
C SER A 2 11.32 -5.72 20.47
N SER A 3 10.79 -6.09 19.32
CA SER A 3 10.20 -7.40 19.14
C SER A 3 11.01 -8.21 18.12
N GLY A 4 11.24 -9.47 18.45
CA GLY A 4 11.98 -10.35 17.57
C GLY A 4 11.07 -10.99 16.52
N SER A 5 11.26 -12.29 16.32
CA SER A 5 10.46 -13.02 15.35
C SER A 5 10.65 -14.52 15.57
N SER A 6 9.53 -15.20 15.76
CA SER A 6 9.56 -16.63 15.97
C SER A 6 8.32 -17.28 15.33
N GLY A 7 8.57 -18.13 14.35
CA GLY A 7 7.50 -18.81 13.65
C GLY A 7 8.06 -19.73 12.56
N ILE A 8 8.76 -20.77 13.00
CA ILE A 8 9.34 -21.72 12.07
C ILE A 8 9.93 -20.97 10.88
N SER A 9 10.98 -20.20 11.15
CA SER A 9 11.64 -19.44 10.11
C SER A 9 12.85 -18.71 10.70
N THR A 10 14.02 -19.28 10.45
CA THR A 10 15.26 -18.69 10.94
C THR A 10 15.79 -17.66 9.93
N GLU A 11 14.96 -17.35 8.96
CA GLU A 11 15.34 -16.38 7.94
C GLU A 11 14.19 -16.18 6.94
N GLU A 12 13.82 -14.93 6.77
CA GLU A 12 12.74 -14.59 5.86
C GLU A 12 13.28 -14.41 4.44
N ALA A 13 12.36 -14.18 3.51
CA ALA A 13 12.72 -13.99 2.12
C ALA A 13 11.79 -12.97 1.48
N ALA A 14 12.36 -12.16 0.59
CA ALA A 14 11.59 -11.14 -0.10
C ALA A 14 10.38 -11.79 -0.78
N PRO A 15 9.29 -10.98 -0.90
CA PRO A 15 8.08 -11.47 -1.53
C PRO A 15 8.24 -11.55 -3.06
N ASP A 16 7.71 -12.63 -3.60
CA ASP A 16 7.79 -12.86 -5.04
C ASP A 16 6.42 -12.58 -5.67
N GLY A 17 5.63 -11.77 -4.98
CA GLY A 17 4.31 -11.42 -5.45
C GLY A 17 3.74 -10.23 -4.69
N PRO A 18 2.96 -9.39 -5.42
CA PRO A 18 2.35 -8.22 -4.81
C PRO A 18 1.17 -8.60 -3.92
N PRO A 19 0.63 -7.57 -3.20
CA PRO A 19 -0.49 -7.80 -2.31
C PRO A 19 -1.79 -7.98 -3.10
N MET A 20 -2.78 -8.55 -2.42
CA MET A 20 -4.07 -8.78 -3.03
C MET A 20 -5.10 -7.76 -2.57
N ASP A 21 -6.30 -7.88 -3.11
CA ASP A 21 -7.38 -6.97 -2.76
C ASP A 21 -6.87 -5.53 -2.83
N VAL A 22 -5.92 -5.31 -3.72
CA VAL A 22 -5.36 -3.99 -3.91
C VAL A 22 -6.33 -3.12 -4.68
N THR A 23 -6.89 -2.14 -3.98
CA THR A 23 -7.84 -1.22 -4.60
C THR A 23 -7.85 0.11 -3.86
N LEU A 24 -8.32 1.13 -4.56
CA LEU A 24 -8.39 2.47 -3.98
C LEU A 24 -9.86 2.81 -3.68
N GLN A 25 -10.03 3.79 -2.80
CA GLN A 25 -11.36 4.22 -2.42
C GLN A 25 -11.31 5.63 -1.83
N PRO A 26 -12.02 6.57 -2.52
CA PRO A 26 -12.07 7.94 -2.07
C PRO A 26 -12.98 8.10 -0.86
N VAL A 27 -12.38 8.53 0.25
CA VAL A 27 -13.12 8.73 1.47
C VAL A 27 -13.38 10.22 1.68
N THR A 28 -12.40 11.02 1.30
CA THR A 28 -12.51 12.46 1.42
C THR A 28 -12.36 13.13 0.06
N SER A 29 -11.73 14.30 0.08
CA SER A 29 -11.51 15.05 -1.14
C SER A 29 -10.04 14.99 -1.55
N GLN A 30 -9.18 15.23 -0.57
CA GLN A 30 -7.74 15.21 -0.81
C GLN A 30 -7.11 14.00 -0.11
N SER A 31 -7.80 12.87 -0.21
CA SER A 31 -7.31 11.65 0.41
C SER A 31 -8.05 10.44 -0.17
N ILE A 32 -7.37 9.30 -0.16
CA ILE A 32 -7.95 8.07 -0.67
C ILE A 32 -7.56 6.91 0.24
N GLN A 33 -8.44 5.92 0.29
CA GLN A 33 -8.20 4.75 1.11
C GLN A 33 -7.68 3.59 0.26
N VAL A 34 -6.55 3.04 0.68
CA VAL A 34 -5.95 1.94 -0.04
C VAL A 34 -6.01 0.68 0.83
N THR A 35 -6.79 -0.29 0.36
CA THR A 35 -6.94 -1.54 1.08
C THR A 35 -6.37 -2.70 0.25
N TRP A 36 -5.74 -3.63 0.97
CA TRP A 36 -5.15 -4.80 0.32
C TRP A 36 -5.07 -5.92 1.35
N LYS A 37 -4.89 -7.13 0.85
CA LYS A 37 -4.81 -8.30 1.71
C LYS A 37 -3.41 -8.91 1.59
N ALA A 38 -3.12 -9.83 2.48
CA ALA A 38 -1.83 -10.50 2.48
C ALA A 38 -1.56 -11.10 1.11
N PRO A 39 -0.29 -10.93 0.63
CA PRO A 39 0.09 -11.45 -0.66
C PRO A 39 0.27 -12.97 -0.62
N LYS A 40 -0.72 -13.67 -1.13
CA LYS A 40 -0.69 -15.12 -1.15
C LYS A 40 -0.25 -15.64 0.22
N LYS A 41 0.01 -16.94 0.27
CA LYS A 41 0.43 -17.57 1.51
C LYS A 41 1.84 -18.14 1.33
N GLU A 42 2.03 -18.81 0.19
CA GLU A 42 3.32 -19.40 -0.11
C GLU A 42 4.31 -18.33 -0.55
N LEU A 43 3.77 -17.29 -1.18
CA LEU A 43 4.60 -16.19 -1.65
C LEU A 43 5.03 -15.32 -0.46
N GLN A 44 4.14 -15.25 0.53
CA GLN A 44 4.41 -14.47 1.72
C GLN A 44 5.88 -14.62 2.13
N ASN A 45 6.43 -15.78 1.83
CA ASN A 45 7.82 -16.07 2.17
C ASN A 45 8.12 -15.51 3.56
N GLY A 46 7.39 -16.02 4.55
CA GLY A 46 7.58 -15.59 5.92
C GLY A 46 6.72 -14.35 6.23
N VAL A 47 6.61 -14.05 7.50
CA VAL A 47 5.83 -12.91 7.95
C VAL A 47 6.27 -11.66 7.18
N ILE A 48 5.46 -10.62 7.27
CA ILE A 48 5.75 -9.38 6.59
C ILE A 48 5.96 -8.27 7.64
N ARG A 49 6.99 -7.47 7.38
CA ARG A 49 7.31 -6.38 8.28
C ARG A 49 6.46 -5.15 7.97
N GLY A 50 6.12 -5.01 6.69
CA GLY A 50 5.31 -3.89 6.24
C GLY A 50 5.27 -3.83 4.72
N TYR A 51 4.52 -2.85 4.22
CA TYR A 51 4.40 -2.66 2.79
C TYR A 51 4.62 -1.20 2.39
N GLN A 52 4.84 -0.99 1.10
CA GLN A 52 5.08 0.34 0.59
C GLN A 52 3.92 0.77 -0.32
N ILE A 53 3.41 1.96 -0.04
CA ILE A 53 2.31 2.50 -0.83
C ILE A 53 2.79 3.73 -1.59
N GLY A 54 3.12 3.52 -2.87
CA GLY A 54 3.60 4.60 -3.71
C GLY A 54 2.45 5.20 -4.53
N TYR A 55 2.22 6.49 -4.30
CA TYR A 55 1.16 7.19 -5.01
C TYR A 55 1.68 8.48 -5.62
N ARG A 56 1.13 8.81 -6.78
CA ARG A 56 1.52 10.03 -7.49
C ARG A 56 0.41 10.48 -8.43
N GLU A 57 0.29 11.79 -8.58
CA GLU A 57 -0.72 12.36 -9.44
C GLU A 57 -0.73 11.66 -10.80
N ASN A 58 -1.86 11.75 -11.47
CA ASN A 58 -2.02 11.13 -12.77
C ASN A 58 -2.05 12.21 -13.85
N SER A 59 -1.43 13.34 -13.54
CA SER A 59 -1.38 14.45 -14.47
C SER A 59 0.03 15.05 -14.50
N PRO A 60 0.30 15.83 -15.58
CA PRO A 60 1.60 16.46 -15.74
C PRO A 60 1.75 17.65 -14.79
N GLY A 61 2.97 17.82 -14.29
CA GLY A 61 3.26 18.91 -13.38
C GLY A 61 3.47 18.39 -11.95
N SER A 62 3.09 17.14 -11.76
CA SER A 62 3.23 16.51 -10.46
C SER A 62 4.68 16.17 -10.18
N ASN A 63 5.00 16.05 -8.91
CA ASN A 63 6.37 15.72 -8.50
C ASN A 63 6.88 14.56 -9.37
N GLY A 64 6.00 13.63 -9.64
CA GLY A 64 6.34 12.47 -10.45
C GLY A 64 6.72 11.27 -9.56
N GLN A 65 7.89 11.37 -8.97
CA GLN A 65 8.37 10.30 -8.09
C GLN A 65 7.25 9.81 -7.18
N TYR A 66 6.96 8.52 -7.28
CA TYR A 66 5.91 7.93 -6.47
C TYR A 66 6.22 8.08 -4.98
N SER A 67 5.36 8.84 -4.31
CA SER A 67 5.53 9.08 -2.88
C SER A 67 5.37 7.78 -2.12
N ILE A 68 6.50 7.27 -1.63
CA ILE A 68 6.50 6.03 -0.87
C ILE A 68 6.17 6.32 0.59
N VAL A 69 5.46 5.38 1.20
CA VAL A 69 5.07 5.54 2.60
C VAL A 69 5.30 4.21 3.32
N GLU A 70 6.17 4.26 4.32
CA GLU A 70 6.50 3.08 5.10
C GLU A 70 5.42 2.85 6.16
N MET A 71 5.09 1.57 6.36
CA MET A 71 4.08 1.20 7.34
C MET A 71 4.37 -0.18 7.93
N LYS A 72 3.53 -0.58 8.86
CA LYS A 72 3.68 -1.87 9.50
C LYS A 72 2.46 -2.74 9.20
N ALA A 73 2.70 -4.04 9.20
CA ALA A 73 1.63 -5.00 8.92
C ALA A 73 0.87 -5.29 10.21
N THR A 74 -0.28 -4.64 10.34
CA THR A 74 -1.11 -4.82 11.52
C THR A 74 -1.55 -6.28 11.64
N GLY A 75 -1.86 -6.88 10.50
CA GLY A 75 -2.29 -8.26 10.46
C GLY A 75 -2.32 -8.79 9.02
N ASP A 76 -3.30 -9.65 8.77
CA ASP A 76 -3.45 -10.23 7.44
C ASP A 76 -3.84 -9.14 6.45
N SER A 77 -4.81 -8.34 6.85
CA SER A 77 -5.29 -7.25 6.00
C SER A 77 -4.64 -5.94 6.44
N GLU A 78 -4.34 -5.11 5.46
CA GLU A 78 -3.72 -3.81 5.72
C GLU A 78 -4.40 -2.72 4.90
N VAL A 79 -4.32 -1.50 5.42
CA VAL A 79 -4.91 -0.36 4.74
C VAL A 79 -4.12 0.90 5.07
N TYR A 80 -4.13 1.83 4.12
CA TYR A 80 -3.42 3.09 4.30
C TYR A 80 -4.16 4.24 3.63
N THR A 81 -4.50 5.23 4.44
CA THR A 81 -5.21 6.39 3.93
C THR A 81 -4.22 7.43 3.40
N LEU A 82 -4.08 7.45 2.08
CA LEU A 82 -3.18 8.39 1.43
C LEU A 82 -3.84 9.76 1.38
N ASP A 83 -3.32 10.67 2.21
CA ASP A 83 -3.84 12.02 2.26
C ASP A 83 -2.95 12.94 1.42
N ASN A 84 -3.28 14.22 1.46
CA ASN A 84 -2.52 15.21 0.72
C ASN A 84 -2.63 14.90 -0.78
N LEU A 85 -3.87 14.88 -1.26
CA LEU A 85 -4.12 14.60 -2.65
C LEU A 85 -4.79 15.81 -3.30
N LYS A 86 -5.14 15.65 -4.57
CA LYS A 86 -5.78 16.73 -5.31
C LYS A 86 -7.30 16.59 -5.20
N LYS A 87 -8.00 17.54 -5.79
CA LYS A 87 -9.45 17.53 -5.77
C LYS A 87 -9.98 16.98 -7.09
N PHE A 88 -10.86 16.00 -6.97
CA PHE A 88 -11.45 15.38 -8.15
C PHE A 88 -10.41 15.23 -9.26
N ALA A 89 -9.40 14.43 -8.98
CA ALA A 89 -8.34 14.19 -9.95
C ALA A 89 -7.94 12.71 -9.90
N GLN A 90 -7.51 12.21 -11.06
CA GLN A 90 -7.10 10.83 -11.17
C GLN A 90 -5.73 10.62 -10.51
N TYR A 91 -5.61 9.53 -9.77
CA TYR A 91 -4.37 9.21 -9.09
C TYR A 91 -4.08 7.71 -9.17
N GLY A 92 -2.82 7.40 -9.43
CA GLY A 92 -2.39 6.02 -9.53
C GLY A 92 -1.36 5.68 -8.44
N VAL A 93 -1.67 4.65 -7.67
CA VAL A 93 -0.78 4.22 -6.60
C VAL A 93 -0.58 2.71 -6.69
N VAL A 94 0.52 2.25 -6.11
CA VAL A 94 0.84 0.84 -6.12
C VAL A 94 1.07 0.37 -4.68
N VAL A 95 1.03 -0.94 -4.51
CA VAL A 95 1.23 -1.53 -3.19
C VAL A 95 2.18 -2.72 -3.32
N GLN A 96 3.13 -2.78 -2.40
CA GLN A 96 4.11 -3.85 -2.40
C GLN A 96 4.47 -4.25 -0.96
N ALA A 97 4.68 -5.54 -0.76
CA ALA A 97 5.03 -6.05 0.55
C ALA A 97 6.55 -6.07 0.70
N PHE A 98 7.03 -5.39 1.73
CA PHE A 98 8.46 -5.31 1.99
C PHE A 98 8.78 -5.87 3.38
N ASN A 99 9.74 -6.77 3.41
CA ASN A 99 10.16 -7.39 4.66
C ASN A 99 11.65 -7.16 4.86
N ARG A 100 12.15 -7.64 5.99
CA ARG A 100 13.56 -7.49 6.32
C ARG A 100 14.41 -8.27 5.32
N ALA A 101 13.81 -9.32 4.76
CA ALA A 101 14.51 -10.15 3.79
C ALA A 101 14.70 -9.36 2.49
N GLY A 102 13.81 -8.41 2.28
CA GLY A 102 13.87 -7.58 1.08
C GLY A 102 12.47 -7.15 0.65
N THR A 103 12.41 -6.54 -0.53
CA THR A 103 11.14 -6.08 -1.08
C THR A 103 10.72 -6.95 -2.27
N GLY A 104 9.43 -6.89 -2.57
CA GLY A 104 8.90 -7.65 -3.68
C GLY A 104 8.39 -6.74 -4.79
N PRO A 105 7.71 -7.36 -5.79
CA PRO A 105 7.18 -6.61 -6.92
C PRO A 105 5.93 -5.82 -6.51
N SER A 106 5.57 -4.87 -7.37
CA SER A 106 4.39 -4.05 -7.11
C SER A 106 3.13 -4.74 -7.65
N SER A 107 2.00 -4.14 -7.33
CA SER A 107 0.72 -4.68 -7.77
C SER A 107 0.21 -3.90 -8.99
N SER A 108 -0.72 -4.51 -9.69
CA SER A 108 -1.30 -3.89 -10.87
C SER A 108 -1.72 -2.46 -10.55
N GLU A 109 -1.02 -1.52 -11.19
CA GLU A 109 -1.32 -0.11 -10.99
C GLU A 109 -2.83 0.13 -11.04
N ILE A 110 -3.35 0.73 -9.97
CA ILE A 110 -4.77 1.02 -9.89
C ILE A 110 -4.97 2.53 -9.93
N ASN A 111 -6.23 2.94 -9.82
CA ASN A 111 -6.57 4.35 -9.85
C ASN A 111 -7.87 4.56 -9.06
N ALA A 112 -8.21 5.83 -8.88
CA ALA A 112 -9.42 6.18 -8.16
C ALA A 112 -9.52 7.70 -8.06
N THR A 113 -10.34 8.27 -8.94
CA THR A 113 -10.53 9.70 -8.98
C THR A 113 -11.21 10.17 -7.68
N THR A 114 -10.48 10.99 -6.94
CA THR A 114 -11.01 11.51 -5.68
C THR A 114 -12.41 12.09 -5.89
N LEU A 115 -13.15 12.17 -4.79
CA LEU A 115 -14.50 12.71 -4.83
C LEU A 115 -14.47 14.09 -5.48
N GLU A 116 -15.67 14.60 -5.74
CA GLU A 116 -15.79 15.91 -6.35
C GLU A 116 -16.27 16.94 -5.32
N SER A 117 -16.27 16.51 -4.06
CA SER A 117 -16.69 17.37 -2.98
C SER A 117 -16.10 16.88 -1.65
N GLY A 118 -16.26 17.71 -0.63
CA GLY A 118 -15.74 17.37 0.68
C GLY A 118 -16.60 16.29 1.35
N PRO A 119 -16.13 15.83 2.54
CA PRO A 119 -16.84 14.81 3.28
C PRO A 119 -18.09 15.38 3.95
N SER A 120 -18.95 14.49 4.41
CA SER A 120 -20.18 14.90 5.07
C SER A 120 -20.76 13.72 5.87
N SER A 121 -21.00 13.98 7.14
CA SER A 121 -21.56 12.96 8.01
C SER A 121 -22.96 12.57 7.54
N GLY A 122 -23.02 11.49 6.78
CA GLY A 122 -24.28 11.00 6.27
C GLY A 122 -24.47 11.40 4.80
N GLY A 1 6.40 -1.15 28.43
CA GLY A 1 7.48 -2.12 28.53
C GLY A 1 8.84 -1.45 28.28
N SER A 2 9.87 -2.28 28.20
CA SER A 2 11.21 -1.78 27.96
C SER A 2 12.13 -2.94 27.57
N SER A 3 12.64 -2.86 26.34
CA SER A 3 13.53 -3.89 25.84
C SER A 3 12.84 -5.26 25.90
N GLY A 4 13.51 -6.24 25.32
CA GLY A 4 12.98 -7.60 25.31
C GLY A 4 14.10 -8.63 25.22
N SER A 5 13.72 -9.85 24.84
CA SER A 5 14.68 -10.93 24.72
C SER A 5 14.18 -11.96 23.71
N SER A 6 14.54 -11.74 22.45
CA SER A 6 14.14 -12.64 21.39
C SER A 6 14.58 -12.08 20.03
N GLY A 7 15.12 -12.98 19.21
CA GLY A 7 15.59 -12.60 17.89
C GLY A 7 15.92 -13.83 17.05
N ILE A 8 15.48 -13.77 15.80
CA ILE A 8 15.72 -14.87 14.87
C ILE A 8 16.79 -14.47 13.86
N SER A 9 17.42 -15.48 13.29
CA SER A 9 18.47 -15.24 12.30
C SER A 9 18.50 -16.38 11.28
N THR A 10 17.49 -16.38 10.41
CA THR A 10 17.39 -17.40 9.39
C THR A 10 17.92 -16.88 8.06
N GLU A 11 17.29 -17.32 6.98
CA GLU A 11 17.69 -16.91 5.65
C GLU A 11 16.45 -16.63 4.79
N GLU A 12 15.60 -15.76 5.30
CA GLU A 12 14.38 -15.41 4.60
C GLU A 12 14.71 -14.65 3.30
N ALA A 13 13.73 -14.59 2.42
CA ALA A 13 13.92 -13.91 1.15
C ALA A 13 12.72 -12.97 0.90
N ALA A 14 13.01 -11.85 0.28
CA ALA A 14 11.99 -10.87 -0.02
C ALA A 14 10.79 -11.57 -0.68
N PRO A 15 9.64 -10.85 -0.69
CA PRO A 15 8.42 -11.39 -1.28
C PRO A 15 8.50 -11.37 -2.80
N ASP A 16 7.93 -12.41 -3.40
CA ASP A 16 7.92 -12.52 -4.85
C ASP A 16 6.49 -12.43 -5.36
N GLY A 17 5.76 -11.45 -4.83
CA GLY A 17 4.37 -11.25 -5.22
C GLY A 17 3.78 -10.02 -4.50
N PRO A 18 2.97 -9.26 -5.26
CA PRO A 18 2.33 -8.07 -4.72
C PRO A 18 1.17 -8.44 -3.80
N PRO A 19 0.62 -7.40 -3.13
CA PRO A 19 -0.50 -7.60 -2.21
C PRO A 19 -1.80 -7.85 -2.98
N MET A 20 -2.74 -8.47 -2.30
CA MET A 20 -4.04 -8.76 -2.90
C MET A 20 -5.10 -7.77 -2.43
N ASP A 21 -6.27 -7.87 -3.04
CA ASP A 21 -7.37 -6.99 -2.70
C ASP A 21 -6.91 -5.54 -2.78
N VAL A 22 -5.84 -5.34 -3.53
CA VAL A 22 -5.29 -4.00 -3.71
C VAL A 22 -6.28 -3.14 -4.47
N THR A 23 -6.92 -2.23 -3.74
CA THR A 23 -7.90 -1.33 -4.33
C THR A 23 -7.93 -0.01 -3.58
N LEU A 24 -8.36 1.03 -4.29
CA LEU A 24 -8.45 2.36 -3.70
C LEU A 24 -9.91 2.71 -3.47
N GLN A 25 -10.12 3.74 -2.67
CA GLN A 25 -11.47 4.20 -2.36
C GLN A 25 -11.43 5.60 -1.74
N PRO A 26 -12.07 6.55 -2.46
CA PRO A 26 -12.12 7.93 -2.00
C PRO A 26 -13.11 8.09 -0.84
N VAL A 27 -12.55 8.28 0.34
CA VAL A 27 -13.36 8.45 1.54
C VAL A 27 -13.62 9.94 1.78
N THR A 28 -12.63 10.74 1.43
CA THR A 28 -12.73 12.18 1.60
C THR A 28 -12.58 12.89 0.24
N SER A 29 -12.13 14.13 0.32
CA SER A 29 -11.94 14.91 -0.89
C SER A 29 -10.44 15.17 -1.12
N GLN A 30 -9.67 14.86 -0.10
CA GLN A 30 -8.22 15.04 -0.18
C GLN A 30 -7.50 13.81 0.38
N SER A 31 -8.24 12.72 0.47
CA SER A 31 -7.69 11.48 0.99
C SER A 31 -8.33 10.29 0.28
N ILE A 32 -7.71 9.13 0.46
CA ILE A 32 -8.21 7.90 -0.14
C ILE A 32 -7.91 6.72 0.77
N GLN A 33 -8.80 5.74 0.75
CA GLN A 33 -8.63 4.55 1.56
C GLN A 33 -8.08 3.39 0.71
N VAL A 34 -6.83 3.04 0.98
CA VAL A 34 -6.18 1.96 0.26
C VAL A 34 -6.24 0.69 1.10
N THR A 35 -7.07 -0.25 0.65
CA THR A 35 -7.22 -1.51 1.35
C THR A 35 -6.70 -2.66 0.49
N TRP A 36 -6.02 -3.58 1.14
CA TRP A 36 -5.45 -4.73 0.45
C TRP A 36 -5.46 -5.91 1.42
N LYS A 37 -4.92 -7.03 0.96
CA LYS A 37 -4.86 -8.23 1.77
C LYS A 37 -3.47 -8.88 1.61
N ALA A 38 -3.16 -9.75 2.56
CA ALA A 38 -1.87 -10.44 2.53
C ALA A 38 -1.63 -11.01 1.13
N PRO A 39 -0.34 -10.94 0.69
CA PRO A 39 0.03 -11.43 -0.61
C PRO A 39 0.08 -12.97 -0.62
N LYS A 40 0.17 -13.52 -1.83
CA LYS A 40 0.22 -14.97 -1.98
C LYS A 40 1.07 -15.56 -0.85
N LYS A 41 0.60 -16.69 -0.34
CA LYS A 41 1.31 -17.37 0.73
C LYS A 41 2.63 -17.91 0.20
N GLU A 42 2.55 -18.64 -0.89
CA GLU A 42 3.74 -19.21 -1.51
C GLU A 42 4.66 -18.11 -2.02
N LEU A 43 4.12 -16.90 -2.06
CA LEU A 43 4.88 -15.75 -2.52
C LEU A 43 5.30 -14.91 -1.31
N GLN A 44 4.58 -15.10 -0.22
CA GLN A 44 4.87 -14.37 1.00
C GLN A 44 6.34 -14.54 1.40
N ASN A 45 6.85 -15.73 1.14
CA ASN A 45 8.22 -16.05 1.46
C ASN A 45 8.51 -15.65 2.92
N GLY A 46 7.54 -15.92 3.77
CA GLY A 46 7.67 -15.60 5.18
C GLY A 46 6.74 -14.44 5.57
N VAL A 47 6.65 -14.21 6.87
CA VAL A 47 5.81 -13.15 7.38
C VAL A 47 6.17 -11.83 6.69
N ILE A 48 5.48 -10.77 7.09
CA ILE A 48 5.72 -9.46 6.52
C ILE A 48 5.95 -8.45 7.65
N ARG A 49 6.75 -7.44 7.35
CA ARG A 49 7.06 -6.40 8.32
C ARG A 49 6.21 -5.16 8.06
N GLY A 50 5.89 -4.95 6.79
CA GLY A 50 5.09 -3.81 6.41
C GLY A 50 4.99 -3.70 4.89
N TYR A 51 4.22 -2.72 4.44
CA TYR A 51 4.03 -2.49 3.01
C TYR A 51 4.20 -1.02 2.66
N GLN A 52 4.66 -0.79 1.43
CA GLN A 52 4.87 0.57 0.96
C GLN A 52 3.71 1.01 0.07
N ILE A 53 3.18 2.18 0.38
CA ILE A 53 2.06 2.72 -0.38
C ILE A 53 2.55 3.91 -1.21
N GLY A 54 2.86 3.63 -2.47
CA GLY A 54 3.35 4.67 -3.37
C GLY A 54 2.20 5.24 -4.21
N TYR A 55 2.04 6.55 -4.11
CA TYR A 55 0.99 7.23 -4.84
C TYR A 55 1.45 8.62 -5.29
N ARG A 56 1.00 9.02 -6.48
CA ARG A 56 1.36 10.31 -7.02
C ARG A 56 0.31 10.76 -8.05
N GLU A 57 0.12 12.07 -8.13
CA GLU A 57 -0.84 12.63 -9.05
C GLU A 57 -0.64 12.03 -10.45
N ASN A 58 -1.74 11.93 -11.18
CA ASN A 58 -1.70 11.37 -12.52
C ASN A 58 -1.54 12.51 -13.54
N SER A 59 -0.77 13.51 -13.14
CA SER A 59 -0.53 14.66 -14.00
C SER A 59 0.52 14.32 -15.05
N PRO A 60 0.59 15.18 -16.11
CA PRO A 60 1.54 14.98 -17.18
C PRO A 60 2.95 15.36 -16.73
N GLY A 61 3.80 14.34 -16.63
CA GLY A 61 5.18 14.55 -16.22
C GLY A 61 5.26 15.54 -15.06
N SER A 62 4.60 15.17 -13.97
CA SER A 62 4.59 16.02 -12.78
C SER A 62 5.89 15.85 -12.01
N ASN A 63 6.78 15.03 -12.57
CA ASN A 63 8.06 14.78 -11.94
C ASN A 63 7.89 14.70 -10.43
N GLY A 64 7.03 13.78 -10.02
CA GLY A 64 6.76 13.59 -8.61
C GLY A 64 6.83 12.10 -8.23
N GLN A 65 8.04 11.64 -7.98
CA GLN A 65 8.26 10.25 -7.62
C GLN A 65 7.15 9.77 -6.66
N TYR A 66 6.56 8.65 -7.01
CA TYR A 66 5.49 8.08 -6.20
C TYR A 66 5.80 8.25 -4.71
N SER A 67 4.95 9.02 -4.04
CA SER A 67 5.12 9.27 -2.62
C SER A 67 5.01 7.96 -1.85
N ILE A 68 6.14 7.52 -1.33
CA ILE A 68 6.20 6.28 -0.57
C ILE A 68 5.90 6.58 0.90
N VAL A 69 5.23 5.64 1.54
CA VAL A 69 4.87 5.80 2.94
C VAL A 69 5.10 4.46 3.67
N GLU A 70 6.02 4.50 4.63
CA GLU A 70 6.35 3.31 5.39
C GLU A 70 5.31 3.10 6.50
N MET A 71 4.97 1.84 6.71
CA MET A 71 3.99 1.48 7.72
C MET A 71 4.30 0.11 8.33
N LYS A 72 3.41 -0.32 9.22
CA LYS A 72 3.58 -1.61 9.87
C LYS A 72 2.34 -2.47 9.62
N ALA A 73 2.56 -3.77 9.58
CA ALA A 73 1.48 -4.71 9.34
C ALA A 73 0.66 -4.87 10.62
N THR A 74 -0.65 -4.74 10.47
CA THR A 74 -1.55 -4.87 11.60
C THR A 74 -2.39 -6.15 11.48
N GLY A 75 -1.83 -7.12 10.78
CA GLY A 75 -2.51 -8.39 10.58
C GLY A 75 -2.39 -8.85 9.12
N ASP A 76 -3.32 -9.72 8.73
CA ASP A 76 -3.33 -10.24 7.38
C ASP A 76 -3.80 -9.14 6.41
N SER A 77 -4.63 -8.26 6.95
CA SER A 77 -5.16 -7.16 6.15
C SER A 77 -4.59 -5.83 6.65
N GLU A 78 -4.29 -4.95 5.70
CA GLU A 78 -3.75 -3.64 6.02
C GLU A 78 -4.43 -2.56 5.19
N VAL A 79 -4.44 -1.36 5.74
CA VAL A 79 -5.06 -0.23 5.06
C VAL A 79 -4.31 1.06 5.43
N TYR A 80 -4.31 1.99 4.49
CA TYR A 80 -3.63 3.26 4.69
C TYR A 80 -4.40 4.40 4.02
N THR A 81 -4.81 5.36 4.84
CA THR A 81 -5.55 6.51 4.34
C THR A 81 -4.59 7.59 3.85
N LEU A 82 -4.31 7.55 2.56
CA LEU A 82 -3.41 8.52 1.96
C LEU A 82 -4.10 9.88 1.88
N ASP A 83 -3.66 10.78 2.75
CA ASP A 83 -4.23 12.12 2.80
C ASP A 83 -3.35 13.07 1.99
N ASN A 84 -3.72 14.35 2.02
CA ASN A 84 -2.97 15.35 1.30
C ASN A 84 -3.03 15.05 -0.20
N LEU A 85 -4.24 15.15 -0.74
CA LEU A 85 -4.44 14.89 -2.16
C LEU A 85 -5.23 16.04 -2.78
N LYS A 86 -5.43 15.95 -4.09
CA LYS A 86 -6.17 16.98 -4.81
C LYS A 86 -7.66 16.61 -4.81
N LYS A 87 -8.47 17.56 -5.25
CA LYS A 87 -9.90 17.35 -5.32
C LYS A 87 -10.30 16.99 -6.75
N PHE A 88 -11.18 16.00 -6.85
CA PHE A 88 -11.64 15.55 -8.14
C PHE A 88 -10.48 15.46 -9.15
N ALA A 89 -9.47 14.70 -8.76
CA ALA A 89 -8.30 14.52 -9.61
C ALA A 89 -7.90 13.05 -9.62
N GLN A 90 -7.35 12.62 -10.74
CA GLN A 90 -6.91 11.24 -10.89
C GLN A 90 -5.62 11.01 -10.10
N TYR A 91 -5.59 9.89 -9.39
CA TYR A 91 -4.43 9.54 -8.59
C TYR A 91 -4.17 8.04 -8.63
N GLY A 92 -2.92 7.69 -8.91
CA GLY A 92 -2.53 6.30 -8.99
C GLY A 92 -1.66 5.89 -7.78
N VAL A 93 -2.03 4.77 -7.18
CA VAL A 93 -1.29 4.27 -6.03
C VAL A 93 -0.86 2.83 -6.29
N VAL A 94 0.20 2.43 -5.61
CA VAL A 94 0.73 1.08 -5.77
C VAL A 94 1.19 0.57 -4.40
N VAL A 95 0.57 -0.52 -3.98
CA VAL A 95 0.91 -1.12 -2.70
C VAL A 95 1.88 -2.29 -2.92
N GLN A 96 2.77 -2.47 -1.96
CA GLN A 96 3.76 -3.54 -2.04
C GLN A 96 4.14 -4.01 -0.64
N ALA A 97 4.36 -5.31 -0.53
CA ALA A 97 4.73 -5.90 0.75
C ALA A 97 6.25 -5.94 0.86
N PHE A 98 6.76 -5.22 1.85
CA PHE A 98 8.19 -5.16 2.09
C PHE A 98 8.56 -5.80 3.42
N ASN A 99 9.59 -6.63 3.37
CA ASN A 99 10.06 -7.31 4.57
C ASN A 99 11.54 -7.01 4.78
N ARG A 100 12.04 -7.41 5.95
CA ARG A 100 13.43 -7.18 6.28
C ARG A 100 14.34 -7.86 5.25
N ALA A 101 13.81 -8.91 4.64
CA ALA A 101 14.57 -9.65 3.64
C ALA A 101 14.67 -8.81 2.36
N GLY A 102 13.73 -7.89 2.22
CA GLY A 102 13.70 -7.03 1.05
C GLY A 102 12.27 -6.63 0.69
N THR A 103 12.13 -5.96 -0.45
CA THR A 103 10.84 -5.52 -0.91
C THR A 103 10.38 -6.35 -2.12
N GLY A 104 9.07 -6.52 -2.23
CA GLY A 104 8.50 -7.28 -3.32
C GLY A 104 7.93 -6.36 -4.39
N PRO A 105 7.31 -7.00 -5.42
CA PRO A 105 6.71 -6.24 -6.51
C PRO A 105 5.40 -5.58 -6.08
N SER A 106 5.06 -4.50 -6.76
CA SER A 106 3.84 -3.77 -6.45
C SER A 106 2.68 -4.32 -7.27
N SER A 107 1.48 -3.93 -6.88
CA SER A 107 0.29 -4.38 -7.57
C SER A 107 0.02 -3.52 -8.80
N SER A 108 -0.79 -4.04 -9.70
CA SER A 108 -1.12 -3.33 -10.92
C SER A 108 -1.62 -1.92 -10.58
N GLU A 109 -0.90 -0.93 -11.08
CA GLU A 109 -1.26 0.46 -10.83
C GLU A 109 -2.77 0.64 -10.94
N ILE A 110 -3.35 1.14 -9.86
CA ILE A 110 -4.78 1.38 -9.82
C ILE A 110 -5.06 2.88 -9.81
N ASN A 111 -6.32 3.22 -9.61
CA ASN A 111 -6.72 4.61 -9.57
C ASN A 111 -7.95 4.77 -8.68
N ALA A 112 -8.33 6.01 -8.45
CA ALA A 112 -9.48 6.31 -7.61
C ALA A 112 -9.70 7.82 -7.56
N THR A 113 -10.27 8.34 -8.63
CA THR A 113 -10.53 9.77 -8.72
C THR A 113 -11.20 10.26 -7.43
N THR A 114 -10.47 11.08 -6.69
CA THR A 114 -10.98 11.64 -5.45
C THR A 114 -12.39 12.20 -5.66
N LEU A 115 -13.19 12.12 -4.60
CA LEU A 115 -14.56 12.61 -4.65
C LEU A 115 -14.58 13.94 -5.41
N GLU A 116 -15.67 14.15 -6.14
CA GLU A 116 -15.83 15.36 -6.92
C GLU A 116 -16.23 16.52 -6.01
N SER A 117 -16.39 16.20 -4.73
CA SER A 117 -16.78 17.21 -3.75
C SER A 117 -18.16 17.76 -4.09
N GLY A 118 -19.17 17.14 -3.50
CA GLY A 118 -20.54 17.57 -3.72
C GLY A 118 -21.52 16.76 -2.89
N PRO A 119 -22.82 16.80 -3.29
CA PRO A 119 -23.85 16.07 -2.58
C PRO A 119 -23.78 14.57 -2.89
N SER A 120 -23.31 13.82 -1.90
CA SER A 120 -23.18 12.39 -2.05
C SER A 120 -23.55 11.69 -0.73
N SER A 121 -22.79 12.00 0.29
CA SER A 121 -23.02 11.41 1.60
C SER A 121 -24.51 11.54 1.97
N GLY A 122 -24.96 12.78 2.07
CA GLY A 122 -26.35 13.04 2.41
C GLY A 122 -26.50 13.25 3.91
N GLY A 1 -1.58 -11.81 13.50
CA GLY A 1 -0.49 -12.76 13.67
C GLY A 1 -0.25 -13.07 15.14
N SER A 2 -0.67 -14.27 15.54
CA SER A 2 -0.51 -14.69 16.92
C SER A 2 -0.49 -16.22 16.99
N SER A 3 0.61 -16.75 17.49
CA SER A 3 0.76 -18.19 17.61
C SER A 3 2.06 -18.51 18.36
N GLY A 4 2.08 -19.70 18.95
CA GLY A 4 3.25 -20.14 19.70
C GLY A 4 3.98 -21.26 18.96
N SER A 5 4.97 -20.84 18.16
CA SER A 5 5.76 -21.79 17.40
C SER A 5 6.96 -21.08 16.77
N SER A 6 7.98 -21.87 16.48
CA SER A 6 9.19 -21.33 15.88
C SER A 6 9.70 -22.28 14.78
N GLY A 7 10.00 -23.49 15.20
CA GLY A 7 10.50 -24.50 14.27
C GLY A 7 11.60 -23.93 13.39
N ILE A 8 11.41 -24.07 12.08
CA ILE A 8 12.38 -23.58 11.13
C ILE A 8 11.99 -22.17 10.69
N SER A 9 12.98 -21.28 10.70
CA SER A 9 12.74 -19.90 10.31
C SER A 9 14.08 -19.14 10.28
N THR A 10 14.48 -18.77 9.08
CA THR A 10 15.72 -18.04 8.89
C THR A 10 15.50 -16.54 9.10
N GLU A 11 16.18 -15.76 8.28
CA GLU A 11 16.06 -14.31 8.36
C GLU A 11 15.02 -13.80 7.37
N GLU A 12 14.03 -14.65 7.11
CA GLU A 12 12.96 -14.30 6.18
C GLU A 12 13.55 -13.88 4.83
N ALA A 13 12.68 -13.77 3.85
CA ALA A 13 13.08 -13.38 2.51
C ALA A 13 12.06 -12.42 1.93
N ALA A 14 12.57 -11.44 1.18
CA ALA A 14 11.71 -10.45 0.56
C ALA A 14 10.53 -11.16 -0.13
N PRO A 15 9.39 -10.42 -0.21
CA PRO A 15 8.20 -10.96 -0.83
C PRO A 15 8.34 -10.99 -2.35
N ASP A 16 8.18 -12.18 -2.92
CA ASP A 16 8.29 -12.35 -4.35
C ASP A 16 6.89 -12.25 -4.98
N GLY A 17 6.17 -11.23 -4.56
CA GLY A 17 4.83 -11.01 -5.07
C GLY A 17 4.14 -9.86 -4.33
N PRO A 18 3.37 -9.05 -5.12
CA PRO A 18 2.66 -7.91 -4.56
C PRO A 18 1.43 -8.36 -3.76
N PRO A 19 0.83 -7.39 -3.03
CA PRO A 19 -0.34 -7.68 -2.22
C PRO A 19 -1.58 -7.83 -3.10
N MET A 20 -2.58 -8.50 -2.54
CA MET A 20 -3.83 -8.72 -3.26
C MET A 20 -4.89 -7.72 -2.82
N ASP A 21 -6.04 -7.77 -3.51
CA ASP A 21 -7.14 -6.89 -3.20
C ASP A 21 -6.64 -5.44 -3.22
N VAL A 22 -5.67 -5.19 -4.10
CA VAL A 22 -5.10 -3.86 -4.23
C VAL A 22 -6.09 -2.96 -4.97
N THR A 23 -6.70 -2.06 -4.21
CA THR A 23 -7.67 -1.13 -4.77
C THR A 23 -7.72 0.15 -3.93
N LEU A 24 -8.13 1.22 -4.60
CA LEU A 24 -8.23 2.51 -3.93
C LEU A 24 -9.71 2.85 -3.72
N GLN A 25 -9.95 3.79 -2.81
CA GLN A 25 -11.30 4.21 -2.50
C GLN A 25 -11.29 5.59 -1.84
N PRO A 26 -11.95 6.56 -2.53
CA PRO A 26 -12.01 7.93 -2.03
C PRO A 26 -13.01 8.02 -0.88
N VAL A 27 -12.49 8.42 0.28
CA VAL A 27 -13.32 8.56 1.47
C VAL A 27 -13.48 10.05 1.80
N THR A 28 -12.41 10.80 1.54
CA THR A 28 -12.43 12.22 1.80
C THR A 28 -12.24 13.01 0.49
N SER A 29 -11.92 14.29 0.65
CA SER A 29 -11.71 15.15 -0.50
C SER A 29 -10.25 15.11 -0.93
N GLN A 30 -9.37 15.16 0.06
CA GLN A 30 -7.93 15.14 -0.20
C GLN A 30 -7.30 13.92 0.47
N SER A 31 -7.97 12.78 0.33
CA SER A 31 -7.47 11.55 0.91
C SER A 31 -8.19 10.35 0.29
N ILE A 32 -7.47 9.25 0.20
CA ILE A 32 -8.02 8.03 -0.37
C ILE A 32 -7.67 6.84 0.52
N GLN A 33 -8.49 5.80 0.42
CA GLN A 33 -8.28 4.60 1.22
C GLN A 33 -7.70 3.49 0.34
N VAL A 34 -6.57 2.95 0.78
CA VAL A 34 -5.91 1.88 0.05
C VAL A 34 -6.04 0.58 0.85
N THR A 35 -6.81 -0.35 0.30
CA THR A 35 -7.02 -1.63 0.95
C THR A 35 -6.42 -2.75 0.10
N TRP A 36 -5.84 -3.73 0.79
CA TRP A 36 -5.24 -4.87 0.11
C TRP A 36 -5.27 -6.06 1.07
N LYS A 37 -4.78 -7.18 0.58
CA LYS A 37 -4.74 -8.40 1.38
C LYS A 37 -3.36 -9.04 1.27
N ALA A 38 -3.08 -9.94 2.19
CA ALA A 38 -1.81 -10.63 2.21
C ALA A 38 -1.41 -11.01 0.78
N PRO A 39 -0.11 -10.78 0.45
CA PRO A 39 0.39 -11.10 -0.87
C PRO A 39 0.58 -12.61 -1.04
N LYS A 40 -0.35 -13.21 -1.77
CA LYS A 40 -0.30 -14.64 -2.01
C LYS A 40 0.01 -15.37 -0.70
N LYS A 41 0.29 -16.65 -0.83
CA LYS A 41 0.60 -17.47 0.33
C LYS A 41 2.04 -18.00 0.20
N GLU A 42 2.33 -18.55 -0.96
CA GLU A 42 3.64 -19.10 -1.23
C GLU A 42 4.55 -18.04 -1.86
N LEU A 43 4.32 -16.80 -1.45
CA LEU A 43 5.09 -15.68 -1.97
C LEU A 43 5.60 -14.84 -0.80
N GLN A 44 4.71 -14.58 0.14
CA GLN A 44 5.05 -13.78 1.31
C GLN A 44 6.48 -14.09 1.75
N ASN A 45 6.84 -15.37 1.66
CA ASN A 45 8.16 -15.81 2.05
C ASN A 45 8.42 -15.41 3.50
N GLY A 46 7.49 -15.80 4.37
CA GLY A 46 7.60 -15.50 5.78
C GLY A 46 6.65 -14.37 6.18
N VAL A 47 6.53 -14.17 7.48
CA VAL A 47 5.66 -13.12 8.00
C VAL A 47 6.04 -11.78 7.35
N ILE A 48 5.17 -10.80 7.57
CA ILE A 48 5.40 -9.47 7.02
C ILE A 48 5.56 -8.47 8.17
N ARG A 49 6.46 -7.52 7.96
CA ARG A 49 6.71 -6.50 8.96
C ARG A 49 5.89 -5.25 8.66
N GLY A 50 5.66 -5.02 7.38
CA GLY A 50 4.89 -3.87 6.95
C GLY A 50 4.85 -3.77 5.42
N TYR A 51 4.16 -2.74 4.94
CA TYR A 51 4.04 -2.52 3.51
C TYR A 51 4.23 -1.05 3.16
N GLN A 52 4.52 -0.80 1.89
CA GLN A 52 4.72 0.55 1.42
C GLN A 52 3.58 0.96 0.48
N ILE A 53 3.41 2.27 0.35
CA ILE A 53 2.36 2.80 -0.50
C ILE A 53 2.89 4.02 -1.26
N GLY A 54 3.23 3.79 -2.52
CA GLY A 54 3.75 4.85 -3.36
C GLY A 54 2.64 5.50 -4.20
N TYR A 55 2.39 6.77 -3.93
CA TYR A 55 1.36 7.50 -4.64
C TYR A 55 1.92 8.80 -5.23
N ARG A 56 1.39 9.16 -6.39
CA ARG A 56 1.82 10.38 -7.05
C ARG A 56 0.73 10.87 -8.01
N GLU A 57 0.45 12.16 -7.91
CA GLU A 57 -0.56 12.78 -8.75
C GLU A 57 -0.49 12.22 -10.17
N ASN A 58 -1.61 11.71 -10.63
CA ASN A 58 -1.69 11.13 -11.96
C ASN A 58 -2.02 12.23 -12.97
N SER A 59 -1.31 13.35 -12.83
CA SER A 59 -1.52 14.48 -13.72
C SER A 59 -0.57 14.40 -14.91
N PRO A 60 -0.96 15.11 -16.01
CA PRO A 60 -0.15 15.12 -17.22
C PRO A 60 1.08 16.00 -17.05
N GLY A 61 2.20 15.35 -16.77
CA GLY A 61 3.46 16.05 -16.59
C GLY A 61 3.72 16.33 -15.10
N SER A 62 3.61 15.28 -14.31
CA SER A 62 3.83 15.38 -12.88
C SER A 62 5.30 15.16 -12.54
N ASN A 63 5.64 15.40 -11.29
CA ASN A 63 7.00 15.23 -10.84
C ASN A 63 7.50 13.84 -11.24
N GLY A 64 6.73 12.83 -10.85
CA GLY A 64 7.08 11.46 -11.17
C GLY A 64 7.40 10.66 -9.90
N GLN A 65 8.35 11.18 -9.14
CA GLN A 65 8.77 10.54 -7.90
C GLN A 65 7.53 10.15 -7.08
N TYR A 66 7.41 8.85 -6.84
CA TYR A 66 6.29 8.33 -6.07
C TYR A 66 6.53 8.49 -4.56
N SER A 67 5.58 9.12 -3.91
CA SER A 67 5.67 9.35 -2.48
C SER A 67 5.46 8.03 -1.72
N ILE A 68 6.56 7.51 -1.19
CA ILE A 68 6.52 6.26 -0.44
C ILE A 68 6.11 6.55 1.00
N VAL A 69 5.40 5.60 1.58
CA VAL A 69 4.94 5.74 2.95
C VAL A 69 5.00 4.38 3.65
N GLU A 70 5.90 4.28 4.61
CA GLU A 70 6.07 3.04 5.36
C GLU A 70 5.02 2.94 6.47
N MET A 71 4.44 1.76 6.59
CA MET A 71 3.43 1.52 7.60
C MET A 71 3.53 0.10 8.14
N LYS A 72 3.11 -0.06 9.39
CA LYS A 72 3.14 -1.36 10.04
C LYS A 72 2.05 -2.24 9.45
N ALA A 73 2.22 -3.55 9.65
CA ALA A 73 1.26 -4.52 9.14
C ALA A 73 0.24 -4.84 10.24
N THR A 74 -1.03 -4.74 9.87
CA THR A 74 -2.10 -5.02 10.80
C THR A 74 -2.70 -6.39 10.52
N GLY A 75 -1.83 -7.34 10.19
CA GLY A 75 -2.26 -8.70 9.91
C GLY A 75 -2.22 -8.97 8.40
N ASP A 76 -3.03 -9.94 7.99
CA ASP A 76 -3.10 -10.31 6.59
C ASP A 76 -3.61 -9.12 5.76
N SER A 77 -4.62 -8.46 6.32
CA SER A 77 -5.21 -7.31 5.66
C SER A 77 -4.63 -6.02 6.23
N GLU A 78 -4.23 -5.15 5.32
CA GLU A 78 -3.65 -3.87 5.71
C GLU A 78 -4.23 -2.74 4.87
N VAL A 79 -4.38 -1.59 5.50
CA VAL A 79 -4.93 -0.42 4.83
C VAL A 79 -4.20 0.83 5.31
N TYR A 80 -4.11 1.81 4.42
CA TYR A 80 -3.45 3.06 4.74
C TYR A 80 -4.21 4.25 4.17
N THR A 81 -4.46 5.23 5.03
CA THR A 81 -5.17 6.42 4.62
C THR A 81 -4.21 7.44 4.01
N LEU A 82 -4.20 7.49 2.69
CA LEU A 82 -3.33 8.41 1.98
C LEU A 82 -3.98 9.79 1.95
N ASP A 83 -3.41 10.70 2.73
CA ASP A 83 -3.92 12.06 2.80
C ASP A 83 -3.03 12.98 1.95
N ASN A 84 -3.33 14.27 2.04
CA ASN A 84 -2.56 15.25 1.29
C ASN A 84 -2.70 14.98 -0.21
N LEU A 85 -3.94 14.92 -0.65
CA LEU A 85 -4.22 14.66 -2.05
C LEU A 85 -4.87 15.90 -2.68
N LYS A 86 -5.20 15.78 -3.96
CA LYS A 86 -5.82 16.88 -4.67
C LYS A 86 -7.33 16.62 -4.78
N LYS A 87 -8.07 17.70 -4.93
CA LYS A 87 -9.51 17.60 -5.04
C LYS A 87 -9.88 17.21 -6.47
N PHE A 88 -10.80 16.27 -6.58
CA PHE A 88 -11.25 15.79 -7.88
C PHE A 88 -10.07 15.68 -8.85
N ALA A 89 -9.18 14.75 -8.55
CA ALA A 89 -8.01 14.53 -9.39
C ALA A 89 -7.62 13.06 -9.32
N GLN A 90 -7.20 12.53 -10.46
CA GLN A 90 -6.78 11.14 -10.55
C GLN A 90 -5.42 10.95 -9.89
N TYR A 91 -5.28 9.84 -9.19
CA TYR A 91 -4.03 9.52 -8.52
C TYR A 91 -3.71 8.03 -8.62
N GLY A 92 -2.53 7.75 -9.16
CA GLY A 92 -2.09 6.37 -9.31
C GLY A 92 -1.07 6.00 -8.25
N VAL A 93 -1.45 5.03 -7.41
CA VAL A 93 -0.58 4.57 -6.35
C VAL A 93 -0.42 3.06 -6.44
N VAL A 94 0.61 2.55 -5.78
CA VAL A 94 0.87 1.12 -5.77
C VAL A 94 1.00 0.64 -4.33
N VAL A 95 1.22 -0.66 -4.20
CA VAL A 95 1.36 -1.26 -2.89
C VAL A 95 2.33 -2.44 -2.96
N GLN A 96 3.15 -2.57 -1.93
CA GLN A 96 4.13 -3.64 -1.87
C GLN A 96 4.43 -4.02 -0.43
N ALA A 97 4.72 -5.29 -0.23
CA ALA A 97 5.02 -5.80 1.11
C ALA A 97 6.53 -5.71 1.34
N PHE A 98 6.89 -5.25 2.53
CA PHE A 98 8.29 -5.13 2.90
C PHE A 98 8.57 -5.78 4.25
N ASN A 99 9.61 -6.60 4.26
CA ASN A 99 10.00 -7.29 5.49
C ASN A 99 11.45 -6.97 5.81
N ARG A 100 11.91 -7.52 6.93
CA ARG A 100 13.29 -7.31 7.36
C ARG A 100 14.27 -7.92 6.36
N ALA A 101 13.73 -8.80 5.52
CA ALA A 101 14.55 -9.47 4.51
C ALA A 101 14.71 -8.54 3.30
N GLY A 102 13.74 -7.65 3.13
CA GLY A 102 13.76 -6.71 2.03
C GLY A 102 12.34 -6.32 1.61
N THR A 103 12.26 -5.75 0.43
CA THR A 103 10.97 -5.32 -0.11
C THR A 103 10.61 -6.14 -1.35
N GLY A 104 9.31 -6.20 -1.62
CA GLY A 104 8.83 -6.96 -2.76
C GLY A 104 8.42 -6.01 -3.90
N PRO A 105 7.97 -6.62 -5.03
CA PRO A 105 7.55 -5.86 -6.19
C PRO A 105 6.19 -5.20 -5.95
N SER A 106 5.94 -4.14 -6.69
CA SER A 106 4.69 -3.41 -6.57
C SER A 106 3.57 -4.19 -7.27
N SER A 107 2.36 -3.70 -7.10
CA SER A 107 1.19 -4.35 -7.69
C SER A 107 0.66 -3.49 -8.85
N SER A 108 -0.12 -4.13 -9.70
CA SER A 108 -0.70 -3.45 -10.85
C SER A 108 -1.16 -2.05 -10.44
N GLU A 109 -0.53 -1.05 -11.05
CA GLU A 109 -0.87 0.33 -10.76
C GLU A 109 -2.37 0.55 -10.87
N ILE A 110 -2.94 1.13 -9.82
CA ILE A 110 -4.37 1.40 -9.78
C ILE A 110 -4.60 2.90 -9.86
N ASN A 111 -5.87 3.28 -9.82
CA ASN A 111 -6.24 4.68 -9.87
C ASN A 111 -7.57 4.88 -9.13
N ALA A 112 -7.81 6.12 -8.74
CA ALA A 112 -9.03 6.46 -8.03
C ALA A 112 -9.13 7.99 -7.88
N THR A 113 -9.86 8.60 -8.81
CA THR A 113 -10.04 10.03 -8.80
C THR A 113 -10.85 10.45 -7.57
N THR A 114 -10.18 11.19 -6.69
CA THR A 114 -10.83 11.67 -5.48
C THR A 114 -12.20 12.27 -5.80
N LEU A 115 -13.07 12.27 -4.79
CA LEU A 115 -14.41 12.81 -4.97
C LEU A 115 -14.32 14.19 -5.62
N GLU A 116 -15.49 14.75 -5.90
CA GLU A 116 -15.55 16.06 -6.52
C GLU A 116 -15.77 17.14 -5.47
N SER A 117 -15.92 16.69 -4.22
CA SER A 117 -16.13 17.61 -3.12
C SER A 117 -17.46 18.35 -3.30
N GLY A 118 -18.32 18.22 -2.29
CA GLY A 118 -19.62 18.86 -2.33
C GLY A 118 -20.09 19.22 -0.92
N PRO A 119 -21.35 19.76 -0.86
CA PRO A 119 -21.92 20.15 0.42
C PRO A 119 -22.36 18.92 1.22
N SER A 120 -21.48 18.50 2.11
CA SER A 120 -21.77 17.35 2.95
C SER A 120 -22.47 16.26 2.12
N SER A 121 -21.65 15.38 1.55
CA SER A 121 -22.18 14.30 0.73
C SER A 121 -22.58 13.12 1.63
N GLY A 122 -23.87 12.83 1.62
CA GLY A 122 -24.38 11.73 2.42
C GLY A 122 -25.66 11.15 1.79
N GLY A 1 5.04 -2.40 28.10
CA GLY A 1 4.78 -3.81 28.39
C GLY A 1 5.90 -4.70 27.87
N SER A 2 6.23 -5.71 28.65
CA SER A 2 7.28 -6.63 28.29
C SER A 2 6.68 -7.98 27.88
N SER A 3 6.45 -8.11 26.58
CA SER A 3 5.87 -9.34 26.05
C SER A 3 6.38 -9.59 24.63
N GLY A 4 6.76 -10.84 24.39
CA GLY A 4 7.28 -11.22 23.08
C GLY A 4 7.26 -12.74 22.90
N SER A 5 7.38 -13.15 21.65
CA SER A 5 7.38 -14.57 21.34
C SER A 5 7.70 -14.77 19.86
N SER A 6 8.07 -16.01 19.53
CA SER A 6 8.42 -16.35 18.16
C SER A 6 8.06 -17.82 17.88
N GLY A 7 7.84 -18.10 16.60
CA GLY A 7 7.49 -19.45 16.19
C GLY A 7 8.29 -19.88 14.97
N ILE A 8 9.58 -20.11 15.18
CA ILE A 8 10.46 -20.52 14.11
C ILE A 8 10.57 -19.38 13.08
N SER A 9 11.77 -18.82 13.00
CA SER A 9 12.01 -17.73 12.07
C SER A 9 13.52 -17.49 11.95
N THR A 10 14.12 -18.17 10.98
CA THR A 10 15.55 -18.04 10.75
C THR A 10 15.83 -17.89 9.25
N GLU A 11 16.27 -16.71 8.88
CA GLU A 11 16.59 -16.41 7.49
C GLU A 11 15.30 -16.38 6.66
N GLU A 12 15.13 -15.28 5.95
CA GLU A 12 13.94 -15.11 5.11
C GLU A 12 14.35 -14.56 3.74
N ALA A 13 13.35 -14.39 2.88
CA ALA A 13 13.58 -13.88 1.55
C ALA A 13 12.48 -12.87 1.20
N ALA A 14 12.87 -11.85 0.45
CA ALA A 14 11.94 -10.82 0.03
C ALA A 14 10.74 -11.47 -0.66
N PRO A 15 9.64 -10.68 -0.77
CA PRO A 15 8.42 -11.17 -1.41
C PRO A 15 8.59 -11.23 -2.93
N ASP A 16 7.89 -12.18 -3.53
CA ASP A 16 7.96 -12.35 -4.97
C ASP A 16 6.56 -12.16 -5.56
N GLY A 17 5.89 -11.12 -5.09
CA GLY A 17 4.55 -10.82 -5.55
C GLY A 17 3.91 -9.71 -4.71
N PRO A 18 3.08 -8.86 -5.39
CA PRO A 18 2.40 -7.78 -4.71
C PRO A 18 1.25 -8.29 -3.85
N PRO A 19 0.64 -7.35 -3.07
CA PRO A 19 -0.48 -7.70 -2.21
C PRO A 19 -1.75 -7.90 -3.03
N MET A 20 -2.75 -8.49 -2.38
CA MET A 20 -4.02 -8.74 -3.04
C MET A 20 -5.08 -7.73 -2.58
N ASP A 21 -6.26 -7.87 -3.14
CA ASP A 21 -7.37 -6.98 -2.80
C ASP A 21 -6.88 -5.53 -2.83
N VAL A 22 -5.93 -5.29 -3.72
CA VAL A 22 -5.38 -3.95 -3.87
C VAL A 22 -6.36 -3.08 -4.65
N THR A 23 -6.98 -2.15 -3.93
CA THR A 23 -7.94 -1.24 -4.54
C THR A 23 -7.92 0.11 -3.82
N LEU A 24 -8.42 1.11 -4.53
CA LEU A 24 -8.47 2.46 -3.97
C LEU A 24 -9.92 2.85 -3.71
N GLN A 25 -10.09 3.91 -2.94
CA GLN A 25 -11.42 4.39 -2.60
C GLN A 25 -11.34 5.79 -2.00
N PRO A 26 -11.98 6.76 -2.70
CA PRO A 26 -11.99 8.14 -2.23
C PRO A 26 -12.95 8.32 -1.06
N VAL A 27 -12.35 8.54 0.11
CA VAL A 27 -13.14 8.72 1.32
C VAL A 27 -13.30 10.23 1.60
N THR A 28 -12.27 10.98 1.24
CA THR A 28 -12.29 12.41 1.43
C THR A 28 -11.88 13.14 0.14
N SER A 29 -12.01 14.45 0.17
CA SER A 29 -11.67 15.27 -0.99
C SER A 29 -10.16 15.49 -1.03
N GLN A 30 -9.50 15.15 0.07
CA GLN A 30 -8.06 15.30 0.15
C GLN A 30 -7.43 14.04 0.76
N SER A 31 -7.96 12.90 0.35
CA SER A 31 -7.46 11.62 0.85
C SER A 31 -8.10 10.48 0.06
N ILE A 32 -7.54 9.29 0.26
CA ILE A 32 -8.04 8.11 -0.42
C ILE A 32 -7.72 6.87 0.42
N GLN A 33 -8.67 5.95 0.44
CA GLN A 33 -8.50 4.72 1.19
C GLN A 33 -7.90 3.63 0.31
N VAL A 34 -6.89 2.97 0.84
CA VAL A 34 -6.22 1.90 0.10
C VAL A 34 -6.24 0.62 0.94
N THR A 35 -6.96 -0.37 0.42
CA THR A 35 -7.08 -1.65 1.11
C THR A 35 -6.45 -2.75 0.28
N TRP A 36 -5.82 -3.70 0.97
CA TRP A 36 -5.18 -4.82 0.29
C TRP A 36 -5.10 -5.97 1.29
N LYS A 37 -4.88 -7.17 0.75
CA LYS A 37 -4.79 -8.36 1.58
C LYS A 37 -3.38 -8.93 1.47
N ALA A 38 -3.11 -9.95 2.28
CA ALA A 38 -1.81 -10.59 2.28
C ALA A 38 -1.50 -11.10 0.87
N PRO A 39 -0.21 -10.89 0.46
CA PRO A 39 0.23 -11.33 -0.85
C PRO A 39 0.42 -12.84 -0.90
N LYS A 40 -0.61 -13.52 -1.41
CA LYS A 40 -0.56 -14.97 -1.51
C LYS A 40 -0.02 -15.55 -0.20
N LYS A 41 0.31 -16.84 -0.26
CA LYS A 41 0.84 -17.52 0.90
C LYS A 41 2.27 -17.99 0.61
N GLU A 42 2.43 -18.58 -0.57
CA GLU A 42 3.74 -19.07 -0.98
C GLU A 42 4.64 -17.90 -1.41
N LEU A 43 3.99 -16.79 -1.73
CA LEU A 43 4.71 -15.61 -2.15
C LEU A 43 5.21 -14.85 -0.92
N GLN A 44 4.45 -14.97 0.15
CA GLN A 44 4.79 -14.31 1.39
C GLN A 44 6.30 -14.44 1.66
N ASN A 45 6.83 -15.59 1.31
CA ASN A 45 8.25 -15.86 1.50
C ASN A 45 8.65 -15.39 2.91
N GLY A 46 7.82 -15.74 3.87
CA GLY A 46 8.09 -15.37 5.26
C GLY A 46 7.17 -14.23 5.70
N VAL A 47 7.00 -14.13 7.01
CA VAL A 47 6.16 -13.08 7.58
C VAL A 47 6.55 -11.74 6.96
N ILE A 48 5.60 -10.81 7.01
CA ILE A 48 5.82 -9.48 6.46
C ILE A 48 5.97 -8.48 7.61
N ARG A 49 6.75 -7.44 7.35
CA ARG A 49 6.99 -6.40 8.35
C ARG A 49 6.10 -5.19 8.07
N GLY A 50 5.87 -4.94 6.79
CA GLY A 50 5.05 -3.82 6.39
C GLY A 50 5.00 -3.69 4.86
N TYR A 51 4.21 -2.73 4.40
CA TYR A 51 4.08 -2.49 2.97
C TYR A 51 4.23 -1.01 2.64
N GLN A 52 4.83 -0.74 1.49
CA GLN A 52 5.04 0.63 1.06
C GLN A 52 3.88 1.08 0.16
N ILE A 53 3.27 2.19 0.54
CA ILE A 53 2.17 2.73 -0.21
C ILE A 53 2.63 3.97 -0.98
N GLY A 54 2.98 3.75 -2.24
CA GLY A 54 3.45 4.84 -3.08
C GLY A 54 2.28 5.51 -3.80
N TYR A 55 2.22 6.82 -3.66
CA TYR A 55 1.16 7.59 -4.29
C TYR A 55 1.69 8.93 -4.82
N ARG A 56 1.22 9.30 -6.00
CA ARG A 56 1.64 10.53 -6.63
C ARG A 56 0.58 11.01 -7.63
N GLU A 57 0.58 12.31 -7.87
CA GLU A 57 -0.37 12.90 -8.80
C GLU A 57 -0.25 12.23 -10.17
N ASN A 58 -1.40 11.82 -10.70
CA ASN A 58 -1.44 11.16 -11.99
C ASN A 58 -1.74 12.20 -13.07
N SER A 59 -1.09 13.35 -12.94
CA SER A 59 -1.28 14.43 -13.89
C SER A 59 -0.56 14.10 -15.20
N PRO A 60 -0.93 14.86 -16.26
CA PRO A 60 -0.34 14.66 -17.57
C PRO A 60 1.09 15.21 -17.63
N GLY A 61 2.04 14.35 -17.30
CA GLY A 61 3.44 14.74 -17.29
C GLY A 61 3.87 15.25 -15.93
N SER A 62 3.50 14.48 -14.90
CA SER A 62 3.83 14.84 -13.54
C SER A 62 5.27 14.45 -13.24
N ASN A 63 5.86 15.14 -12.26
CA ASN A 63 7.23 14.87 -11.87
C ASN A 63 7.33 14.90 -10.34
N GLY A 64 6.79 13.86 -9.72
CA GLY A 64 6.82 13.77 -8.26
C GLY A 64 7.00 12.32 -7.82
N GLN A 65 8.25 12.00 -7.49
CA GLN A 65 8.58 10.66 -7.04
C GLN A 65 7.45 10.10 -6.16
N TYR A 66 6.94 8.95 -6.57
CA TYR A 66 5.87 8.31 -5.82
C TYR A 66 6.09 8.44 -4.31
N SER A 67 5.17 9.16 -3.68
CA SER A 67 5.25 9.37 -2.25
C SER A 67 5.10 8.04 -1.50
N ILE A 68 6.22 7.56 -1.00
CA ILE A 68 6.24 6.30 -0.27
C ILE A 68 5.87 6.56 1.19
N VAL A 69 5.30 5.54 1.82
CA VAL A 69 4.89 5.65 3.21
C VAL A 69 5.10 4.30 3.90
N GLU A 70 5.99 4.31 4.88
CA GLU A 70 6.30 3.10 5.62
C GLU A 70 5.23 2.85 6.69
N MET A 71 4.88 1.58 6.84
CA MET A 71 3.88 1.19 7.82
C MET A 71 4.16 -0.20 8.37
N LYS A 72 3.25 -0.67 9.21
CA LYS A 72 3.38 -1.98 9.82
C LYS A 72 2.18 -2.84 9.44
N ALA A 73 2.42 -4.14 9.33
CA ALA A 73 1.37 -5.08 8.98
C ALA A 73 0.50 -5.35 10.21
N THR A 74 -0.73 -4.86 10.14
CA THR A 74 -1.66 -5.05 11.25
C THR A 74 -2.04 -6.53 11.37
N GLY A 75 -2.21 -7.17 10.23
CA GLY A 75 -2.57 -8.58 10.20
C GLY A 75 -2.52 -9.13 8.78
N ASP A 76 -3.49 -9.97 8.47
CA ASP A 76 -3.57 -10.58 7.15
C ASP A 76 -4.01 -9.53 6.13
N SER A 77 -4.62 -8.47 6.66
CA SER A 77 -5.10 -7.39 5.81
C SER A 77 -4.60 -6.04 6.34
N GLU A 78 -4.28 -5.15 5.41
CA GLU A 78 -3.80 -3.83 5.78
C GLU A 78 -4.50 -2.76 4.95
N VAL A 79 -4.58 -1.56 5.53
CA VAL A 79 -5.22 -0.46 4.85
C VAL A 79 -4.46 0.84 5.18
N TYR A 80 -4.51 1.77 4.23
CA TYR A 80 -3.84 3.04 4.41
C TYR A 80 -4.62 4.17 3.74
N THR A 81 -4.60 5.34 4.37
CA THR A 81 -5.30 6.50 3.85
C THR A 81 -4.30 7.60 3.49
N LEU A 82 -4.03 7.72 2.20
CA LEU A 82 -3.10 8.73 1.72
C LEU A 82 -3.78 10.09 1.77
N ASP A 83 -3.36 10.90 2.74
CA ASP A 83 -3.91 12.24 2.91
C ASP A 83 -3.09 13.23 2.07
N ASN A 84 -3.59 14.45 2.02
CA ASN A 84 -2.93 15.50 1.27
C ASN A 84 -2.99 15.17 -0.22
N LEU A 85 -4.21 15.07 -0.72
CA LEU A 85 -4.41 14.77 -2.12
C LEU A 85 -5.21 15.91 -2.78
N LYS A 86 -4.89 16.16 -4.05
CA LYS A 86 -5.56 17.21 -4.79
C LYS A 86 -7.06 16.95 -4.81
N LYS A 87 -7.78 17.84 -5.47
CA LYS A 87 -9.22 17.72 -5.56
C LYS A 87 -9.60 17.21 -6.96
N PHE A 88 -10.60 16.34 -6.98
CA PHE A 88 -11.06 15.78 -8.24
C PHE A 88 -9.90 15.57 -9.21
N ALA A 89 -8.78 15.10 -8.66
CA ALA A 89 -7.60 14.86 -9.47
C ALA A 89 -7.31 13.36 -9.49
N GLN A 90 -6.87 12.88 -10.65
CA GLN A 90 -6.56 11.48 -10.82
C GLN A 90 -5.22 11.15 -10.13
N TYR A 91 -5.25 10.12 -9.30
CA TYR A 91 -4.07 9.70 -8.59
C TYR A 91 -3.86 8.18 -8.71
N GLY A 92 -2.59 7.80 -8.78
CA GLY A 92 -2.24 6.39 -8.89
C GLY A 92 -1.37 5.94 -7.73
N VAL A 93 -1.96 5.11 -6.87
CA VAL A 93 -1.25 4.61 -5.71
C VAL A 93 -0.80 3.18 -5.99
N VAL A 94 0.25 2.76 -5.28
CA VAL A 94 0.79 1.43 -5.43
C VAL A 94 1.10 0.84 -4.06
N VAL A 95 0.87 -0.45 -3.93
CA VAL A 95 1.13 -1.14 -2.67
C VAL A 95 2.12 -2.28 -2.91
N GLN A 96 2.97 -2.51 -1.92
CA GLN A 96 3.97 -3.56 -2.02
C GLN A 96 4.33 -4.07 -0.62
N ALA A 97 4.60 -5.36 -0.54
CA ALA A 97 4.96 -5.98 0.72
C ALA A 97 6.48 -5.96 0.87
N PHE A 98 6.92 -5.33 1.96
CA PHE A 98 8.35 -5.23 2.23
C PHE A 98 8.69 -5.82 3.60
N ASN A 99 9.68 -6.69 3.60
CA ASN A 99 10.12 -7.33 4.83
C ASN A 99 11.61 -7.07 5.04
N ARG A 100 12.09 -7.49 6.20
CA ARG A 100 13.49 -7.30 6.54
C ARG A 100 14.38 -8.01 5.52
N ALA A 101 13.82 -9.03 4.91
CA ALA A 101 14.54 -9.81 3.91
C ALA A 101 14.74 -8.95 2.66
N GLY A 102 13.84 -7.99 2.49
CA GLY A 102 13.90 -7.10 1.34
C GLY A 102 12.50 -6.66 0.92
N THR A 103 12.45 -6.02 -0.24
CA THR A 103 11.18 -5.53 -0.76
C THR A 103 10.79 -6.31 -2.01
N GLY A 104 9.50 -6.32 -2.29
CA GLY A 104 8.97 -7.02 -3.45
C GLY A 104 8.33 -6.05 -4.44
N PRO A 105 7.71 -6.63 -5.50
CA PRO A 105 7.05 -5.82 -6.52
C PRO A 105 5.72 -5.27 -6.00
N SER A 106 5.28 -4.19 -6.63
CA SER A 106 4.04 -3.55 -6.25
C SER A 106 2.92 -3.99 -7.20
N SER A 107 1.70 -3.58 -6.86
CA SER A 107 0.55 -3.91 -7.66
C SER A 107 0.42 -2.92 -8.83
N SER A 108 -0.33 -3.34 -9.83
CA SER A 108 -0.53 -2.51 -11.01
C SER A 108 -1.16 -1.17 -10.59
N GLU A 109 -0.41 -0.11 -10.81
CA GLU A 109 -0.87 1.23 -10.47
C GLU A 109 -2.36 1.36 -10.78
N ILE A 110 -3.12 1.70 -9.74
CA ILE A 110 -4.56 1.86 -9.89
C ILE A 110 -4.88 3.34 -10.13
N ASN A 111 -6.15 3.67 -10.01
CA ASN A 111 -6.60 5.03 -10.21
C ASN A 111 -7.86 5.28 -9.36
N ALA A 112 -7.97 6.51 -8.88
CA ALA A 112 -9.11 6.89 -8.07
C ALA A 112 -9.12 8.41 -7.88
N THR A 113 -9.80 9.08 -8.80
CA THR A 113 -9.90 10.53 -8.75
C THR A 113 -10.76 10.97 -7.56
N THR A 114 -10.08 11.54 -6.57
CA THR A 114 -10.75 12.00 -5.37
C THR A 114 -12.09 12.64 -5.74
N LEU A 115 -12.97 12.70 -4.74
CA LEU A 115 -14.29 13.28 -4.94
C LEU A 115 -14.15 14.59 -5.72
N GLU A 116 -15.28 15.10 -6.16
CA GLU A 116 -15.31 16.34 -6.92
C GLU A 116 -15.56 17.52 -5.99
N SER A 117 -15.74 17.20 -4.71
CA SER A 117 -15.98 18.23 -3.72
C SER A 117 -17.35 18.87 -3.95
N GLY A 118 -18.21 18.77 -2.94
CA GLY A 118 -19.54 19.33 -3.03
C GLY A 118 -20.34 19.05 -1.75
N PRO A 119 -21.65 18.72 -1.95
CA PRO A 119 -22.53 18.42 -0.83
C PRO A 119 -22.23 17.03 -0.26
N SER A 120 -21.94 17.01 1.04
CA SER A 120 -21.64 15.76 1.71
C SER A 120 -22.28 15.76 3.11
N SER A 121 -23.42 15.09 3.20
CA SER A 121 -24.13 15.00 4.46
C SER A 121 -24.40 13.54 4.80
N GLY A 122 -25.11 12.87 3.91
CA GLY A 122 -25.45 11.47 4.11
C GLY A 122 -26.94 11.22 3.89
N GLY A 1 35.17 -15.98 10.72
CA GLY A 1 33.94 -16.07 11.49
C GLY A 1 34.23 -16.22 12.98
N SER A 2 33.60 -17.22 13.58
CA SER A 2 33.78 -17.46 15.01
C SER A 2 33.35 -16.24 15.81
N SER A 3 32.86 -16.51 17.02
CA SER A 3 32.40 -15.44 17.89
C SER A 3 31.25 -14.68 17.24
N GLY A 4 30.61 -13.83 18.03
CA GLY A 4 29.49 -13.03 17.54
C GLY A 4 28.32 -13.09 18.52
N SER A 5 27.27 -12.35 18.17
CA SER A 5 26.09 -12.30 19.00
C SER A 5 24.83 -12.43 18.14
N SER A 6 23.79 -12.98 18.73
CA SER A 6 22.53 -13.16 18.03
C SER A 6 21.39 -13.30 19.03
N GLY A 7 20.40 -12.41 18.87
CA GLY A 7 19.24 -12.42 19.75
C GLY A 7 17.94 -12.26 18.96
N ILE A 8 17.31 -13.39 18.70
CA ILE A 8 16.06 -13.40 17.95
C ILE A 8 16.33 -12.95 16.51
N SER A 9 16.17 -13.88 15.60
CA SER A 9 16.40 -13.61 14.19
C SER A 9 16.31 -14.90 13.38
N THR A 10 15.32 -14.95 12.49
CA THR A 10 15.12 -16.12 11.65
C THR A 10 15.92 -15.98 10.36
N GLU A 11 15.33 -16.47 9.28
CA GLU A 11 15.97 -16.41 7.98
C GLU A 11 14.98 -15.93 6.92
N GLU A 12 14.18 -14.95 7.31
CA GLU A 12 13.18 -14.40 6.40
C GLU A 12 13.81 -14.10 5.03
N ALA A 13 12.96 -13.77 4.08
CA ALA A 13 13.41 -13.47 2.74
C ALA A 13 12.42 -12.52 2.07
N ALA A 14 12.95 -11.63 1.24
CA ALA A 14 12.12 -10.67 0.54
C ALA A 14 10.95 -11.39 -0.13
N PRO A 15 9.83 -10.64 -0.31
CA PRO A 15 8.65 -11.20 -0.93
C PRO A 15 8.83 -11.35 -2.44
N ASP A 16 8.09 -12.29 -2.99
CA ASP A 16 8.17 -12.55 -4.43
C ASP A 16 6.77 -12.43 -5.04
N GLY A 17 6.17 -11.27 -4.82
CA GLY A 17 4.84 -11.01 -5.33
C GLY A 17 4.17 -9.85 -4.60
N PRO A 18 3.39 -9.05 -5.36
CA PRO A 18 2.70 -7.91 -4.78
C PRO A 18 1.49 -8.36 -3.97
N PRO A 19 0.87 -7.37 -3.25
CA PRO A 19 -0.29 -7.66 -2.43
C PRO A 19 -1.53 -7.85 -3.29
N MET A 20 -2.59 -8.34 -2.66
CA MET A 20 -3.84 -8.57 -3.35
C MET A 20 -4.92 -7.57 -2.91
N ASP A 21 -6.07 -7.66 -3.56
CA ASP A 21 -7.17 -6.78 -3.24
C ASP A 21 -6.68 -5.33 -3.27
N VAL A 22 -5.63 -5.11 -4.05
CA VAL A 22 -5.06 -3.78 -4.18
C VAL A 22 -6.04 -2.88 -4.92
N THR A 23 -6.64 -1.96 -4.18
CA THR A 23 -7.60 -1.04 -4.76
C THR A 23 -7.64 0.27 -3.96
N LEU A 24 -8.08 1.33 -4.63
CA LEU A 24 -8.17 2.62 -3.99
C LEU A 24 -9.64 2.98 -3.74
N GLN A 25 -9.83 4.00 -2.93
CA GLN A 25 -11.18 4.44 -2.60
C GLN A 25 -11.14 5.81 -1.92
N PRO A 26 -11.78 6.80 -2.60
CA PRO A 26 -11.82 8.16 -2.08
C PRO A 26 -12.81 8.27 -0.92
N VAL A 27 -12.26 8.45 0.27
CA VAL A 27 -13.09 8.57 1.46
C VAL A 27 -13.35 10.05 1.74
N THR A 28 -12.36 10.86 1.42
CA THR A 28 -12.48 12.30 1.64
C THR A 28 -12.05 13.06 0.38
N SER A 29 -12.05 14.38 0.50
CA SER A 29 -11.67 15.23 -0.61
C SER A 29 -10.17 15.09 -0.89
N GLN A 30 -9.38 15.43 0.13
CA GLN A 30 -7.94 15.34 0.02
C GLN A 30 -7.41 14.15 0.82
N SER A 31 -7.95 12.98 0.50
CA SER A 31 -7.54 11.76 1.17
C SER A 31 -8.21 10.55 0.52
N ILE A 32 -7.41 9.55 0.22
CA ILE A 32 -7.91 8.34 -0.40
C ILE A 32 -7.57 7.13 0.48
N GLN A 33 -8.37 6.10 0.35
CA GLN A 33 -8.17 4.88 1.13
C GLN A 33 -7.68 3.76 0.22
N VAL A 34 -6.60 3.12 0.66
CA VAL A 34 -6.03 2.02 -0.10
C VAL A 34 -6.12 0.73 0.72
N THR A 35 -6.94 -0.19 0.22
CA THR A 35 -7.12 -1.46 0.89
C THR A 35 -6.55 -2.60 0.06
N TRP A 36 -5.87 -3.51 0.74
CA TRP A 36 -5.26 -4.65 0.07
C TRP A 36 -5.22 -5.81 1.07
N LYS A 37 -5.05 -7.00 0.52
CA LYS A 37 -4.99 -8.21 1.35
C LYS A 37 -3.61 -8.85 1.20
N ALA A 38 -3.24 -9.63 2.21
CA ALA A 38 -1.96 -10.30 2.20
C ALA A 38 -1.69 -10.86 0.80
N PRO A 39 -0.38 -10.81 0.41
CA PRO A 39 0.01 -11.31 -0.90
C PRO A 39 0.03 -12.84 -0.93
N LYS A 40 0.22 -13.38 -2.12
CA LYS A 40 0.25 -14.82 -2.30
C LYS A 40 0.97 -15.46 -1.10
N LYS A 41 0.33 -16.48 -0.55
CA LYS A 41 0.90 -17.18 0.59
C LYS A 41 2.25 -17.79 0.20
N GLU A 42 2.22 -18.57 -0.87
CA GLU A 42 3.43 -19.22 -1.36
C GLU A 42 4.47 -18.16 -1.76
N LEU A 43 3.99 -16.93 -1.88
CA LEU A 43 4.86 -15.82 -2.25
C LEU A 43 4.97 -14.85 -1.07
N GLN A 44 5.24 -15.41 0.10
CA GLN A 44 5.38 -14.61 1.30
C GLN A 44 6.81 -14.67 1.82
N ASN A 45 7.39 -15.86 1.75
CA ASN A 45 8.74 -16.07 2.20
C ASN A 45 8.86 -15.63 3.66
N GLY A 46 7.85 -15.96 4.44
CA GLY A 46 7.82 -15.60 5.85
C GLY A 46 6.78 -14.50 6.11
N VAL A 47 6.75 -14.06 7.36
CA VAL A 47 5.81 -13.03 7.76
C VAL A 47 6.24 -11.69 7.14
N ILE A 48 5.28 -10.78 7.06
CA ILE A 48 5.55 -9.46 6.50
C ILE A 48 5.62 -8.43 7.63
N ARG A 49 6.55 -7.50 7.47
CA ARG A 49 6.73 -6.45 8.46
C ARG A 49 5.82 -5.26 8.15
N GLY A 50 5.79 -4.89 6.88
CA GLY A 50 4.97 -3.77 6.44
C GLY A 50 4.97 -3.66 4.92
N TYR A 51 4.14 -2.76 4.43
CA TYR A 51 4.04 -2.54 2.99
C TYR A 51 4.14 -1.05 2.66
N GLN A 52 4.92 -0.76 1.62
CA GLN A 52 5.11 0.62 1.19
C GLN A 52 3.99 1.04 0.23
N ILE A 53 3.44 2.21 0.49
CA ILE A 53 2.38 2.74 -0.34
C ILE A 53 2.88 3.96 -1.11
N GLY A 54 3.28 3.70 -2.35
CA GLY A 54 3.80 4.76 -3.20
C GLY A 54 2.67 5.37 -4.04
N TYR A 55 2.30 6.60 -3.69
CA TYR A 55 1.25 7.29 -4.41
C TYR A 55 1.75 8.63 -4.97
N ARG A 56 1.26 8.96 -6.15
CA ARG A 56 1.66 10.19 -6.80
C ARG A 56 0.59 10.63 -7.82
N GLU A 57 0.40 11.93 -7.89
CA GLU A 57 -0.59 12.48 -8.81
C GLU A 57 -0.44 11.85 -10.20
N ASN A 58 -1.57 11.38 -10.72
CA ASN A 58 -1.59 10.76 -12.03
C ASN A 58 -1.84 11.83 -13.10
N SER A 59 -1.19 12.97 -12.91
CA SER A 59 -1.34 14.07 -13.86
C SER A 59 -0.54 13.78 -15.12
N PRO A 60 -0.89 14.53 -16.20
CA PRO A 60 -0.22 14.37 -17.49
C PRO A 60 1.16 15.01 -17.45
N GLY A 61 2.18 14.15 -17.41
CA GLY A 61 3.55 14.62 -17.38
C GLY A 61 3.90 15.20 -16.00
N SER A 62 3.57 14.45 -14.97
CA SER A 62 3.83 14.87 -13.61
C SER A 62 5.27 14.50 -13.22
N ASN A 63 5.82 15.29 -12.32
CA ASN A 63 7.19 15.06 -11.87
C ASN A 63 7.21 15.07 -10.33
N GLY A 64 6.65 14.01 -9.76
CA GLY A 64 6.61 13.88 -8.32
C GLY A 64 6.86 12.44 -7.89
N GLN A 65 8.11 12.17 -7.54
CA GLN A 65 8.51 10.84 -7.11
C GLN A 65 7.40 10.22 -6.24
N TYR A 66 7.10 8.96 -6.55
CA TYR A 66 6.06 8.25 -5.81
C TYR A 66 6.25 8.43 -4.30
N SER A 67 5.27 9.09 -3.71
CA SER A 67 5.31 9.33 -2.27
C SER A 67 5.24 8.01 -1.51
N ILE A 68 6.39 7.60 -0.99
CA ILE A 68 6.46 6.36 -0.24
C ILE A 68 6.07 6.62 1.22
N VAL A 69 5.46 5.61 1.83
CA VAL A 69 5.04 5.71 3.20
C VAL A 69 5.23 4.36 3.90
N GLU A 70 6.08 4.36 4.91
CA GLU A 70 6.36 3.15 5.66
C GLU A 70 5.26 2.90 6.69
N MET A 71 4.88 1.63 6.80
CA MET A 71 3.83 1.25 7.74
C MET A 71 4.11 -0.15 8.32
N LYS A 72 3.17 -0.61 9.12
CA LYS A 72 3.30 -1.91 9.75
C LYS A 72 2.08 -2.77 9.39
N ALA A 73 2.31 -4.07 9.34
CA ALA A 73 1.25 -5.00 9.02
C ALA A 73 0.35 -5.20 10.24
N THR A 74 -0.92 -4.86 10.05
CA THR A 74 -1.89 -5.00 11.13
C THR A 74 -2.65 -6.31 11.00
N GLY A 75 -1.98 -7.29 10.40
CA GLY A 75 -2.58 -8.60 10.21
C GLY A 75 -2.47 -9.05 8.75
N ASP A 76 -3.48 -9.78 8.31
CA ASP A 76 -3.51 -10.26 6.95
C ASP A 76 -4.00 -9.15 6.01
N SER A 77 -4.82 -8.28 6.57
CA SER A 77 -5.36 -7.16 5.81
C SER A 77 -4.76 -5.85 6.29
N GLU A 78 -4.42 -5.00 5.33
CA GLU A 78 -3.83 -3.71 5.64
C GLU A 78 -4.46 -2.62 4.79
N VAL A 79 -4.56 -1.43 5.38
CA VAL A 79 -5.14 -0.29 4.67
C VAL A 79 -4.37 0.97 5.04
N TYR A 80 -4.36 1.92 4.10
CA TYR A 80 -3.67 3.17 4.32
C TYR A 80 -4.44 4.34 3.70
N THR A 81 -4.53 5.42 4.46
CA THR A 81 -5.23 6.60 4.00
C THR A 81 -4.24 7.71 3.63
N LEU A 82 -4.01 7.84 2.33
CA LEU A 82 -3.10 8.84 1.83
C LEU A 82 -3.78 10.21 1.84
N ASP A 83 -3.37 11.04 2.79
CA ASP A 83 -3.95 12.37 2.92
C ASP A 83 -3.10 13.36 2.11
N ASN A 84 -3.49 14.63 2.19
CA ASN A 84 -2.78 15.67 1.48
C ASN A 84 -2.85 15.40 -0.02
N LEU A 85 -4.07 15.13 -0.48
CA LEU A 85 -4.29 14.84 -1.90
C LEU A 85 -5.02 16.02 -2.53
N LYS A 86 -5.05 16.01 -3.86
CA LYS A 86 -5.71 17.08 -4.60
C LYS A 86 -7.22 16.87 -4.54
N LYS A 87 -7.94 17.79 -5.17
CA LYS A 87 -9.39 17.72 -5.20
C LYS A 87 -9.85 17.15 -6.55
N PHE A 88 -10.72 16.17 -6.48
CA PHE A 88 -11.24 15.54 -7.68
C PHE A 88 -10.15 15.41 -8.75
N ALA A 89 -9.12 14.65 -8.42
CA ALA A 89 -8.02 14.44 -9.34
C ALA A 89 -7.62 12.96 -9.32
N GLN A 90 -7.19 12.49 -10.48
CA GLN A 90 -6.77 11.10 -10.62
C GLN A 90 -5.40 10.89 -9.96
N TYR A 91 -5.32 9.83 -9.17
CA TYR A 91 -4.08 9.50 -8.50
C TYR A 91 -3.76 8.01 -8.61
N GLY A 92 -2.51 7.73 -8.93
CA GLY A 92 -2.06 6.35 -9.07
C GLY A 92 -1.05 5.99 -7.98
N VAL A 93 -1.36 4.92 -7.26
CA VAL A 93 -0.49 4.45 -6.20
C VAL A 93 -0.16 2.98 -6.43
N VAL A 94 0.90 2.54 -5.77
CA VAL A 94 1.34 1.16 -5.90
C VAL A 94 1.74 0.62 -4.52
N VAL A 95 1.12 -0.48 -4.14
CA VAL A 95 1.41 -1.10 -2.86
C VAL A 95 2.42 -2.23 -3.05
N GLN A 96 3.27 -2.40 -2.03
CA GLN A 96 4.28 -3.43 -2.08
C GLN A 96 4.54 -3.98 -0.67
N ALA A 97 4.84 -5.27 -0.62
CA ALA A 97 5.11 -5.92 0.65
C ALA A 97 6.61 -5.87 0.94
N PHE A 98 6.94 -5.27 2.06
CA PHE A 98 8.34 -5.14 2.47
C PHE A 98 8.56 -5.72 3.87
N ASN A 99 9.59 -6.54 3.97
CA ASN A 99 9.91 -7.17 5.24
C ASN A 99 11.37 -6.85 5.61
N ARG A 100 11.77 -7.31 6.78
CA ARG A 100 13.12 -7.08 7.25
C ARG A 100 14.13 -7.74 6.31
N ALA A 101 13.63 -8.70 5.53
CA ALA A 101 14.48 -9.41 4.59
C ALA A 101 14.70 -8.54 3.36
N GLY A 102 13.76 -7.65 3.12
CA GLY A 102 13.83 -6.75 1.98
C GLY A 102 12.44 -6.36 1.49
N THR A 103 12.39 -5.91 0.24
CA THR A 103 11.13 -5.50 -0.36
C THR A 103 10.88 -6.27 -1.66
N GLY A 104 9.61 -6.51 -1.93
CA GLY A 104 9.22 -7.23 -3.13
C GLY A 104 8.68 -6.28 -4.19
N PRO A 105 8.09 -6.88 -5.26
CA PRO A 105 7.52 -6.09 -6.35
C PRO A 105 6.20 -5.46 -5.93
N SER A 106 5.88 -4.34 -6.58
CA SER A 106 4.65 -3.63 -6.28
C SER A 106 3.53 -4.14 -7.19
N SER A 107 2.31 -3.76 -6.83
CA SER A 107 1.14 -4.16 -7.60
C SER A 107 0.89 -3.15 -8.73
N SER A 108 0.20 -3.63 -9.76
CA SER A 108 -0.13 -2.78 -10.90
C SER A 108 -0.55 -1.40 -10.42
N GLU A 109 -0.51 -0.45 -11.35
CA GLU A 109 -0.88 0.92 -11.04
C GLU A 109 -2.39 1.11 -11.22
N ILE A 110 -3.03 1.57 -10.15
CA ILE A 110 -4.46 1.80 -10.18
C ILE A 110 -4.73 3.30 -10.17
N ASN A 111 -6.01 3.64 -10.04
CA ASN A 111 -6.41 5.03 -10.02
C ASN A 111 -7.69 5.18 -9.19
N ALA A 112 -7.92 6.38 -8.71
CA ALA A 112 -9.10 6.67 -7.90
C ALA A 112 -9.24 8.18 -7.71
N THR A 113 -9.95 8.80 -8.64
CA THR A 113 -10.16 10.23 -8.59
C THR A 113 -10.86 10.62 -7.28
N THR A 114 -10.30 11.63 -6.63
CA THR A 114 -10.86 12.11 -5.37
C THR A 114 -12.29 12.62 -5.59
N LEU A 115 -12.91 13.01 -4.48
CA LEU A 115 -14.27 13.51 -4.53
C LEU A 115 -14.25 15.00 -4.85
N GLU A 116 -15.22 15.42 -5.65
CA GLU A 116 -15.31 16.81 -6.04
C GLU A 116 -16.21 17.58 -5.06
N SER A 117 -16.73 16.85 -4.08
CA SER A 117 -17.60 17.44 -3.08
C SER A 117 -18.85 18.02 -3.75
N GLY A 118 -19.98 17.36 -3.51
CA GLY A 118 -21.23 17.81 -4.08
C GLY A 118 -22.40 17.04 -3.46
N PRO A 119 -23.53 16.99 -4.24
CA PRO A 119 -24.72 16.30 -3.78
C PRO A 119 -24.54 14.78 -3.88
N SER A 120 -24.91 14.10 -2.80
CA SER A 120 -24.80 12.65 -2.75
C SER A 120 -26.18 12.02 -2.76
N SER A 121 -26.55 11.49 -3.92
CA SER A 121 -27.85 10.86 -4.07
C SER A 121 -27.75 9.68 -5.05
N GLY A 122 -28.29 8.55 -4.62
CA GLY A 122 -28.27 7.35 -5.43
C GLY A 122 -28.60 6.11 -4.59
N GLY A 1 14.49 -30.04 30.64
CA GLY A 1 15.46 -29.39 29.78
C GLY A 1 16.12 -30.39 28.84
N SER A 2 16.13 -30.03 27.56
CA SER A 2 16.72 -30.89 26.55
C SER A 2 17.37 -30.04 25.45
N SER A 3 18.68 -29.90 25.55
CA SER A 3 19.43 -29.12 24.58
C SER A 3 19.20 -27.63 24.83
N GLY A 4 17.94 -27.23 24.76
CA GLY A 4 17.57 -25.84 24.97
C GLY A 4 17.80 -25.01 23.71
N SER A 5 19.04 -24.58 23.54
CA SER A 5 19.40 -23.78 22.39
C SER A 5 19.93 -24.69 21.27
N SER A 6 19.45 -24.44 20.07
CA SER A 6 19.87 -25.22 18.91
C SER A 6 19.93 -24.33 17.67
N GLY A 7 18.77 -23.77 17.34
CA GLY A 7 18.68 -22.89 16.18
C GLY A 7 17.40 -22.05 16.23
N ILE A 8 17.42 -21.06 17.11
CA ILE A 8 16.29 -20.18 17.26
C ILE A 8 16.50 -18.91 16.42
N SER A 9 16.38 -19.07 15.12
CA SER A 9 16.57 -17.96 14.21
C SER A 9 16.36 -18.43 12.76
N THR A 10 15.25 -18.01 12.19
CA THR A 10 14.92 -18.38 10.82
C THR A 10 15.46 -17.33 9.85
N GLU A 11 14.69 -17.10 8.79
CA GLU A 11 15.07 -16.13 7.79
C GLU A 11 13.96 -15.98 6.74
N GLU A 12 13.53 -14.74 6.56
CA GLU A 12 12.48 -14.45 5.59
C GLU A 12 13.09 -14.14 4.23
N ALA A 13 12.21 -13.83 3.28
CA ALA A 13 12.65 -13.51 1.93
C ALA A 13 11.66 -12.53 1.30
N ALA A 14 12.20 -11.61 0.51
CA ALA A 14 11.37 -10.62 -0.16
C ALA A 14 10.21 -11.32 -0.86
N PRO A 15 9.05 -10.61 -0.90
CA PRO A 15 7.85 -11.15 -1.53
C PRO A 15 7.97 -11.11 -3.05
N ASP A 16 7.70 -12.25 -3.66
CA ASP A 16 7.77 -12.34 -5.11
C ASP A 16 6.38 -12.16 -5.71
N GLY A 17 5.59 -11.34 -5.03
CA GLY A 17 4.23 -11.06 -5.48
C GLY A 17 3.61 -9.93 -4.66
N PRO A 18 2.75 -9.13 -5.35
CA PRO A 18 2.07 -8.02 -4.70
C PRO A 18 0.95 -8.51 -3.78
N PRO A 19 0.36 -7.54 -3.04
CA PRO A 19 -0.72 -7.86 -2.12
C PRO A 19 -2.02 -8.12 -2.87
N MET A 20 -2.99 -8.66 -2.16
CA MET A 20 -4.29 -8.97 -2.75
C MET A 20 -5.31 -7.88 -2.41
N ASP A 21 -6.46 -7.98 -3.07
CA ASP A 21 -7.52 -7.01 -2.84
C ASP A 21 -6.95 -5.60 -2.92
N VAL A 22 -6.11 -5.39 -3.92
CA VAL A 22 -5.48 -4.09 -4.13
C VAL A 22 -6.46 -3.17 -4.86
N THR A 23 -7.01 -2.22 -4.12
CA THR A 23 -7.96 -1.28 -4.68
C THR A 23 -7.90 0.05 -3.93
N LEU A 24 -8.43 1.08 -4.58
CA LEU A 24 -8.45 2.41 -3.98
C LEU A 24 -9.90 2.84 -3.76
N GLN A 25 -10.07 3.78 -2.84
CA GLN A 25 -11.39 4.30 -2.53
C GLN A 25 -11.28 5.65 -1.82
N PRO A 26 -11.85 6.70 -2.48
CA PRO A 26 -11.82 8.04 -1.93
C PRO A 26 -12.82 8.17 -0.78
N VAL A 27 -12.30 8.53 0.39
CA VAL A 27 -13.14 8.70 1.55
C VAL A 27 -13.40 10.19 1.78
N THR A 28 -12.40 11.00 1.43
CA THR A 28 -12.52 12.43 1.59
C THR A 28 -12.41 13.12 0.23
N SER A 29 -11.83 14.32 0.25
CA SER A 29 -11.65 15.08 -0.97
C SER A 29 -10.16 15.19 -1.32
N GLN A 30 -9.34 15.05 -0.29
CA GLN A 30 -7.90 15.14 -0.47
C GLN A 30 -7.21 13.91 0.16
N SER A 31 -7.87 12.77 0.02
CA SER A 31 -7.34 11.54 0.56
C SER A 31 -8.04 10.34 -0.07
N ILE A 32 -7.47 9.16 0.15
CA ILE A 32 -8.02 7.95 -0.40
C ILE A 32 -7.71 6.78 0.54
N GLN A 33 -8.52 5.74 0.43
CA GLN A 33 -8.35 4.57 1.27
C GLN A 33 -7.81 3.39 0.43
N VAL A 34 -6.60 2.98 0.77
CA VAL A 34 -5.97 1.88 0.06
C VAL A 34 -6.07 0.61 0.91
N THR A 35 -6.93 -0.29 0.46
CA THR A 35 -7.12 -1.54 1.18
C THR A 35 -6.55 -2.71 0.37
N TRP A 36 -5.88 -3.60 1.07
CA TRP A 36 -5.27 -4.76 0.44
C TRP A 36 -5.20 -5.89 1.47
N LYS A 37 -5.06 -7.11 0.97
CA LYS A 37 -4.98 -8.27 1.83
C LYS A 37 -3.62 -8.94 1.63
N ALA A 38 -3.21 -9.67 2.66
CA ALA A 38 -1.94 -10.37 2.64
C ALA A 38 -1.73 -10.97 1.24
N PRO A 39 -0.46 -10.88 0.76
CA PRO A 39 -0.12 -11.41 -0.55
C PRO A 39 -0.03 -12.94 -0.51
N LYS A 40 0.20 -13.51 -1.69
CA LYS A 40 0.31 -14.95 -1.80
C LYS A 40 1.05 -15.51 -0.59
N LYS A 41 0.61 -16.67 -0.15
CA LYS A 41 1.23 -17.32 1.00
C LYS A 41 2.59 -17.88 0.59
N GLU A 42 2.56 -18.73 -0.42
CA GLU A 42 3.78 -19.35 -0.92
C GLU A 42 4.76 -18.28 -1.39
N LEU A 43 4.24 -17.07 -1.55
CA LEU A 43 5.06 -15.95 -1.99
C LEU A 43 5.41 -15.07 -0.79
N GLN A 44 4.47 -14.99 0.14
CA GLN A 44 4.67 -14.20 1.34
C GLN A 44 6.13 -14.31 1.82
N ASN A 45 6.70 -15.48 1.58
CA ASN A 45 8.07 -15.74 1.99
C ASN A 45 8.25 -15.33 3.45
N GLY A 46 7.32 -15.79 4.28
CA GLY A 46 7.37 -15.48 5.70
C GLY A 46 6.47 -14.30 6.03
N VAL A 47 6.40 -14.00 7.32
CA VAL A 47 5.58 -12.89 7.79
C VAL A 47 6.03 -11.60 7.10
N ILE A 48 5.22 -10.56 7.26
CA ILE A 48 5.51 -9.27 6.66
C ILE A 48 5.65 -8.23 7.77
N ARG A 49 6.74 -7.47 7.69
CA ARG A 49 7.00 -6.43 8.68
C ARG A 49 6.14 -5.19 8.38
N GLY A 50 5.81 -5.04 7.10
CA GLY A 50 5.00 -3.90 6.68
C GLY A 50 4.87 -3.86 5.16
N TYR A 51 4.20 -2.82 4.68
CA TYR A 51 4.01 -2.65 3.25
C TYR A 51 4.25 -1.20 2.84
N GLN A 52 4.44 -1.01 1.54
CA GLN A 52 4.69 0.32 1.00
C GLN A 52 3.54 0.75 0.10
N ILE A 53 3.25 2.05 0.13
CA ILE A 53 2.17 2.60 -0.67
C ILE A 53 2.72 3.77 -1.50
N GLY A 54 3.05 3.46 -2.74
CA GLY A 54 3.57 4.48 -3.64
C GLY A 54 2.45 5.15 -4.42
N TYR A 55 2.26 6.43 -4.14
CA TYR A 55 1.22 7.20 -4.81
C TYR A 55 1.79 8.48 -5.43
N ARG A 56 1.23 8.85 -6.56
CA ARG A 56 1.67 10.05 -7.26
C ARG A 56 0.56 10.58 -8.17
N GLU A 57 0.37 11.90 -8.12
CA GLU A 57 -0.65 12.53 -8.93
C GLU A 57 -0.56 12.04 -10.38
N ASN A 58 -1.69 11.53 -10.86
CA ASN A 58 -1.76 11.02 -12.22
C ASN A 58 -2.12 12.17 -13.17
N SER A 59 -1.47 13.30 -12.97
CA SER A 59 -1.71 14.46 -13.80
C SER A 59 -0.55 14.68 -14.77
N PRO A 60 -0.78 15.58 -15.75
CA PRO A 60 0.24 15.89 -16.75
C PRO A 60 1.34 16.77 -16.16
N GLY A 61 2.26 16.12 -15.46
CA GLY A 61 3.36 16.83 -14.85
C GLY A 61 3.46 16.50 -13.36
N SER A 62 3.34 15.21 -13.06
CA SER A 62 3.41 14.74 -11.69
C SER A 62 4.53 15.48 -10.94
N ASN A 63 4.41 15.48 -9.62
CA ASN A 63 5.39 16.15 -8.78
C ASN A 63 6.79 15.61 -9.10
N GLY A 64 6.84 14.30 -9.33
CA GLY A 64 8.10 13.66 -9.65
C GLY A 64 7.96 12.13 -9.59
N GLN A 65 8.61 11.54 -8.59
CA GLN A 65 8.57 10.10 -8.42
C GLN A 65 7.39 9.71 -7.52
N TYR A 66 7.22 8.41 -7.36
CA TYR A 66 6.15 7.89 -6.53
C TYR A 66 6.50 8.02 -5.05
N SER A 67 5.62 8.69 -4.32
CA SER A 67 5.82 8.89 -2.89
C SER A 67 5.66 7.56 -2.16
N ILE A 68 6.80 7.00 -1.76
CA ILE A 68 6.80 5.73 -1.06
C ILE A 68 6.57 5.98 0.43
N VAL A 69 5.54 5.34 0.97
CA VAL A 69 5.21 5.49 2.37
C VAL A 69 5.17 4.11 3.03
N GLU A 70 6.12 3.89 3.92
CA GLU A 70 6.21 2.63 4.63
C GLU A 70 5.34 2.66 5.89
N MET A 71 4.62 1.57 6.11
CA MET A 71 3.75 1.46 7.27
C MET A 71 3.90 0.09 7.93
N LYS A 72 3.10 -0.12 8.98
CA LYS A 72 3.14 -1.37 9.71
C LYS A 72 2.03 -2.29 9.19
N ALA A 73 2.24 -3.58 9.38
CA ALA A 73 1.27 -4.57 8.94
C ALA A 73 0.40 -4.99 10.12
N THR A 74 -0.81 -4.44 10.15
CA THR A 74 -1.75 -4.75 11.22
C THR A 74 -1.87 -6.26 11.40
N GLY A 75 -1.98 -6.95 10.28
CA GLY A 75 -2.11 -8.41 10.30
C GLY A 75 -2.23 -8.96 8.88
N ASP A 76 -3.27 -9.74 8.68
CA ASP A 76 -3.51 -10.35 7.38
C ASP A 76 -3.90 -9.26 6.37
N SER A 77 -4.77 -8.37 6.83
CA SER A 77 -5.23 -7.28 5.99
C SER A 77 -4.62 -5.95 6.47
N GLU A 78 -4.36 -5.08 5.53
CA GLU A 78 -3.79 -3.78 5.84
C GLU A 78 -4.45 -2.69 5.00
N VAL A 79 -4.54 -1.50 5.59
CA VAL A 79 -5.16 -0.37 4.91
C VAL A 79 -4.40 0.90 5.27
N TYR A 80 -4.41 1.85 4.34
CA TYR A 80 -3.72 3.11 4.55
C TYR A 80 -4.49 4.26 3.88
N THR A 81 -4.55 5.37 4.58
CA THR A 81 -5.24 6.55 4.07
C THR A 81 -4.24 7.58 3.56
N LEU A 82 -4.06 7.58 2.23
CA LEU A 82 -3.13 8.51 1.61
C LEU A 82 -3.77 9.90 1.55
N ASP A 83 -3.29 10.78 2.40
CA ASP A 83 -3.80 12.14 2.44
C ASP A 83 -2.89 13.06 1.62
N ASN A 84 -3.20 14.34 1.66
CA ASN A 84 -2.41 15.33 0.93
C ASN A 84 -2.51 15.03 -0.57
N LEU A 85 -3.73 15.03 -1.06
CA LEU A 85 -3.97 14.77 -2.47
C LEU A 85 -4.59 16.00 -3.12
N LYS A 86 -4.96 15.84 -4.39
CA LYS A 86 -5.57 16.94 -5.13
C LYS A 86 -7.09 16.87 -4.98
N LYS A 87 -7.76 17.89 -5.51
CA LYS A 87 -9.20 17.95 -5.45
C LYS A 87 -9.79 17.45 -6.77
N PHE A 88 -10.38 16.26 -6.71
CA PHE A 88 -10.97 15.67 -7.90
C PHE A 88 -9.94 15.51 -9.01
N ALA A 89 -9.04 14.55 -8.81
CA ALA A 89 -8.01 14.28 -9.79
C ALA A 89 -7.67 12.79 -9.77
N GLN A 90 -7.25 12.29 -10.92
CA GLN A 90 -6.90 10.89 -11.06
C GLN A 90 -5.53 10.63 -10.39
N TYR A 91 -5.51 9.60 -9.55
CA TYR A 91 -4.29 9.23 -8.85
C TYR A 91 -4.02 7.73 -8.98
N GLY A 92 -2.79 7.41 -9.34
CA GLY A 92 -2.40 6.02 -9.49
C GLY A 92 -1.33 5.64 -8.46
N VAL A 93 -1.76 4.83 -7.50
CA VAL A 93 -0.86 4.38 -6.45
C VAL A 93 -0.72 2.86 -6.52
N VAL A 94 0.40 2.37 -5.98
CA VAL A 94 0.67 0.95 -5.97
C VAL A 94 0.96 0.49 -4.54
N VAL A 95 0.66 -0.77 -4.29
CA VAL A 95 0.88 -1.35 -2.97
C VAL A 95 1.81 -2.54 -3.09
N GLN A 96 2.72 -2.66 -2.12
CA GLN A 96 3.66 -3.75 -2.12
C GLN A 96 4.03 -4.12 -0.68
N ALA A 97 4.24 -5.41 -0.46
CA ALA A 97 4.59 -5.91 0.86
C ALA A 97 6.12 -5.93 1.01
N PHE A 98 6.58 -5.39 2.12
CA PHE A 98 8.01 -5.35 2.39
C PHE A 98 8.32 -5.96 3.76
N ASN A 99 9.35 -6.80 3.77
CA ASN A 99 9.76 -7.46 5.00
C ASN A 99 11.24 -7.16 5.26
N ARG A 100 11.73 -7.69 6.37
CA ARG A 100 13.12 -7.48 6.74
C ARG A 100 14.04 -8.19 5.75
N ALA A 101 13.44 -9.08 4.97
CA ALA A 101 14.20 -9.84 3.97
C ALA A 101 14.34 -9.00 2.71
N GLY A 102 13.40 -8.08 2.53
CA GLY A 102 13.41 -7.21 1.37
C GLY A 102 11.99 -6.81 0.97
N THR A 103 11.90 -6.14 -0.16
CA THR A 103 10.60 -5.69 -0.67
C THR A 103 10.21 -6.49 -1.90
N GLY A 104 8.91 -6.51 -2.17
CA GLY A 104 8.38 -7.22 -3.32
C GLY A 104 8.03 -6.27 -4.46
N PRO A 105 7.46 -6.85 -5.55
CA PRO A 105 7.07 -6.05 -6.70
C PRO A 105 5.80 -5.25 -6.41
N SER A 106 5.66 -4.14 -7.12
CA SER A 106 4.51 -3.28 -6.96
C SER A 106 3.28 -3.92 -7.61
N SER A 107 2.12 -3.58 -7.09
CA SER A 107 0.87 -4.11 -7.61
C SER A 107 0.44 -3.30 -8.84
N SER A 108 -0.56 -3.82 -9.53
CA SER A 108 -1.07 -3.16 -10.72
C SER A 108 -1.60 -1.77 -10.36
N GLU A 109 -0.98 -0.76 -10.95
CA GLU A 109 -1.36 0.62 -10.71
C GLU A 109 -2.83 0.84 -11.10
N ILE A 110 -3.60 1.32 -10.15
CA ILE A 110 -5.01 1.57 -10.38
C ILE A 110 -5.25 3.08 -10.41
N ASN A 111 -6.51 3.45 -10.27
CA ASN A 111 -6.90 4.85 -10.28
C ASN A 111 -8.11 5.05 -9.39
N ALA A 112 -8.23 6.27 -8.86
CA ALA A 112 -9.33 6.60 -7.99
C ALA A 112 -9.40 8.12 -7.82
N THR A 113 -10.28 8.74 -8.58
CA THR A 113 -10.45 10.18 -8.52
C THR A 113 -11.12 10.59 -7.21
N THR A 114 -10.45 11.46 -6.47
CA THR A 114 -10.97 11.93 -5.21
C THR A 114 -12.30 12.67 -5.41
N LEU A 115 -13.12 12.63 -4.37
CA LEU A 115 -14.41 13.29 -4.43
C LEU A 115 -14.22 14.74 -4.88
N GLU A 116 -15.22 15.23 -5.62
CA GLU A 116 -15.16 16.59 -6.12
C GLU A 116 -15.79 17.55 -5.11
N SER A 117 -16.19 16.99 -3.97
CA SER A 117 -16.79 17.78 -2.92
C SER A 117 -17.00 16.91 -1.67
N GLY A 118 -16.14 17.12 -0.69
CA GLY A 118 -16.22 16.38 0.55
C GLY A 118 -16.66 14.93 0.30
N PRO A 119 -17.35 14.35 1.31
CA PRO A 119 -17.82 12.98 1.20
C PRO A 119 -19.04 12.89 0.28
N SER A 120 -20.05 13.68 0.61
CA SER A 120 -21.27 13.70 -0.18
C SER A 120 -22.26 14.71 0.41
N SER A 121 -22.56 14.51 1.69
CA SER A 121 -23.49 15.39 2.38
C SER A 121 -23.55 15.01 3.86
N GLY A 122 -23.90 13.76 4.10
CA GLY A 122 -24.01 13.26 5.46
C GLY A 122 -22.73 12.52 5.88
N GLY A 1 10.65 -7.67 24.21
CA GLY A 1 10.29 -8.81 23.38
C GLY A 1 11.44 -9.19 22.45
N SER A 2 12.47 -9.76 23.05
CA SER A 2 13.64 -10.19 22.30
C SER A 2 13.90 -11.68 22.53
N SER A 3 14.10 -12.02 23.78
CA SER A 3 14.36 -13.41 24.14
C SER A 3 15.66 -13.88 23.50
N GLY A 4 16.18 -14.98 24.03
CA GLY A 4 17.42 -15.55 23.52
C GLY A 4 18.57 -14.57 23.71
N SER A 5 18.86 -13.82 22.66
CA SER A 5 19.93 -12.84 22.70
C SER A 5 19.47 -11.52 22.07
N SER A 6 19.06 -11.62 20.82
CA SER A 6 18.59 -10.44 20.11
C SER A 6 17.68 -10.87 18.94
N GLY A 7 16.42 -11.10 19.27
CA GLY A 7 15.45 -11.51 18.27
C GLY A 7 16.08 -12.47 17.26
N ILE A 8 16.01 -12.07 16.00
CA ILE A 8 16.57 -12.88 14.93
C ILE A 8 15.80 -14.19 14.84
N SER A 9 15.51 -14.60 13.60
CA SER A 9 14.78 -15.83 13.37
C SER A 9 15.56 -16.72 12.41
N THR A 10 14.82 -17.31 11.47
CA THR A 10 15.43 -18.18 10.48
C THR A 10 16.03 -17.36 9.34
N GLU A 11 15.89 -17.88 8.13
CA GLU A 11 16.41 -17.21 6.95
C GLU A 11 15.27 -16.89 5.98
N GLU A 12 14.74 -15.69 6.12
CA GLU A 12 13.65 -15.24 5.26
C GLU A 12 14.21 -14.63 3.97
N ALA A 13 13.30 -14.34 3.06
CA ALA A 13 13.69 -13.76 1.79
C ALA A 13 12.58 -12.79 1.32
N ALA A 14 13.02 -11.71 0.70
CA ALA A 14 12.09 -10.71 0.20
C ALA A 14 10.91 -11.41 -0.49
N PRO A 15 9.77 -10.68 -0.57
CA PRO A 15 8.58 -11.23 -1.20
C PRO A 15 8.72 -11.23 -2.72
N ASP A 16 8.15 -12.25 -3.34
CA ASP A 16 8.21 -12.39 -4.78
C ASP A 16 6.80 -12.28 -5.36
N GLY A 17 6.01 -11.38 -4.75
CA GLY A 17 4.64 -11.17 -5.19
C GLY A 17 4.01 -10.00 -4.44
N PRO A 18 3.23 -9.20 -5.20
CA PRO A 18 2.55 -8.05 -4.63
C PRO A 18 1.36 -8.48 -3.78
N PRO A 19 0.75 -7.48 -3.10
CA PRO A 19 -0.42 -7.73 -2.25
C PRO A 19 -1.67 -7.97 -3.10
N MET A 20 -2.71 -8.44 -2.44
CA MET A 20 -3.97 -8.69 -3.11
C MET A 20 -5.03 -7.66 -2.71
N ASP A 21 -6.17 -7.75 -3.40
CA ASP A 21 -7.27 -6.83 -3.12
C ASP A 21 -6.75 -5.39 -3.12
N VAL A 22 -5.86 -5.12 -4.07
CA VAL A 22 -5.28 -3.80 -4.19
C VAL A 22 -6.25 -2.87 -4.93
N THR A 23 -6.87 -1.99 -4.16
CA THR A 23 -7.82 -1.05 -4.73
C THR A 23 -7.84 0.25 -3.92
N LEU A 24 -8.23 1.31 -4.59
CA LEU A 24 -8.30 2.62 -3.94
C LEU A 24 -9.77 2.98 -3.68
N GLN A 25 -9.95 3.99 -2.84
CA GLN A 25 -11.28 4.44 -2.49
C GLN A 25 -11.24 5.82 -1.83
N PRO A 26 -11.89 6.80 -2.52
CA PRO A 26 -11.92 8.17 -2.01
C PRO A 26 -12.87 8.29 -0.82
N VAL A 27 -12.30 8.58 0.34
CA VAL A 27 -13.09 8.74 1.54
C VAL A 27 -13.44 10.21 1.74
N THR A 28 -12.49 11.07 1.41
CA THR A 28 -12.69 12.50 1.53
C THR A 28 -12.41 13.20 0.20
N SER A 29 -11.85 14.40 0.31
CA SER A 29 -11.52 15.18 -0.86
C SER A 29 -10.01 15.31 -1.00
N GLN A 30 -9.33 15.17 0.13
CA GLN A 30 -7.88 15.27 0.15
C GLN A 30 -7.27 14.03 0.81
N SER A 31 -7.88 12.89 0.51
CA SER A 31 -7.41 11.62 1.07
C SER A 31 -8.10 10.46 0.36
N ILE A 32 -7.45 9.31 0.41
CA ILE A 32 -7.99 8.11 -0.22
C ILE A 32 -7.67 6.90 0.65
N GLN A 33 -8.56 5.93 0.61
CA GLN A 33 -8.40 4.71 1.38
C GLN A 33 -7.80 3.60 0.51
N VAL A 34 -6.62 3.15 0.90
CA VAL A 34 -5.94 2.10 0.17
C VAL A 34 -6.00 0.80 0.98
N THR A 35 -6.86 -0.11 0.52
CA THR A 35 -7.02 -1.38 1.19
C THR A 35 -6.45 -2.51 0.33
N TRP A 36 -5.77 -3.43 0.99
CA TRP A 36 -5.17 -4.56 0.31
C TRP A 36 -5.18 -5.75 1.26
N LYS A 37 -5.07 -6.94 0.68
CA LYS A 37 -5.07 -8.17 1.47
C LYS A 37 -3.70 -8.84 1.34
N ALA A 38 -3.35 -9.60 2.37
CA ALA A 38 -2.08 -10.29 2.39
C ALA A 38 -1.78 -10.84 1.00
N PRO A 39 -0.48 -10.79 0.62
CA PRO A 39 -0.05 -11.28 -0.68
C PRO A 39 -0.03 -12.81 -0.71
N LYS A 40 0.24 -13.35 -1.89
CA LYS A 40 0.28 -14.79 -2.07
C LYS A 40 0.95 -15.43 -0.85
N LYS A 41 0.52 -16.64 -0.55
CA LYS A 41 1.06 -17.37 0.59
C LYS A 41 2.43 -17.95 0.21
N GLU A 42 2.48 -18.54 -0.98
CA GLU A 42 3.71 -19.14 -1.46
C GLU A 42 4.69 -18.04 -1.89
N LEU A 43 4.18 -16.82 -1.96
CA LEU A 43 4.99 -15.69 -2.36
C LEU A 43 5.31 -14.84 -1.13
N GLN A 44 4.59 -15.12 -0.05
CA GLN A 44 4.79 -14.40 1.20
C GLN A 44 6.26 -14.43 1.59
N ASN A 45 6.85 -15.61 1.50
CA ASN A 45 8.24 -15.79 1.85
C ASN A 45 8.48 -15.26 3.27
N GLY A 46 7.61 -15.68 4.17
CA GLY A 46 7.71 -15.25 5.56
C GLY A 46 6.75 -14.09 5.85
N VAL A 47 6.47 -13.92 7.13
CA VAL A 47 5.56 -12.86 7.57
C VAL A 47 6.00 -11.55 6.91
N ILE A 48 5.15 -10.54 7.06
CA ILE A 48 5.43 -9.23 6.49
C ILE A 48 5.57 -8.22 7.63
N ARG A 49 6.56 -7.35 7.48
CA ARG A 49 6.81 -6.32 8.49
C ARG A 49 5.97 -5.08 8.18
N GLY A 50 5.74 -4.85 6.90
CA GLY A 50 4.96 -3.70 6.48
C GLY A 50 4.88 -3.63 4.95
N TYR A 51 4.09 -2.68 4.47
CA TYR A 51 3.92 -2.50 3.04
C TYR A 51 4.13 -1.04 2.65
N GLN A 52 4.72 -0.85 1.48
CA GLN A 52 5.00 0.50 0.98
C GLN A 52 3.86 0.95 0.07
N ILE A 53 3.37 2.15 0.34
CA ILE A 53 2.28 2.71 -0.44
C ILE A 53 2.79 3.95 -1.19
N GLY A 54 3.17 3.74 -2.44
CA GLY A 54 3.67 4.82 -3.26
C GLY A 54 2.54 5.46 -4.08
N TYR A 55 2.28 6.72 -3.79
CA TYR A 55 1.24 7.46 -4.48
C TYR A 55 1.77 8.76 -5.06
N ARG A 56 1.26 9.11 -6.23
CA ARG A 56 1.68 10.34 -6.90
C ARG A 56 0.60 10.80 -7.87
N GLU A 57 0.34 12.10 -7.84
CA GLU A 57 -0.66 12.69 -8.71
C GLU A 57 -0.54 12.11 -10.13
N ASN A 58 -1.68 11.70 -10.66
CA ASN A 58 -1.72 11.12 -11.99
C ASN A 58 -1.94 12.24 -13.01
N SER A 59 -1.20 13.33 -12.83
CA SER A 59 -1.31 14.46 -13.72
C SER A 59 -0.51 14.21 -14.99
N PRO A 60 -0.87 14.95 -16.07
CA PRO A 60 -0.20 14.82 -17.34
C PRO A 60 1.18 15.48 -17.32
N GLY A 61 2.20 14.65 -17.26
CA GLY A 61 3.57 15.15 -17.22
C GLY A 61 3.97 15.52 -15.79
N SER A 62 3.64 14.63 -14.87
CA SER A 62 3.98 14.85 -13.46
C SER A 62 5.40 14.40 -13.18
N ASN A 63 6.07 15.14 -12.32
CA ASN A 63 7.45 14.83 -11.96
C ASN A 63 7.59 14.88 -10.43
N GLY A 64 7.05 13.86 -9.78
CA GLY A 64 7.11 13.77 -8.34
C GLY A 64 7.28 12.32 -7.88
N GLN A 65 8.52 11.99 -7.57
CA GLN A 65 8.84 10.63 -7.11
C GLN A 65 7.72 10.10 -6.21
N TYR A 66 7.19 8.95 -6.59
CA TYR A 66 6.13 8.33 -5.82
C TYR A 66 6.39 8.45 -4.32
N SER A 67 5.44 9.07 -3.63
CA SER A 67 5.56 9.27 -2.20
C SER A 67 5.41 7.92 -1.48
N ILE A 68 6.52 7.41 -0.98
CA ILE A 68 6.53 6.15 -0.28
C ILE A 68 6.20 6.38 1.20
N VAL A 69 5.34 5.53 1.72
CA VAL A 69 4.94 5.65 3.12
C VAL A 69 5.14 4.30 3.80
N GLU A 70 5.99 4.31 4.82
CA GLU A 70 6.28 3.09 5.56
C GLU A 70 5.19 2.83 6.60
N MET A 71 4.82 1.56 6.72
CA MET A 71 3.79 1.17 7.67
C MET A 71 4.06 -0.22 8.23
N LYS A 72 3.18 -0.65 9.12
CA LYS A 72 3.32 -1.96 9.74
C LYS A 72 2.07 -2.80 9.43
N ALA A 73 2.29 -4.10 9.30
CA ALA A 73 1.19 -5.01 9.01
C ALA A 73 0.51 -5.41 10.32
N THR A 74 -0.75 -5.02 10.44
CA THR A 74 -1.53 -5.33 11.63
C THR A 74 -1.89 -6.81 11.67
N GLY A 75 -2.23 -7.33 10.49
CA GLY A 75 -2.59 -8.73 10.37
C GLY A 75 -2.41 -9.23 8.93
N ASP A 76 -3.45 -9.83 8.41
CA ASP A 76 -3.43 -10.36 7.05
C ASP A 76 -3.74 -9.23 6.07
N SER A 77 -4.70 -8.40 6.46
CA SER A 77 -5.11 -7.28 5.62
C SER A 77 -4.64 -5.96 6.26
N GLU A 78 -4.29 -5.03 5.39
CA GLU A 78 -3.83 -3.72 5.86
C GLU A 78 -4.49 -2.61 5.05
N VAL A 79 -4.45 -1.41 5.59
CA VAL A 79 -5.04 -0.26 4.93
C VAL A 79 -4.25 1.00 5.31
N TYR A 80 -4.28 1.97 4.40
CA TYR A 80 -3.58 3.22 4.63
C TYR A 80 -4.34 4.39 3.99
N THR A 81 -4.66 5.37 4.83
CA THR A 81 -5.38 6.55 4.37
C THR A 81 -4.40 7.61 3.88
N LEU A 82 -4.15 7.58 2.58
CA LEU A 82 -3.24 8.54 1.97
C LEU A 82 -3.93 9.90 1.85
N ASP A 83 -3.50 10.81 2.73
CA ASP A 83 -4.08 12.15 2.74
C ASP A 83 -3.23 13.06 1.84
N ASN A 84 -3.67 14.31 1.75
CA ASN A 84 -2.98 15.29 0.93
C ASN A 84 -3.04 14.85 -0.54
N LEU A 85 -4.25 14.93 -1.09
CA LEU A 85 -4.46 14.55 -2.48
C LEU A 85 -5.34 15.60 -3.15
N LYS A 86 -4.90 16.01 -4.34
CA LYS A 86 -5.63 17.01 -5.10
C LYS A 86 -7.10 16.62 -5.16
N LYS A 87 -7.95 17.63 -5.15
CA LYS A 87 -9.40 17.41 -5.20
C LYS A 87 -9.80 17.10 -6.64
N PHE A 88 -10.73 16.16 -6.77
CA PHE A 88 -11.22 15.77 -8.09
C PHE A 88 -10.06 15.60 -9.07
N ALA A 89 -9.18 14.65 -8.76
CA ALA A 89 -8.04 14.38 -9.60
C ALA A 89 -7.67 12.90 -9.49
N GLN A 90 -7.27 12.33 -10.62
CA GLN A 90 -6.89 10.93 -10.67
C GLN A 90 -5.51 10.73 -10.04
N TYR A 91 -5.47 9.85 -9.06
CA TYR A 91 -4.22 9.56 -8.37
C TYR A 91 -3.85 8.09 -8.50
N GLY A 92 -2.64 7.86 -9.02
CA GLY A 92 -2.16 6.50 -9.21
C GLY A 92 -1.16 6.12 -8.11
N VAL A 93 -1.52 5.08 -7.37
CA VAL A 93 -0.67 4.61 -6.28
C VAL A 93 -0.50 3.09 -6.41
N VAL A 94 0.55 2.59 -5.77
CA VAL A 94 0.83 1.17 -5.79
C VAL A 94 1.00 0.66 -4.36
N VAL A 95 1.09 -0.65 -4.24
CA VAL A 95 1.25 -1.28 -2.93
C VAL A 95 2.19 -2.48 -3.05
N GLN A 96 3.06 -2.60 -2.06
CA GLN A 96 4.02 -3.70 -2.04
C GLN A 96 4.33 -4.11 -0.60
N ALA A 97 4.53 -5.41 -0.43
CA ALA A 97 4.83 -5.95 0.88
C ALA A 97 6.35 -5.96 1.09
N PHE A 98 6.79 -5.21 2.08
CA PHE A 98 8.21 -5.13 2.39
C PHE A 98 8.50 -5.76 3.76
N ASN A 99 9.52 -6.62 3.77
CA ASN A 99 9.91 -7.29 5.00
C ASN A 99 11.40 -7.03 5.26
N ARG A 100 11.87 -7.55 6.38
CA ARG A 100 13.26 -7.38 6.76
C ARG A 100 14.18 -8.08 5.76
N ALA A 101 13.60 -9.02 5.03
CA ALA A 101 14.35 -9.77 4.04
C ALA A 101 14.51 -8.92 2.77
N GLY A 102 13.69 -7.89 2.69
CA GLY A 102 13.72 -6.99 1.55
C GLY A 102 12.31 -6.54 1.16
N THR A 103 12.20 -6.03 -0.06
CA THR A 103 10.92 -5.57 -0.57
C THR A 103 10.54 -6.35 -1.83
N GLY A 104 9.24 -6.51 -2.00
CA GLY A 104 8.72 -7.23 -3.16
C GLY A 104 8.20 -6.25 -4.23
N PRO A 105 7.67 -6.84 -5.33
CA PRO A 105 7.14 -6.04 -6.42
C PRO A 105 5.78 -5.43 -6.05
N SER A 106 5.45 -4.33 -6.71
CA SER A 106 4.20 -3.66 -6.46
C SER A 106 3.07 -4.34 -7.24
N SER A 107 1.86 -3.83 -7.04
CA SER A 107 0.70 -4.38 -7.72
C SER A 107 0.30 -3.47 -8.88
N SER A 108 -0.55 -4.02 -9.75
CA SER A 108 -1.01 -3.27 -10.91
C SER A 108 -1.39 -1.85 -10.49
N GLU A 109 -0.74 -0.88 -11.13
CA GLU A 109 -1.00 0.51 -10.85
C GLU A 109 -2.49 0.81 -10.95
N ILE A 110 -3.06 1.22 -9.82
CA ILE A 110 -4.48 1.54 -9.77
C ILE A 110 -4.66 3.06 -9.73
N ASN A 111 -5.91 3.47 -9.62
CA ASN A 111 -6.23 4.89 -9.58
C ASN A 111 -7.53 5.09 -8.81
N ALA A 112 -7.87 6.35 -8.58
CA ALA A 112 -9.08 6.69 -7.87
C ALA A 112 -9.21 8.21 -7.77
N THR A 113 -10.06 8.76 -8.64
CA THR A 113 -10.28 10.19 -8.66
C THR A 113 -10.97 10.65 -7.38
N THR A 114 -10.23 11.44 -6.61
CA THR A 114 -10.76 11.95 -5.35
C THR A 114 -12.15 12.55 -5.56
N LEU A 115 -12.90 12.62 -4.48
CA LEU A 115 -14.25 13.17 -4.52
C LEU A 115 -14.20 14.57 -5.15
N GLU A 116 -15.37 15.08 -5.46
CA GLU A 116 -15.48 16.41 -6.06
C GLU A 116 -15.30 17.49 -4.99
N SER A 117 -15.07 17.03 -3.77
CA SER A 117 -14.87 17.94 -2.66
C SER A 117 -16.15 18.74 -2.40
N GLY A 118 -16.46 18.90 -1.13
CA GLY A 118 -17.66 19.65 -0.73
C GLY A 118 -18.36 18.96 0.44
N PRO A 119 -19.16 19.76 1.18
CA PRO A 119 -19.90 19.26 2.32
C PRO A 119 -21.09 18.41 1.87
N SER A 120 -21.01 17.12 2.17
CA SER A 120 -22.07 16.21 1.80
C SER A 120 -21.76 14.80 2.32
N SER A 121 -22.82 14.05 2.56
CA SER A 121 -22.66 12.69 3.05
C SER A 121 -23.66 11.76 2.36
N GLY A 122 -23.14 10.96 1.45
CA GLY A 122 -23.98 10.02 0.70
C GLY A 122 -23.18 9.35 -0.42
N GLY A 1 27.83 -3.96 33.14
CA GLY A 1 26.64 -3.56 32.41
C GLY A 1 25.84 -4.78 31.93
N SER A 2 24.98 -4.54 30.96
CA SER A 2 24.15 -5.60 30.40
C SER A 2 23.78 -5.26 28.96
N SER A 3 23.48 -6.31 28.20
CA SER A 3 23.09 -6.14 26.81
C SER A 3 22.80 -7.50 26.19
N GLY A 4 21.93 -7.47 25.18
CA GLY A 4 21.55 -8.69 24.49
C GLY A 4 20.26 -8.49 23.69
N SER A 5 20.03 -9.40 22.75
CA SER A 5 18.83 -9.34 21.92
C SER A 5 18.10 -10.68 21.95
N SER A 6 16.83 -10.62 21.55
CA SER A 6 16.02 -11.82 21.53
C SER A 6 15.29 -11.94 20.19
N GLY A 7 14.83 -13.15 19.89
CA GLY A 7 14.12 -13.40 18.66
C GLY A 7 14.58 -14.72 18.02
N ILE A 8 13.91 -15.09 16.94
CA ILE A 8 14.23 -16.31 16.24
C ILE A 8 15.22 -16.01 15.13
N SER A 9 16.21 -16.88 14.99
CA SER A 9 17.23 -16.72 13.97
C SER A 9 16.94 -17.65 12.79
N THR A 10 15.87 -17.34 12.08
CA THR A 10 15.47 -18.12 10.93
C THR A 10 16.03 -17.52 9.64
N GLU A 11 15.17 -17.48 8.62
CA GLU A 11 15.56 -16.93 7.34
C GLU A 11 14.34 -16.74 6.45
N GLU A 12 14.16 -15.50 5.99
CA GLU A 12 13.04 -15.17 5.14
C GLU A 12 13.53 -14.66 3.78
N ALA A 13 12.60 -14.57 2.85
CA ALA A 13 12.92 -14.10 1.52
C ALA A 13 11.90 -13.05 1.08
N ALA A 14 12.39 -12.05 0.36
CA ALA A 14 11.53 -10.99 -0.12
C ALA A 14 10.26 -11.58 -0.73
N PRO A 15 9.16 -10.79 -0.66
CA PRO A 15 7.88 -11.23 -1.19
C PRO A 15 7.88 -11.16 -2.72
N ASP A 16 7.90 -12.34 -3.33
CA ASP A 16 7.90 -12.42 -4.79
C ASP A 16 6.46 -12.35 -5.29
N GLY A 17 5.75 -11.34 -4.81
CA GLY A 17 4.37 -11.15 -5.21
C GLY A 17 3.75 -9.95 -4.48
N PRO A 18 2.96 -9.16 -5.25
CA PRO A 18 2.31 -7.98 -4.70
C PRO A 18 1.12 -8.38 -3.82
N PRO A 19 0.59 -7.37 -3.08
CA PRO A 19 -0.54 -7.60 -2.20
C PRO A 19 -1.84 -7.72 -3.01
N MET A 20 -2.80 -8.42 -2.42
CA MET A 20 -4.08 -8.62 -3.07
C MET A 20 -5.14 -7.68 -2.49
N ASP A 21 -6.34 -7.74 -3.06
CA ASP A 21 -7.44 -6.90 -2.62
C ASP A 21 -7.00 -5.44 -2.66
N VAL A 22 -6.05 -5.16 -3.54
CA VAL A 22 -5.53 -3.81 -3.68
C VAL A 22 -6.55 -2.96 -4.45
N THR A 23 -7.14 -2.02 -3.73
CA THR A 23 -8.13 -1.14 -4.33
C THR A 23 -8.18 0.19 -3.59
N LEU A 24 -8.50 1.24 -4.33
CA LEU A 24 -8.58 2.57 -3.75
C LEU A 24 -10.05 2.92 -3.49
N GLN A 25 -10.24 3.96 -2.68
CA GLN A 25 -11.58 4.40 -2.34
C GLN A 25 -11.53 5.78 -1.68
N PRO A 26 -12.20 6.76 -2.35
CA PRO A 26 -12.24 8.12 -1.84
C PRO A 26 -13.19 8.23 -0.65
N VAL A 27 -12.63 8.67 0.48
CA VAL A 27 -13.43 8.82 1.69
C VAL A 27 -13.55 10.31 2.02
N THR A 28 -12.49 11.04 1.74
CA THR A 28 -12.46 12.47 2.00
C THR A 28 -12.30 13.25 0.70
N SER A 29 -12.07 14.55 0.85
CA SER A 29 -11.90 15.41 -0.31
C SER A 29 -10.41 15.48 -0.69
N GLN A 30 -9.57 15.16 0.28
CA GLN A 30 -8.14 15.18 0.06
C GLN A 30 -7.48 13.94 0.68
N SER A 31 -8.08 12.80 0.39
CA SER A 31 -7.58 11.54 0.91
C SER A 31 -8.26 10.36 0.21
N ILE A 32 -7.69 9.18 0.40
CA ILE A 32 -8.23 7.98 -0.21
C ILE A 32 -7.90 6.77 0.67
N GLN A 33 -8.85 5.86 0.75
CA GLN A 33 -8.68 4.66 1.54
C GLN A 33 -8.13 3.52 0.68
N VAL A 34 -7.00 3.00 1.11
CA VAL A 34 -6.35 1.91 0.39
C VAL A 34 -6.43 0.63 1.24
N THR A 35 -6.93 -0.42 0.61
CA THR A 35 -7.06 -1.70 1.29
C THR A 35 -6.43 -2.82 0.45
N TRP A 36 -5.85 -3.79 1.14
CA TRP A 36 -5.22 -4.91 0.47
C TRP A 36 -5.13 -6.06 1.48
N LYS A 37 -4.84 -7.24 0.95
CA LYS A 37 -4.72 -8.43 1.78
C LYS A 37 -3.33 -9.04 1.59
N ALA A 38 -3.08 -10.10 2.35
CA ALA A 38 -1.79 -10.78 2.28
C ALA A 38 -1.49 -11.15 0.82
N PRO A 39 -0.21 -10.90 0.41
CA PRO A 39 0.21 -11.19 -0.94
C PRO A 39 0.40 -12.70 -1.13
N LYS A 40 -0.59 -13.32 -1.74
CA LYS A 40 -0.55 -14.75 -2.00
C LYS A 40 -0.08 -15.47 -0.72
N LYS A 41 0.20 -16.76 -0.89
CA LYS A 41 0.65 -17.56 0.23
C LYS A 41 2.07 -18.07 -0.05
N GLU A 42 2.24 -18.62 -1.24
CA GLU A 42 3.54 -19.14 -1.64
C GLU A 42 4.48 -18.00 -2.02
N LEU A 43 3.93 -16.79 -2.01
CA LEU A 43 4.69 -15.61 -2.35
C LEU A 43 5.17 -14.93 -1.07
N GLN A 44 4.34 -15.04 -0.04
CA GLN A 44 4.66 -14.44 1.25
C GLN A 44 6.13 -14.68 1.60
N ASN A 45 6.60 -15.87 1.29
CA ASN A 45 7.98 -16.25 1.56
C ASN A 45 8.36 -15.78 2.97
N GLY A 46 7.46 -16.06 3.90
CA GLY A 46 7.67 -15.68 5.29
C GLY A 46 6.78 -14.51 5.69
N VAL A 47 6.69 -14.29 6.99
CA VAL A 47 5.87 -13.22 7.52
C VAL A 47 6.24 -11.91 6.82
N ILE A 48 5.50 -10.87 7.16
CA ILE A 48 5.75 -9.56 6.57
C ILE A 48 5.95 -8.54 7.69
N ARG A 49 6.84 -7.59 7.41
CA ARG A 49 7.14 -6.55 8.38
C ARG A 49 6.29 -5.31 8.12
N GLY A 50 5.82 -5.21 6.88
CA GLY A 50 4.99 -4.08 6.49
C GLY A 50 4.93 -3.94 4.97
N TYR A 51 4.25 -2.89 4.52
CA TYR A 51 4.12 -2.64 3.10
C TYR A 51 4.32 -1.15 2.79
N GLN A 52 4.70 -0.89 1.55
CA GLN A 52 4.93 0.47 1.11
C GLN A 52 3.76 0.97 0.27
N ILE A 53 3.27 2.15 0.61
CA ILE A 53 2.16 2.74 -0.11
C ILE A 53 2.64 3.97 -0.88
N GLY A 54 2.85 3.77 -2.17
CA GLY A 54 3.32 4.84 -3.03
C GLY A 54 2.17 5.42 -3.86
N TYR A 55 2.14 6.74 -3.93
CA TYR A 55 1.10 7.42 -4.69
C TYR A 55 1.59 8.79 -5.18
N ARG A 56 1.12 9.15 -6.37
CA ARG A 56 1.49 10.42 -6.97
C ARG A 56 0.44 10.87 -7.97
N GLU A 57 0.43 12.17 -8.23
CA GLU A 57 -0.52 12.75 -9.17
C GLU A 57 -0.38 12.08 -10.55
N ASN A 58 -1.51 11.95 -11.23
CA ASN A 58 -1.53 11.33 -12.54
C ASN A 58 -1.43 12.42 -13.60
N SER A 59 -0.73 13.49 -13.25
CA SER A 59 -0.54 14.61 -14.16
C SER A 59 0.22 14.14 -15.40
N PRO A 60 -0.11 14.78 -16.56
CA PRO A 60 0.54 14.44 -17.82
C PRO A 60 1.96 15.01 -17.87
N GLY A 61 2.31 15.76 -16.83
CA GLY A 61 3.63 16.35 -16.74
C GLY A 61 4.08 16.46 -15.28
N SER A 62 3.80 15.42 -14.52
CA SER A 62 4.18 15.38 -13.12
C SER A 62 5.60 14.86 -12.97
N ASN A 63 6.28 15.34 -11.94
CA ASN A 63 7.65 14.94 -11.68
C ASN A 63 7.86 14.85 -10.16
N GLY A 64 7.14 13.94 -9.54
CA GLY A 64 7.24 13.74 -8.10
C GLY A 64 7.25 12.26 -7.75
N GLN A 65 8.46 11.73 -7.57
CA GLN A 65 8.62 10.33 -7.23
C GLN A 65 7.52 9.89 -6.27
N TYR A 66 6.85 8.81 -6.65
CA TYR A 66 5.77 8.27 -5.83
C TYR A 66 6.11 8.37 -4.34
N SER A 67 5.32 9.16 -3.64
CA SER A 67 5.54 9.35 -2.21
C SER A 67 5.35 8.02 -1.48
N ILE A 68 6.46 7.49 -0.99
CA ILE A 68 6.45 6.23 -0.28
C ILE A 68 6.18 6.50 1.21
N VAL A 69 5.34 5.65 1.79
CA VAL A 69 5.00 5.78 3.19
C VAL A 69 5.20 4.44 3.89
N GLU A 70 6.13 4.44 4.84
CA GLU A 70 6.44 3.23 5.58
C GLU A 70 5.42 3.03 6.71
N MET A 71 5.01 1.78 6.88
CA MET A 71 4.04 1.44 7.90
C MET A 71 4.31 0.04 8.46
N LYS A 72 3.44 -0.37 9.38
CA LYS A 72 3.57 -1.68 10.00
C LYS A 72 2.37 -2.53 9.62
N ALA A 73 2.56 -3.85 9.70
CA ALA A 73 1.51 -4.79 9.37
C ALA A 73 0.69 -5.09 10.63
N THR A 74 -0.56 -4.66 10.60
CA THR A 74 -1.45 -4.88 11.72
C THR A 74 -2.12 -6.25 11.61
N GLY A 75 -1.74 -6.98 10.57
CA GLY A 75 -2.29 -8.30 10.34
C GLY A 75 -2.13 -8.72 8.87
N ASP A 76 -3.10 -9.49 8.40
CA ASP A 76 -3.07 -9.95 7.03
C ASP A 76 -3.57 -8.85 6.10
N SER A 77 -4.57 -8.13 6.58
CA SER A 77 -5.15 -7.04 5.81
C SER A 77 -4.70 -5.70 6.37
N GLU A 78 -4.09 -4.90 5.50
CA GLU A 78 -3.60 -3.59 5.91
C GLU A 78 -4.32 -2.50 5.11
N VAL A 79 -4.33 -1.30 5.69
CA VAL A 79 -4.97 -0.16 5.06
C VAL A 79 -4.25 1.12 5.47
N TYR A 80 -4.22 2.07 4.54
CA TYR A 80 -3.58 3.35 4.80
C TYR A 80 -4.33 4.49 4.12
N THR A 81 -4.69 5.48 4.93
CA THR A 81 -5.42 6.63 4.42
C THR A 81 -4.44 7.69 3.89
N LEU A 82 -4.23 7.64 2.59
CA LEU A 82 -3.32 8.58 1.95
C LEU A 82 -4.00 9.94 1.84
N ASP A 83 -3.55 10.86 2.68
CA ASP A 83 -4.11 12.21 2.69
C ASP A 83 -3.21 13.14 1.87
N ASN A 84 -3.63 14.39 1.77
CA ASN A 84 -2.88 15.38 1.02
C ASN A 84 -2.98 15.07 -0.47
N LEU A 85 -4.20 15.06 -0.97
CA LEU A 85 -4.44 14.78 -2.37
C LEU A 85 -5.19 15.96 -3.00
N LYS A 86 -5.39 15.87 -4.31
CA LYS A 86 -6.09 16.90 -5.03
C LYS A 86 -7.59 16.60 -5.03
N LYS A 87 -8.35 17.51 -5.62
CA LYS A 87 -9.80 17.35 -5.68
C LYS A 87 -10.18 16.82 -7.06
N PHE A 88 -11.11 15.87 -7.05
CA PHE A 88 -11.58 15.27 -8.29
C PHE A 88 -10.43 15.14 -9.30
N ALA A 89 -9.40 14.43 -8.87
CA ALA A 89 -8.24 14.22 -9.73
C ALA A 89 -7.82 12.76 -9.68
N GLN A 90 -7.29 12.28 -10.79
CA GLN A 90 -6.85 10.89 -10.87
C GLN A 90 -5.54 10.70 -10.10
N TYR A 91 -5.55 9.71 -9.23
CA TYR A 91 -4.37 9.42 -8.43
C TYR A 91 -4.07 7.91 -8.43
N GLY A 92 -2.85 7.58 -8.85
CA GLY A 92 -2.44 6.20 -8.89
C GLY A 92 -1.62 5.82 -7.66
N VAL A 93 -2.02 4.72 -7.04
CA VAL A 93 -1.35 4.23 -5.85
C VAL A 93 -0.90 2.79 -6.07
N VAL A 94 0.27 2.47 -5.54
CA VAL A 94 0.82 1.13 -5.66
C VAL A 94 1.23 0.63 -4.27
N VAL A 95 0.70 -0.54 -3.93
CA VAL A 95 1.00 -1.16 -2.65
C VAL A 95 1.96 -2.33 -2.86
N GLN A 96 2.86 -2.49 -1.91
CA GLN A 96 3.83 -3.56 -1.97
C GLN A 96 4.26 -3.98 -0.56
N ALA A 97 4.51 -5.28 -0.42
CA ALA A 97 4.92 -5.82 0.87
C ALA A 97 6.45 -5.83 0.95
N PHE A 98 6.94 -5.42 2.11
CA PHE A 98 8.38 -5.36 2.34
C PHE A 98 8.75 -5.96 3.69
N ASN A 99 9.72 -6.85 3.67
CA ASN A 99 10.18 -7.51 4.88
C ASN A 99 11.68 -7.29 5.05
N ARG A 100 12.20 -7.80 6.15
CA ARG A 100 13.63 -7.67 6.43
C ARG A 100 14.46 -8.35 5.35
N ALA A 101 13.82 -9.30 4.67
CA ALA A 101 14.49 -10.03 3.61
C ALA A 101 14.62 -9.14 2.38
N GLY A 102 13.71 -8.17 2.29
CA GLY A 102 13.72 -7.24 1.17
C GLY A 102 12.31 -6.75 0.86
N THR A 103 12.15 -6.20 -0.34
CA THR A 103 10.87 -5.68 -0.78
C THR A 103 10.36 -6.49 -1.98
N GLY A 104 9.03 -6.57 -2.06
CA GLY A 104 8.41 -7.31 -3.15
C GLY A 104 7.92 -6.35 -4.25
N PRO A 105 7.30 -6.96 -5.30
CA PRO A 105 6.80 -6.17 -6.41
C PRO A 105 5.50 -5.45 -6.02
N SER A 106 5.14 -4.48 -6.84
CA SER A 106 3.93 -3.70 -6.60
C SER A 106 2.75 -4.32 -7.35
N SER A 107 1.55 -3.94 -6.93
CA SER A 107 0.35 -4.44 -7.56
C SER A 107 -0.12 -3.48 -8.66
N SER A 108 -1.04 -3.96 -9.48
CA SER A 108 -1.57 -3.16 -10.57
C SER A 108 -1.78 -1.72 -10.10
N GLU A 109 -1.19 -0.80 -10.85
CA GLU A 109 -1.31 0.61 -10.52
C GLU A 109 -2.77 1.03 -10.49
N ILE A 110 -3.38 0.83 -9.34
CA ILE A 110 -4.78 1.18 -9.16
C ILE A 110 -4.93 2.70 -9.15
N ASN A 111 -6.17 3.15 -9.25
CA ASN A 111 -6.46 4.58 -9.24
C ASN A 111 -7.81 4.83 -8.58
N ALA A 112 -8.10 6.09 -8.35
CA ALA A 112 -9.36 6.48 -7.73
C ALA A 112 -9.47 8.00 -7.71
N THR A 113 -10.28 8.51 -8.64
CA THR A 113 -10.49 9.94 -8.74
C THR A 113 -11.26 10.46 -7.54
N THR A 114 -10.55 11.17 -6.67
CA THR A 114 -11.16 11.73 -5.47
C THR A 114 -12.53 12.30 -5.80
N LEU A 115 -13.33 12.46 -4.75
CA LEU A 115 -14.67 12.99 -4.91
C LEU A 115 -14.61 14.30 -5.70
N GLU A 116 -15.78 14.85 -5.97
CA GLU A 116 -15.87 16.09 -6.73
C GLU A 116 -15.89 17.28 -5.77
N SER A 117 -16.02 16.98 -4.49
CA SER A 117 -16.07 18.02 -3.47
C SER A 117 -17.32 18.87 -3.64
N GLY A 118 -18.42 18.35 -3.13
CA GLY A 118 -19.69 19.05 -3.21
C GLY A 118 -20.77 18.33 -2.40
N PRO A 119 -22.01 18.88 -2.49
CA PRO A 119 -23.13 18.30 -1.76
C PRO A 119 -23.62 17.02 -2.44
N SER A 120 -24.31 16.19 -1.65
CA SER A 120 -24.82 14.94 -2.16
C SER A 120 -25.98 14.46 -1.28
N SER A 121 -26.78 13.57 -1.86
CA SER A 121 -27.93 13.03 -1.15
C SER A 121 -28.43 11.76 -1.83
N GLY A 122 -28.58 10.72 -1.03
CA GLY A 122 -29.05 9.44 -1.54
C GLY A 122 -30.53 9.50 -1.94
N GLY A 1 9.35 0.93 22.81
CA GLY A 1 9.92 0.16 21.71
C GLY A 1 9.94 -1.33 22.04
N SER A 2 9.52 -2.12 21.05
CA SER A 2 9.48 -3.56 21.21
C SER A 2 9.39 -4.25 19.85
N SER A 3 9.82 -5.50 19.83
CA SER A 3 9.79 -6.27 18.59
C SER A 3 10.19 -7.73 18.87
N GLY A 4 9.51 -8.63 18.20
CA GLY A 4 9.78 -10.05 18.36
C GLY A 4 9.91 -10.75 17.00
N SER A 5 9.89 -12.08 17.06
CA SER A 5 9.99 -12.87 15.84
C SER A 5 8.97 -14.01 15.87
N SER A 6 8.46 -14.34 14.69
CA SER A 6 7.48 -15.39 14.58
C SER A 6 7.95 -16.43 13.55
N GLY A 7 7.30 -17.59 13.58
CA GLY A 7 7.64 -18.66 12.67
C GLY A 7 9.11 -19.05 12.80
N ILE A 8 9.49 -20.08 12.07
CA ILE A 8 10.86 -20.56 12.09
C ILE A 8 11.58 -20.11 10.82
N SER A 9 12.62 -19.32 11.01
CA SER A 9 13.40 -18.82 9.89
C SER A 9 14.55 -17.94 10.40
N THR A 10 15.76 -18.42 10.16
CA THR A 10 16.95 -17.70 10.59
C THR A 10 17.39 -16.72 9.51
N GLU A 11 16.52 -16.52 8.54
CA GLU A 11 16.81 -15.61 7.44
C GLU A 11 15.63 -15.56 6.47
N GLU A 12 15.17 -14.34 6.19
CA GLU A 12 14.06 -14.15 5.28
C GLU A 12 14.56 -13.63 3.93
N ALA A 13 13.61 -13.34 3.05
CA ALA A 13 13.94 -12.85 1.73
C ALA A 13 12.78 -12.02 1.19
N ALA A 14 13.12 -10.98 0.45
CA ALA A 14 12.12 -10.10 -0.13
C ALA A 14 10.99 -10.95 -0.73
N PRO A 15 9.77 -10.34 -0.78
CA PRO A 15 8.62 -11.02 -1.33
C PRO A 15 8.69 -11.09 -2.85
N ASP A 16 8.08 -12.13 -3.40
CA ASP A 16 8.07 -12.32 -4.84
C ASP A 16 6.62 -12.35 -5.34
N GLY A 17 5.92 -11.25 -5.08
CA GLY A 17 4.54 -11.13 -5.49
C GLY A 17 3.86 -9.94 -4.81
N PRO A 18 2.99 -9.25 -5.59
CA PRO A 18 2.27 -8.10 -5.07
C PRO A 18 1.15 -8.53 -4.13
N PRO A 19 0.62 -7.53 -3.38
CA PRO A 19 -0.46 -7.79 -2.43
C PRO A 19 -1.79 -8.00 -3.17
N MET A 20 -2.78 -8.45 -2.41
CA MET A 20 -4.10 -8.68 -2.98
C MET A 20 -5.10 -7.62 -2.51
N ASP A 21 -6.31 -7.72 -3.04
CA ASP A 21 -7.35 -6.77 -2.69
C ASP A 21 -6.82 -5.34 -2.84
N VAL A 22 -5.84 -5.20 -3.71
CA VAL A 22 -5.24 -3.91 -3.97
C VAL A 22 -6.22 -3.03 -4.75
N THR A 23 -6.78 -2.06 -4.04
CA THR A 23 -7.74 -1.16 -4.66
C THR A 23 -7.72 0.20 -3.94
N LEU A 24 -8.31 1.19 -4.61
CA LEU A 24 -8.38 2.53 -4.04
C LEU A 24 -9.84 2.92 -3.82
N GLN A 25 -10.02 3.93 -3.00
CA GLN A 25 -11.37 4.42 -2.70
C GLN A 25 -11.30 5.77 -2.00
N PRO A 26 -11.88 6.80 -2.67
CA PRO A 26 -11.90 8.15 -2.12
C PRO A 26 -12.91 8.27 -0.99
N VAL A 27 -12.41 8.60 0.18
CA VAL A 27 -13.26 8.75 1.35
C VAL A 27 -13.49 10.24 1.62
N THR A 28 -12.48 11.03 1.32
CA THR A 28 -12.56 12.47 1.51
C THR A 28 -12.39 13.20 0.18
N SER A 29 -11.86 14.42 0.27
CA SER A 29 -11.64 15.22 -0.91
C SER A 29 -10.15 15.33 -1.20
N GLN A 30 -9.36 15.12 -0.17
CA GLN A 30 -7.91 15.18 -0.30
C GLN A 30 -7.26 13.95 0.35
N SER A 31 -8.04 12.87 0.41
CA SER A 31 -7.55 11.64 0.99
C SER A 31 -8.28 10.44 0.38
N ILE A 32 -7.54 9.36 0.20
CA ILE A 32 -8.10 8.16 -0.38
C ILE A 32 -7.84 6.97 0.56
N GLN A 33 -8.62 5.92 0.37
CA GLN A 33 -8.48 4.73 1.19
C GLN A 33 -7.88 3.58 0.37
N VAL A 34 -6.67 3.20 0.74
CA VAL A 34 -5.99 2.13 0.04
C VAL A 34 -6.07 0.84 0.87
N THR A 35 -6.82 -0.12 0.34
CA THR A 35 -6.99 -1.38 1.03
C THR A 35 -6.37 -2.52 0.22
N TRP A 36 -5.78 -3.47 0.93
CA TRP A 36 -5.14 -4.61 0.28
C TRP A 36 -5.11 -5.76 1.29
N LYS A 37 -4.85 -6.95 0.77
CA LYS A 37 -4.79 -8.14 1.61
C LYS A 37 -3.45 -8.84 1.39
N ALA A 38 -3.03 -9.56 2.41
CA ALA A 38 -1.76 -10.29 2.34
C ALA A 38 -1.62 -10.91 0.95
N PRO A 39 -0.35 -10.90 0.44
CA PRO A 39 -0.06 -11.46 -0.87
C PRO A 39 -0.07 -12.99 -0.82
N LYS A 40 -0.05 -13.58 -2.01
CA LYS A 40 -0.05 -15.03 -2.12
C LYS A 40 0.87 -15.62 -1.05
N LYS A 41 0.34 -16.60 -0.34
CA LYS A 41 1.10 -17.27 0.71
C LYS A 41 2.46 -17.69 0.16
N GLU A 42 2.42 -18.32 -1.01
CA GLU A 42 3.64 -18.78 -1.65
C GLU A 42 4.50 -17.59 -2.07
N LEU A 43 3.85 -16.44 -2.22
CA LEU A 43 4.55 -15.23 -2.61
C LEU A 43 4.65 -14.30 -1.41
N GLN A 44 5.17 -14.84 -0.31
CA GLN A 44 5.34 -14.07 0.91
C GLN A 44 6.81 -14.06 1.33
N ASN A 45 7.41 -15.24 1.32
CA ASN A 45 8.80 -15.37 1.70
C ASN A 45 8.98 -14.90 3.14
N GLY A 46 8.31 -15.60 4.04
CA GLY A 46 8.39 -15.27 5.46
C GLY A 46 7.38 -14.18 5.82
N VAL A 47 7.20 -13.99 7.12
CA VAL A 47 6.27 -12.99 7.61
C VAL A 47 6.58 -11.64 6.94
N ILE A 48 5.62 -10.73 7.06
CA ILE A 48 5.78 -9.41 6.48
C ILE A 48 5.82 -8.37 7.60
N ARG A 49 6.79 -7.47 7.49
CA ARG A 49 6.95 -6.42 8.48
C ARG A 49 5.98 -5.27 8.20
N GLY A 50 5.68 -5.09 6.92
CA GLY A 50 4.78 -4.04 6.50
C GLY A 50 4.74 -3.91 4.98
N TYR A 51 3.93 -2.98 4.50
CA TYR A 51 3.80 -2.75 3.08
C TYR A 51 3.90 -1.26 2.75
N GLN A 52 4.63 -0.97 1.68
CA GLN A 52 4.80 0.41 1.25
C GLN A 52 3.63 0.85 0.37
N ILE A 53 3.26 2.11 0.52
CA ILE A 53 2.17 2.67 -0.26
C ILE A 53 2.64 3.93 -0.97
N GLY A 54 3.05 3.74 -2.22
CA GLY A 54 3.52 4.85 -3.02
C GLY A 54 2.38 5.47 -3.85
N TYR A 55 2.18 6.76 -3.65
CA TYR A 55 1.13 7.47 -4.35
C TYR A 55 1.66 8.77 -4.95
N ARG A 56 1.18 9.08 -6.15
CA ARG A 56 1.60 10.30 -6.83
C ARG A 56 0.53 10.72 -7.84
N GLU A 57 0.41 12.04 -8.01
CA GLU A 57 -0.56 12.58 -8.94
C GLU A 57 -0.47 11.86 -10.29
N ASN A 58 -1.63 11.44 -10.78
CA ASN A 58 -1.70 10.74 -12.04
C ASN A 58 -1.96 11.74 -13.16
N SER A 59 -1.24 12.85 -13.09
CA SER A 59 -1.39 13.90 -14.10
C SER A 59 -0.50 13.59 -15.31
N PRO A 60 -0.91 14.16 -16.47
CA PRO A 60 -0.16 13.97 -17.70
C PRO A 60 1.13 14.79 -17.70
N GLY A 61 2.23 14.10 -17.38
CA GLY A 61 3.52 14.76 -17.35
C GLY A 61 3.89 15.17 -15.92
N SER A 62 3.65 14.25 -14.99
CA SER A 62 3.94 14.51 -13.60
C SER A 62 5.39 14.11 -13.28
N ASN A 63 6.02 14.89 -12.41
CA ASN A 63 7.39 14.62 -12.02
C ASN A 63 7.51 14.72 -10.49
N GLY A 64 6.94 13.72 -9.83
CA GLY A 64 6.97 13.69 -8.38
C GLY A 64 7.14 12.26 -7.87
N GLN A 65 8.38 11.91 -7.55
CA GLN A 65 8.68 10.59 -7.05
C GLN A 65 7.56 10.09 -6.14
N TYR A 66 7.08 8.88 -6.45
CA TYR A 66 6.01 8.29 -5.67
C TYR A 66 6.29 8.39 -4.17
N SER A 67 5.40 9.09 -3.48
CA SER A 67 5.53 9.28 -2.06
C SER A 67 5.36 7.95 -1.32
N ILE A 68 6.48 7.42 -0.85
CA ILE A 68 6.46 6.15 -0.14
C ILE A 68 6.13 6.40 1.32
N VAL A 69 5.35 5.47 1.89
CA VAL A 69 4.94 5.58 3.27
C VAL A 69 5.10 4.22 3.95
N GLU A 70 6.01 4.18 4.92
CA GLU A 70 6.27 2.95 5.65
C GLU A 70 5.21 2.75 6.73
N MET A 71 4.79 1.50 6.88
CA MET A 71 3.78 1.16 7.86
C MET A 71 4.02 -0.24 8.43
N LYS A 72 3.15 -0.63 9.36
CA LYS A 72 3.26 -1.93 9.99
C LYS A 72 2.04 -2.78 9.61
N ALA A 73 2.24 -4.09 9.61
CA ALA A 73 1.17 -5.01 9.28
C ALA A 73 0.30 -5.24 10.52
N THR A 74 -0.98 -4.92 10.37
CA THR A 74 -1.92 -5.09 11.46
C THR A 74 -2.69 -6.40 11.31
N GLY A 75 -2.17 -7.26 10.44
CA GLY A 75 -2.80 -8.55 10.19
C GLY A 75 -2.67 -8.93 8.72
N ASP A 76 -3.55 -9.85 8.30
CA ASP A 76 -3.54 -10.31 6.92
C ASP A 76 -4.03 -9.18 6.00
N SER A 77 -4.89 -8.35 6.55
CA SER A 77 -5.43 -7.22 5.80
C SER A 77 -4.86 -5.91 6.34
N GLU A 78 -4.51 -5.03 5.42
CA GLU A 78 -3.97 -3.73 5.78
C GLU A 78 -4.61 -2.63 4.95
N VAL A 79 -4.56 -1.42 5.49
CA VAL A 79 -5.13 -0.27 4.80
C VAL A 79 -4.35 0.99 5.19
N TYR A 80 -4.36 1.96 4.28
CA TYR A 80 -3.67 3.21 4.51
C TYR A 80 -4.42 4.38 3.89
N THR A 81 -4.75 5.35 4.73
CA THR A 81 -5.47 6.53 4.28
C THR A 81 -4.50 7.60 3.79
N LEU A 82 -4.26 7.57 2.49
CA LEU A 82 -3.35 8.53 1.87
C LEU A 82 -4.03 9.89 1.78
N ASP A 83 -3.60 10.80 2.63
CA ASP A 83 -4.17 12.15 2.65
C ASP A 83 -3.21 13.11 1.97
N ASN A 84 -3.52 14.39 2.08
CA ASN A 84 -2.68 15.42 1.48
C ASN A 84 -2.67 15.25 -0.03
N LEU A 85 -3.88 15.18 -0.60
CA LEU A 85 -4.01 15.01 -2.03
C LEU A 85 -4.69 16.24 -2.63
N LYS A 86 -5.07 16.13 -3.90
CA LYS A 86 -5.72 17.23 -4.58
C LYS A 86 -7.23 17.00 -4.57
N LYS A 87 -7.95 18.02 -5.04
CA LYS A 87 -9.40 17.95 -5.08
C LYS A 87 -9.85 17.67 -6.51
N PHE A 88 -10.59 16.58 -6.68
CA PHE A 88 -11.07 16.20 -7.99
C PHE A 88 -9.92 16.00 -8.97
N ALA A 89 -9.06 15.04 -8.66
CA ALA A 89 -7.92 14.76 -9.51
C ALA A 89 -7.58 13.27 -9.41
N GLN A 90 -7.17 12.71 -10.53
CA GLN A 90 -6.81 11.30 -10.59
C GLN A 90 -5.43 11.08 -9.95
N TYR A 91 -5.32 9.98 -9.23
CA TYR A 91 -4.07 9.64 -8.56
C TYR A 91 -3.79 8.15 -8.65
N GLY A 92 -2.56 7.82 -9.00
CA GLY A 92 -2.15 6.43 -9.13
C GLY A 92 -1.16 6.05 -8.03
N VAL A 93 -1.56 5.08 -7.23
CA VAL A 93 -0.70 4.61 -6.14
C VAL A 93 -0.47 3.11 -6.29
N VAL A 94 0.62 2.65 -5.70
CA VAL A 94 0.97 1.24 -5.76
C VAL A 94 1.22 0.71 -4.34
N VAL A 95 0.98 -0.57 -4.17
CA VAL A 95 1.18 -1.21 -2.87
C VAL A 95 2.06 -2.44 -3.04
N GLN A 96 2.89 -2.67 -2.03
CA GLN A 96 3.80 -3.80 -2.05
C GLN A 96 4.13 -4.24 -0.62
N ALA A 97 4.49 -5.52 -0.49
CA ALA A 97 4.83 -6.07 0.80
C ALA A 97 6.33 -5.93 1.03
N PHE A 98 6.67 -5.21 2.09
CA PHE A 98 8.07 -4.99 2.44
C PHE A 98 8.41 -5.60 3.79
N ASN A 99 9.50 -6.37 3.79
CA ASN A 99 9.94 -7.02 5.01
C ASN A 99 11.39 -6.62 5.30
N ARG A 100 11.90 -7.14 6.42
CA ARG A 100 13.26 -6.84 6.82
C ARG A 100 14.26 -7.38 5.79
N ALA A 101 13.75 -8.28 4.95
CA ALA A 101 14.57 -8.89 3.92
C ALA A 101 14.65 -7.95 2.71
N GLY A 102 13.61 -7.12 2.58
CA GLY A 102 13.55 -6.17 1.48
C GLY A 102 12.10 -5.92 1.07
N THR A 103 11.96 -5.28 -0.10
CA THR A 103 10.64 -4.98 -0.61
C THR A 103 10.38 -5.76 -1.91
N GLY A 104 9.13 -6.15 -2.09
CA GLY A 104 8.74 -6.89 -3.27
C GLY A 104 8.28 -5.95 -4.39
N PRO A 105 7.70 -6.57 -5.45
CA PRO A 105 7.22 -5.80 -6.59
C PRO A 105 5.92 -5.08 -6.25
N SER A 106 5.68 -3.97 -6.94
CA SER A 106 4.48 -3.19 -6.72
C SER A 106 3.29 -3.84 -7.45
N SER A 107 2.10 -3.54 -6.96
CA SER A 107 0.89 -4.08 -7.55
C SER A 107 0.42 -3.18 -8.69
N SER A 108 -0.29 -3.79 -9.63
CA SER A 108 -0.80 -3.05 -10.78
C SER A 108 -1.31 -1.68 -10.33
N GLU A 109 -0.72 -0.65 -10.91
CA GLU A 109 -1.10 0.72 -10.59
C GLU A 109 -2.55 0.98 -11.01
N ILE A 110 -3.34 1.43 -10.05
CA ILE A 110 -4.74 1.71 -10.31
C ILE A 110 -4.95 3.23 -10.32
N ASN A 111 -6.21 3.62 -10.21
CA ASN A 111 -6.56 5.03 -10.19
C ASN A 111 -7.83 5.24 -9.36
N ALA A 112 -7.95 6.45 -8.84
CA ALA A 112 -9.11 6.79 -8.02
C ALA A 112 -9.19 8.31 -7.87
N THR A 113 -9.95 8.92 -8.77
CA THR A 113 -10.13 10.37 -8.74
C THR A 113 -10.81 10.80 -7.44
N THR A 114 -10.07 11.58 -6.65
CA THR A 114 -10.60 12.06 -5.38
C THR A 114 -11.94 12.77 -5.60
N LEU A 115 -12.82 12.61 -4.61
CA LEU A 115 -14.13 13.22 -4.69
C LEU A 115 -14.01 14.63 -5.27
N GLU A 116 -15.02 15.02 -6.02
CA GLU A 116 -15.05 16.33 -6.64
C GLU A 116 -15.35 17.40 -5.60
N SER A 117 -15.58 16.95 -4.38
CA SER A 117 -15.88 17.85 -3.29
C SER A 117 -17.22 18.58 -3.56
N GLY A 118 -18.16 18.37 -2.66
CA GLY A 118 -19.47 18.98 -2.79
C GLY A 118 -20.40 18.54 -1.65
N PRO A 119 -21.63 19.11 -1.67
CA PRO A 119 -22.62 18.80 -0.65
C PRO A 119 -23.22 17.40 -0.89
N SER A 120 -23.65 16.79 0.19
CA SER A 120 -24.24 15.46 0.12
C SER A 120 -25.43 15.36 1.07
N SER A 121 -26.62 15.23 0.48
CA SER A 121 -27.84 15.13 1.26
C SER A 121 -29.05 15.20 0.34
N GLY A 122 -30.13 14.58 0.80
CA GLY A 122 -31.36 14.56 0.03
C GLY A 122 -31.27 13.57 -1.13
N GLY A 1 8.37 -6.03 34.49
CA GLY A 1 8.29 -6.22 33.05
C GLY A 1 9.34 -7.23 32.58
N SER A 2 8.91 -8.09 31.66
CA SER A 2 9.79 -9.11 31.12
C SER A 2 9.08 -9.88 30.02
N SER A 3 9.87 -10.36 29.06
CA SER A 3 9.32 -11.12 27.94
C SER A 3 10.45 -11.85 27.21
N GLY A 4 10.10 -13.00 26.66
CA GLY A 4 11.07 -13.80 25.92
C GLY A 4 10.45 -15.12 25.46
N SER A 5 10.42 -15.30 24.15
CA SER A 5 9.88 -16.51 23.57
C SER A 5 10.18 -16.57 22.08
N SER A 6 11.00 -17.54 21.70
CA SER A 6 11.38 -17.71 20.32
C SER A 6 11.22 -19.18 19.91
N GLY A 7 11.30 -19.42 18.60
CA GLY A 7 11.17 -20.76 18.07
C GLY A 7 10.86 -20.73 16.57
N ILE A 8 11.70 -21.41 15.82
CA ILE A 8 11.53 -21.48 14.37
C ILE A 8 11.16 -20.09 13.85
N SER A 9 12.17 -19.22 13.78
CA SER A 9 11.96 -17.87 13.30
C SER A 9 13.31 -17.17 13.09
N THR A 10 13.76 -17.18 11.85
CA THR A 10 15.02 -16.55 11.51
C THR A 10 15.29 -16.66 10.01
N GLU A 11 15.94 -15.64 9.47
CA GLU A 11 16.26 -15.63 8.06
C GLU A 11 14.98 -15.57 7.22
N GLU A 12 14.73 -14.41 6.66
CA GLU A 12 13.55 -14.21 5.83
C GLU A 12 13.95 -13.87 4.40
N ALA A 13 12.96 -13.86 3.53
CA ALA A 13 13.20 -13.54 2.13
C ALA A 13 12.14 -12.54 1.65
N ALA A 14 12.57 -11.67 0.74
CA ALA A 14 11.68 -10.65 0.20
C ALA A 14 10.54 -11.34 -0.55
N PRO A 15 9.42 -10.59 -0.69
CA PRO A 15 8.25 -11.11 -1.38
C PRO A 15 8.47 -11.12 -2.90
N ASP A 16 7.81 -12.07 -3.55
CA ASP A 16 7.93 -12.22 -4.99
C ASP A 16 6.55 -12.00 -5.63
N GLY A 17 5.74 -11.20 -4.96
CA GLY A 17 4.40 -10.91 -5.45
C GLY A 17 3.76 -9.77 -4.67
N PRO A 18 2.92 -8.98 -5.39
CA PRO A 18 2.25 -7.85 -4.77
C PRO A 18 1.10 -8.31 -3.87
N PRO A 19 0.51 -7.33 -3.14
CA PRO A 19 -0.59 -7.64 -2.24
C PRO A 19 -1.89 -7.89 -3.02
N MET A 20 -2.88 -8.40 -2.30
CA MET A 20 -4.17 -8.69 -2.91
C MET A 20 -5.24 -7.72 -2.42
N ASP A 21 -6.43 -7.86 -2.99
CA ASP A 21 -7.54 -7.00 -2.63
C ASP A 21 -7.10 -5.54 -2.68
N VAL A 22 -6.16 -5.28 -3.58
CA VAL A 22 -5.64 -3.94 -3.76
C VAL A 22 -6.67 -3.09 -4.51
N THR A 23 -7.27 -2.15 -3.78
CA THR A 23 -8.27 -1.27 -4.35
C THR A 23 -8.23 0.09 -3.68
N LEU A 24 -8.71 1.10 -4.42
CA LEU A 24 -8.73 2.45 -3.91
C LEU A 24 -10.18 2.89 -3.67
N GLN A 25 -10.33 3.92 -2.87
CA GLN A 25 -11.66 4.44 -2.55
C GLN A 25 -11.55 5.81 -1.90
N PRO A 26 -12.13 6.83 -2.60
CA PRO A 26 -12.11 8.19 -2.10
C PRO A 26 -13.10 8.38 -0.96
N VAL A 27 -12.55 8.67 0.21
CA VAL A 27 -13.38 8.87 1.39
C VAL A 27 -13.63 10.37 1.59
N THR A 28 -12.62 11.16 1.23
CA THR A 28 -12.71 12.60 1.36
C THR A 28 -12.41 13.28 0.02
N SER A 29 -12.10 14.56 0.10
CA SER A 29 -11.79 15.34 -1.09
C SER A 29 -10.28 15.27 -1.37
N GLN A 30 -9.51 15.24 -0.30
CA GLN A 30 -8.07 15.18 -0.43
C GLN A 30 -7.52 13.98 0.36
N SER A 31 -8.06 12.82 0.04
CA SER A 31 -7.64 11.59 0.69
C SER A 31 -8.37 10.39 0.08
N ILE A 32 -7.71 9.25 0.14
CA ILE A 32 -8.29 8.02 -0.40
C ILE A 32 -7.95 6.86 0.53
N GLN A 33 -8.85 5.88 0.55
CA GLN A 33 -8.66 4.71 1.39
C GLN A 33 -8.10 3.55 0.55
N VAL A 34 -6.91 3.11 0.93
CA VAL A 34 -6.26 2.01 0.23
C VAL A 34 -6.30 0.76 1.12
N THR A 35 -7.12 -0.19 0.69
CA THR A 35 -7.26 -1.43 1.43
C THR A 35 -6.81 -2.62 0.56
N TRP A 36 -5.94 -3.43 1.13
CA TRP A 36 -5.42 -4.59 0.44
C TRP A 36 -5.23 -5.72 1.46
N LYS A 37 -5.16 -6.93 0.94
CA LYS A 37 -4.98 -8.10 1.79
C LYS A 37 -3.59 -8.69 1.57
N ALA A 38 -3.15 -9.49 2.53
CA ALA A 38 -1.85 -10.12 2.44
C ALA A 38 -1.66 -10.72 1.05
N PRO A 39 -0.39 -10.74 0.59
CA PRO A 39 -0.06 -11.28 -0.71
C PRO A 39 -0.11 -12.81 -0.70
N LYS A 40 0.04 -13.39 -1.88
CA LYS A 40 0.02 -14.84 -2.02
C LYS A 40 0.72 -15.47 -0.82
N LYS A 41 0.08 -16.50 -0.27
CA LYS A 41 0.64 -17.20 0.88
C LYS A 41 1.99 -17.79 0.50
N GLU A 42 1.97 -18.57 -0.58
CA GLU A 42 3.18 -19.21 -1.06
C GLU A 42 4.24 -18.16 -1.39
N LEU A 43 3.79 -16.94 -1.58
CA LEU A 43 4.68 -15.84 -1.90
C LEU A 43 4.73 -14.87 -0.72
N GLN A 44 4.94 -15.44 0.45
CA GLN A 44 5.01 -14.63 1.68
C GLN A 44 6.46 -14.53 2.16
N ASN A 45 7.22 -15.59 1.89
CA ASN A 45 8.61 -15.63 2.30
C ASN A 45 8.75 -15.04 3.70
N GLY A 46 8.07 -15.67 4.63
CA GLY A 46 8.10 -15.23 6.02
C GLY A 46 7.11 -14.09 6.25
N VAL A 47 6.69 -13.96 7.50
CA VAL A 47 5.74 -12.93 7.87
C VAL A 47 6.14 -11.62 7.21
N ILE A 48 5.20 -10.68 7.19
CA ILE A 48 5.43 -9.39 6.58
C ILE A 48 5.60 -8.34 7.69
N ARG A 49 6.73 -7.64 7.62
CA ARG A 49 7.03 -6.61 8.60
C ARG A 49 6.14 -5.38 8.38
N GLY A 50 6.05 -4.98 7.12
CA GLY A 50 5.24 -3.83 6.76
C GLY A 50 5.13 -3.68 5.24
N TYR A 51 4.33 -2.72 4.83
CA TYR A 51 4.13 -2.46 3.42
C TYR A 51 4.31 -0.98 3.09
N GLN A 52 4.47 -0.70 1.81
CA GLN A 52 4.65 0.67 1.35
C GLN A 52 3.52 1.07 0.40
N ILE A 53 3.04 2.28 0.58
CA ILE A 53 1.97 2.79 -0.26
C ILE A 53 2.48 3.98 -1.07
N GLY A 54 2.76 3.72 -2.33
CA GLY A 54 3.27 4.76 -3.22
C GLY A 54 2.12 5.38 -4.04
N TYR A 55 2.03 6.69 -3.97
CA TYR A 55 0.99 7.40 -4.69
C TYR A 55 1.50 8.76 -5.17
N ARG A 56 0.98 9.18 -6.32
CA ARG A 56 1.37 10.45 -6.90
C ARG A 56 0.29 10.97 -7.85
N GLU A 57 0.31 12.28 -8.07
CA GLU A 57 -0.66 12.90 -8.95
C GLU A 57 -0.53 12.33 -10.37
N ASN A 58 -1.66 12.29 -11.05
CA ASN A 58 -1.70 11.78 -12.42
C ASN A 58 -1.53 12.94 -13.39
N SER A 59 -0.91 14.00 -12.90
CA SER A 59 -0.67 15.18 -13.72
C SER A 59 -0.03 14.77 -15.05
N PRO A 60 -0.24 15.64 -16.07
CA PRO A 60 0.31 15.38 -17.40
C PRO A 60 1.81 15.64 -17.43
N GLY A 61 2.57 14.59 -17.21
CA GLY A 61 4.02 14.70 -17.21
C GLY A 61 4.53 15.25 -15.88
N SER A 62 3.92 14.79 -14.80
CA SER A 62 4.30 15.23 -13.47
C SER A 62 5.66 14.63 -13.09
N ASN A 63 6.39 15.40 -12.30
CA ASN A 63 7.71 14.96 -11.85
C ASN A 63 7.73 14.92 -10.32
N GLY A 64 7.04 13.92 -9.78
CA GLY A 64 6.97 13.76 -8.34
C GLY A 64 7.07 12.28 -7.95
N GLN A 65 8.28 11.85 -7.66
CA GLN A 65 8.52 10.47 -7.28
C GLN A 65 7.41 9.98 -6.35
N TYR A 66 6.79 8.88 -6.76
CA TYR A 66 5.71 8.30 -5.98
C TYR A 66 6.02 8.37 -4.48
N SER A 67 5.18 9.12 -3.77
CA SER A 67 5.35 9.27 -2.33
C SER A 67 5.21 7.92 -1.64
N ILE A 68 6.35 7.39 -1.21
CA ILE A 68 6.36 6.11 -0.52
C ILE A 68 6.08 6.32 0.96
N VAL A 69 5.26 5.44 1.51
CA VAL A 69 4.90 5.52 2.91
C VAL A 69 4.86 4.11 3.50
N GLU A 70 5.79 3.85 4.41
CA GLU A 70 5.87 2.55 5.05
C GLU A 70 4.98 2.52 6.30
N MET A 71 4.31 1.39 6.48
CA MET A 71 3.43 1.23 7.63
C MET A 71 3.66 -0.12 8.30
N LYS A 72 2.86 -0.38 9.33
CA LYS A 72 2.97 -1.62 10.07
C LYS A 72 2.10 -2.69 9.40
N ALA A 73 2.56 -3.93 9.48
CA ALA A 73 1.83 -5.04 8.89
C ALA A 73 1.13 -5.84 10.01
N THR A 74 -0.19 -5.86 9.92
CA THR A 74 -0.98 -6.58 10.91
C THR A 74 -0.71 -8.09 10.82
N GLY A 75 -0.75 -8.59 9.59
CA GLY A 75 -0.52 -10.00 9.35
C GLY A 75 -1.80 -10.68 8.86
N ASP A 76 -2.30 -10.20 7.74
CA ASP A 76 -3.51 -10.76 7.16
C ASP A 76 -4.18 -9.70 6.28
N SER A 77 -4.25 -8.49 6.81
CA SER A 77 -4.86 -7.38 6.09
C SER A 77 -4.11 -6.08 6.41
N GLU A 78 -4.17 -5.16 5.45
CA GLU A 78 -3.52 -3.88 5.61
C GLU A 78 -4.35 -2.77 4.96
N VAL A 79 -4.21 -1.56 5.49
CA VAL A 79 -4.94 -0.42 4.98
C VAL A 79 -4.16 0.86 5.30
N TYR A 80 -4.27 1.82 4.39
CA TYR A 80 -3.58 3.08 4.56
C TYR A 80 -4.39 4.23 3.95
N THR A 81 -4.70 5.21 4.79
CA THR A 81 -5.47 6.37 4.34
C THR A 81 -4.53 7.45 3.82
N LEU A 82 -4.37 7.47 2.51
CA LEU A 82 -3.51 8.45 1.86
C LEU A 82 -4.21 9.81 1.85
N ASP A 83 -3.54 10.79 2.44
CA ASP A 83 -4.08 12.13 2.51
C ASP A 83 -3.11 13.11 1.84
N ASN A 84 -3.60 14.32 1.60
CA ASN A 84 -2.78 15.35 0.98
C ASN A 84 -2.84 15.19 -0.54
N LEU A 85 -4.06 14.97 -1.04
CA LEU A 85 -4.27 14.80 -2.46
C LEU A 85 -4.77 16.12 -3.06
N LYS A 86 -5.31 16.01 -4.26
CA LYS A 86 -5.83 17.18 -4.95
C LYS A 86 -7.36 17.20 -4.83
N LYS A 87 -7.96 18.16 -5.52
CA LYS A 87 -9.40 18.31 -5.50
C LYS A 87 -9.97 17.91 -6.87
N PHE A 88 -10.69 16.81 -6.86
CA PHE A 88 -11.30 16.31 -8.09
C PHE A 88 -10.23 16.06 -9.16
N ALA A 89 -9.34 15.13 -8.85
CA ALA A 89 -8.27 14.79 -9.78
C ALA A 89 -7.98 13.29 -9.70
N GLN A 90 -7.43 12.76 -10.77
CA GLN A 90 -7.10 11.34 -10.83
C GLN A 90 -5.84 11.06 -10.01
N TYR A 91 -5.88 9.92 -9.32
CA TYR A 91 -4.75 9.52 -8.49
C TYR A 91 -4.49 8.02 -8.63
N GLY A 92 -3.21 7.69 -8.78
CA GLY A 92 -2.81 6.30 -8.92
C GLY A 92 -1.74 5.94 -7.89
N VAL A 93 -2.04 4.92 -7.09
CA VAL A 93 -1.12 4.46 -6.08
C VAL A 93 -0.76 2.99 -6.34
N VAL A 94 0.30 2.55 -5.68
CA VAL A 94 0.76 1.18 -5.84
C VAL A 94 1.21 0.65 -4.47
N VAL A 95 0.56 -0.43 -4.05
CA VAL A 95 0.89 -1.05 -2.78
C VAL A 95 1.86 -2.21 -3.01
N GLN A 96 2.73 -2.41 -2.03
CA GLN A 96 3.71 -3.48 -2.12
C GLN A 96 4.10 -3.96 -0.72
N ALA A 97 4.33 -5.27 -0.62
CA ALA A 97 4.69 -5.86 0.65
C ALA A 97 6.23 -5.89 0.77
N PHE A 98 6.69 -5.50 1.95
CA PHE A 98 8.12 -5.46 2.21
C PHE A 98 8.45 -6.13 3.55
N ASN A 99 9.52 -6.91 3.54
CA ASN A 99 9.95 -7.60 4.74
C ASN A 99 11.41 -7.23 5.05
N ARG A 100 11.91 -7.77 6.15
CA ARG A 100 13.27 -7.51 6.56
C ARG A 100 14.25 -7.96 5.47
N ALA A 101 13.77 -8.88 4.64
CA ALA A 101 14.60 -9.41 3.56
C ALA A 101 14.69 -8.37 2.45
N GLY A 102 13.67 -7.52 2.39
CA GLY A 102 13.63 -6.47 1.39
C GLY A 102 12.18 -6.17 0.98
N THR A 103 12.04 -5.68 -0.25
CA THR A 103 10.73 -5.35 -0.77
C THR A 103 10.44 -6.15 -2.04
N GLY A 104 9.14 -6.31 -2.33
CA GLY A 104 8.72 -7.05 -3.50
C GLY A 104 8.11 -6.11 -4.55
N PRO A 105 7.46 -6.74 -5.57
CA PRO A 105 6.82 -5.97 -6.63
C PRO A 105 5.53 -5.33 -6.14
N SER A 106 5.08 -4.32 -6.89
CA SER A 106 3.87 -3.62 -6.55
C SER A 106 2.70 -4.15 -7.39
N SER A 107 1.49 -3.82 -6.96
CA SER A 107 0.29 -4.25 -7.66
C SER A 107 -0.01 -3.30 -8.82
N SER A 108 -0.78 -3.80 -9.77
CA SER A 108 -1.15 -3.01 -10.93
C SER A 108 -1.69 -1.66 -10.48
N GLU A 109 -1.03 -0.61 -10.96
CA GLU A 109 -1.43 0.74 -10.63
C GLU A 109 -2.90 0.97 -10.99
N ILE A 110 -3.67 1.41 -10.01
CA ILE A 110 -5.07 1.68 -10.22
C ILE A 110 -5.31 3.19 -10.29
N ASN A 111 -6.57 3.57 -10.11
CA ASN A 111 -6.93 4.97 -10.16
C ASN A 111 -8.15 5.22 -9.26
N ALA A 112 -8.26 6.44 -8.78
CA ALA A 112 -9.37 6.80 -7.91
C ALA A 112 -9.47 8.32 -7.82
N THR A 113 -10.24 8.89 -8.74
CA THR A 113 -10.42 10.33 -8.78
C THR A 113 -11.15 10.81 -7.52
N THR A 114 -10.40 11.49 -6.66
CA THR A 114 -10.96 12.01 -5.43
C THR A 114 -12.30 12.69 -5.69
N LEU A 115 -13.18 12.64 -4.70
CA LEU A 115 -14.49 13.24 -4.82
C LEU A 115 -14.33 14.66 -5.37
N GLU A 116 -15.43 15.17 -5.90
CA GLU A 116 -15.44 16.51 -6.47
C GLU A 116 -15.56 17.56 -5.36
N SER A 117 -15.58 17.07 -4.13
CA SER A 117 -15.70 17.94 -2.98
C SER A 117 -15.66 17.12 -1.69
N GLY A 118 -15.39 17.82 -0.59
CA GLY A 118 -15.32 17.17 0.71
C GLY A 118 -16.71 17.09 1.36
N PRO A 119 -16.97 15.94 2.01
CA PRO A 119 -18.25 15.72 2.67
C PRO A 119 -18.33 16.51 3.98
N SER A 120 -17.43 16.18 4.89
CA SER A 120 -17.38 16.86 6.18
C SER A 120 -18.71 16.67 6.91
N SER A 121 -18.78 15.59 7.68
CA SER A 121 -19.98 15.29 8.44
C SER A 121 -19.68 15.33 9.94
N GLY A 122 -20.74 15.28 10.72
CA GLY A 122 -20.61 15.30 12.17
C GLY A 122 -21.97 15.51 12.85
N GLY A 1 10.18 -12.92 24.52
CA GLY A 1 10.20 -13.81 23.38
C GLY A 1 9.18 -14.95 23.56
N SER A 2 8.74 -15.49 22.43
CA SER A 2 7.77 -16.57 22.46
C SER A 2 7.59 -17.13 21.04
N SER A 3 7.12 -18.37 20.99
CA SER A 3 6.89 -19.03 19.72
C SER A 3 8.21 -19.14 18.94
N GLY A 4 8.24 -20.09 18.02
CA GLY A 4 9.43 -20.31 17.21
C GLY A 4 9.16 -21.36 16.14
N SER A 5 9.16 -20.90 14.89
CA SER A 5 8.92 -21.79 13.77
C SER A 5 10.15 -22.66 13.52
N SER A 6 9.90 -23.83 12.95
CA SER A 6 10.98 -24.77 12.66
C SER A 6 11.46 -24.58 11.21
N GLY A 7 12.74 -24.86 11.02
CA GLY A 7 13.33 -24.74 9.70
C GLY A 7 14.60 -23.88 9.76
N ILE A 8 15.74 -24.55 9.72
CA ILE A 8 17.02 -23.87 9.76
C ILE A 8 17.16 -22.98 8.53
N SER A 9 17.00 -21.68 8.74
CA SER A 9 17.11 -20.72 7.67
C SER A 9 17.08 -19.30 8.23
N THR A 10 18.25 -18.83 8.64
CA THR A 10 18.36 -17.49 9.19
C THR A 10 18.66 -16.48 8.08
N GLU A 11 18.41 -16.91 6.85
CA GLU A 11 18.64 -16.05 5.71
C GLU A 11 17.38 -15.96 4.85
N GLU A 12 16.61 -14.91 5.08
CA GLU A 12 15.39 -14.70 4.34
C GLU A 12 15.65 -13.84 3.10
N ALA A 13 14.64 -13.75 2.25
CA ALA A 13 14.75 -12.97 1.03
C ALA A 13 13.45 -12.18 0.82
N ALA A 14 13.61 -11.00 0.23
CA ALA A 14 12.47 -10.15 -0.04
C ALA A 14 11.32 -10.99 -0.58
N PRO A 15 10.08 -10.43 -0.47
CA PRO A 15 8.89 -11.12 -0.95
C PRO A 15 8.81 -11.09 -2.47
N ASP A 16 8.15 -12.09 -3.02
CA ASP A 16 7.98 -12.19 -4.46
C ASP A 16 6.50 -12.29 -4.79
N GLY A 17 5.76 -11.26 -4.41
CA GLY A 17 4.34 -11.21 -4.66
C GLY A 17 3.68 -10.05 -3.93
N PRO A 18 2.91 -9.23 -4.70
CA PRO A 18 2.23 -8.08 -4.14
C PRO A 18 1.00 -8.51 -3.32
N PRO A 19 0.41 -7.52 -2.63
CA PRO A 19 -0.77 -7.78 -1.80
C PRO A 19 -2.01 -7.97 -2.67
N MET A 20 -3.08 -8.43 -2.04
CA MET A 20 -4.33 -8.66 -2.73
C MET A 20 -5.38 -7.62 -2.32
N ASP A 21 -6.54 -7.73 -2.95
CA ASP A 21 -7.63 -6.81 -2.66
C ASP A 21 -7.10 -5.38 -2.67
N VAL A 22 -6.14 -5.14 -3.54
CA VAL A 22 -5.54 -3.83 -3.67
C VAL A 22 -6.47 -2.92 -4.48
N THR A 23 -7.12 -2.01 -3.76
CA THR A 23 -8.03 -1.08 -4.40
C THR A 23 -8.02 0.27 -3.67
N LEU A 24 -8.49 1.29 -4.37
CA LEU A 24 -8.53 2.63 -3.81
C LEU A 24 -9.99 3.02 -3.56
N GLN A 25 -10.16 4.05 -2.75
CA GLN A 25 -11.48 4.55 -2.42
C GLN A 25 -11.41 5.94 -1.79
N PRO A 26 -12.03 6.92 -2.49
CA PRO A 26 -12.03 8.29 -2.01
C PRO A 26 -12.99 8.46 -0.84
N VAL A 27 -12.44 8.87 0.29
CA VAL A 27 -13.24 9.08 1.49
C VAL A 27 -13.52 10.57 1.66
N THR A 28 -12.51 11.38 1.34
CA THR A 28 -12.64 12.82 1.46
C THR A 28 -12.43 13.48 0.10
N SER A 29 -11.87 14.69 0.13
CA SER A 29 -11.61 15.43 -1.08
C SER A 29 -10.10 15.49 -1.35
N GLN A 30 -9.34 15.35 -0.27
CA GLN A 30 -7.89 15.38 -0.38
C GLN A 30 -7.28 14.17 0.31
N SER A 31 -7.88 13.01 0.04
CA SER A 31 -7.41 11.77 0.63
C SER A 31 -8.10 10.57 -0.05
N ILE A 32 -7.53 9.41 0.18
CA ILE A 32 -8.07 8.19 -0.39
C ILE A 32 -7.74 7.01 0.51
N GLN A 33 -8.65 6.05 0.54
CA GLN A 33 -8.48 4.86 1.36
C GLN A 33 -7.96 3.69 0.52
N VAL A 34 -6.77 3.23 0.86
CA VAL A 34 -6.16 2.13 0.13
C VAL A 34 -6.22 0.87 0.99
N THR A 35 -7.08 -0.05 0.58
CA THR A 35 -7.24 -1.30 1.30
C THR A 35 -6.68 -2.47 0.48
N TRP A 36 -5.97 -3.35 1.17
CA TRP A 36 -5.38 -4.50 0.53
C TRP A 36 -5.35 -5.65 1.54
N LYS A 37 -5.17 -6.86 1.02
CA LYS A 37 -5.12 -8.05 1.86
C LYS A 37 -3.76 -8.71 1.72
N ALA A 38 -3.53 -9.69 2.58
CA ALA A 38 -2.27 -10.42 2.56
C ALA A 38 -1.95 -10.84 1.12
N PRO A 39 -0.63 -10.81 0.80
CA PRO A 39 -0.18 -11.18 -0.54
C PRO A 39 -0.23 -12.70 -0.73
N LYS A 40 0.03 -13.11 -1.96
CA LYS A 40 0.02 -14.53 -2.29
C LYS A 40 0.68 -15.32 -1.17
N LYS A 41 0.06 -16.44 -0.82
CA LYS A 41 0.57 -17.29 0.23
C LYS A 41 1.88 -17.94 -0.23
N GLU A 42 1.84 -18.47 -1.44
CA GLU A 42 3.01 -19.12 -2.01
C GLU A 42 4.05 -18.08 -2.41
N LEU A 43 3.69 -16.82 -2.22
CA LEU A 43 4.59 -15.72 -2.55
C LEU A 43 5.00 -15.00 -1.26
N GLN A 44 5.31 -15.81 -0.24
CA GLN A 44 5.71 -15.25 1.04
C GLN A 44 7.08 -15.80 1.43
N ASN A 45 8.11 -15.02 1.13
CA ASN A 45 9.47 -15.41 1.44
C ASN A 45 9.79 -15.03 2.89
N GLY A 46 8.90 -15.44 3.78
CA GLY A 46 9.07 -15.16 5.20
C GLY A 46 7.99 -14.19 5.69
N VAL A 47 7.71 -14.28 6.98
CA VAL A 47 6.70 -13.42 7.59
C VAL A 47 6.86 -12.00 7.04
N ILE A 48 5.79 -11.22 7.19
CA ILE A 48 5.79 -9.86 6.71
C ILE A 48 5.94 -8.91 7.91
N ARG A 49 6.54 -7.76 7.63
CA ARG A 49 6.76 -6.76 8.67
C ARG A 49 5.89 -5.53 8.42
N GLY A 50 5.55 -5.34 7.15
CA GLY A 50 4.73 -4.21 6.75
C GLY A 50 4.61 -4.12 5.23
N TYR A 51 3.83 -3.13 4.78
CA TYR A 51 3.64 -2.93 3.36
C TYR A 51 3.76 -1.45 3.00
N GLN A 52 4.53 -1.18 1.96
CA GLN A 52 4.73 0.18 1.50
C GLN A 52 3.54 0.64 0.66
N ILE A 53 3.37 1.96 0.60
CA ILE A 53 2.28 2.54 -0.17
C ILE A 53 2.82 3.69 -1.02
N GLY A 54 2.94 3.44 -2.31
CA GLY A 54 3.44 4.44 -3.23
C GLY A 54 2.29 5.04 -4.05
N TYR A 55 2.32 6.37 -4.15
CA TYR A 55 1.29 7.07 -4.90
C TYR A 55 1.82 8.40 -5.43
N ARG A 56 1.34 8.77 -6.62
CA ARG A 56 1.76 10.01 -7.25
C ARG A 56 0.70 10.48 -8.24
N GLU A 57 0.65 11.79 -8.42
CA GLU A 57 -0.31 12.38 -9.33
C GLU A 57 -0.15 11.78 -10.73
N ASN A 58 -1.22 11.13 -11.19
CA ASN A 58 -1.20 10.50 -12.50
C ASN A 58 -1.68 11.52 -13.55
N SER A 59 -1.16 12.73 -13.42
CA SER A 59 -1.51 13.80 -14.34
C SER A 59 -0.26 14.28 -15.10
N PRO A 60 -0.51 14.84 -16.31
CA PRO A 60 0.59 15.35 -17.13
C PRO A 60 1.12 16.67 -16.58
N GLY A 61 1.59 16.61 -15.34
CA GLY A 61 2.13 17.79 -14.69
C GLY A 61 2.40 17.53 -13.20
N SER A 62 3.01 16.38 -12.95
CA SER A 62 3.33 16.00 -11.57
C SER A 62 4.84 16.06 -11.35
N ASN A 63 5.26 15.49 -10.23
CA ASN A 63 6.68 15.47 -9.89
C ASN A 63 7.33 14.22 -10.50
N GLY A 64 6.66 13.10 -10.31
CA GLY A 64 7.15 11.83 -10.83
C GLY A 64 7.34 10.81 -9.70
N GLN A 65 8.47 10.94 -9.02
CA GLN A 65 8.79 10.05 -7.93
C GLN A 65 7.53 9.74 -7.11
N TYR A 66 7.35 8.45 -6.84
CA TYR A 66 6.19 8.02 -6.07
C TYR A 66 6.44 8.18 -4.57
N SER A 67 5.47 8.79 -3.91
CA SER A 67 5.57 9.02 -2.48
C SER A 67 5.39 7.69 -1.73
N ILE A 68 6.50 7.22 -1.18
CA ILE A 68 6.49 5.97 -0.43
C ILE A 68 6.24 6.27 1.05
N VAL A 69 5.41 5.43 1.65
CA VAL A 69 5.09 5.58 3.06
C VAL A 69 5.16 4.22 3.75
N GLU A 70 6.12 4.10 4.66
CA GLU A 70 6.31 2.87 5.40
C GLU A 70 5.29 2.77 6.54
N MET A 71 4.88 1.55 6.82
CA MET A 71 3.91 1.30 7.88
C MET A 71 4.12 -0.08 8.50
N LYS A 72 3.24 -0.42 9.43
CA LYS A 72 3.30 -1.69 10.10
C LYS A 72 2.06 -2.52 9.74
N ALA A 73 2.22 -3.83 9.83
CA ALA A 73 1.13 -4.75 9.52
C ALA A 73 0.38 -5.10 10.81
N THR A 74 -0.80 -4.52 10.94
CA THR A 74 -1.63 -4.76 12.10
C THR A 74 -2.38 -6.08 11.97
N GLY A 75 -2.12 -6.76 10.86
CA GLY A 75 -2.76 -8.04 10.59
C GLY A 75 -2.64 -8.40 9.11
N ASP A 76 -3.43 -9.39 8.71
CA ASP A 76 -3.44 -9.85 7.34
C ASP A 76 -3.90 -8.72 6.43
N SER A 77 -4.97 -8.06 6.85
CA SER A 77 -5.53 -6.96 6.09
C SER A 77 -4.96 -5.64 6.59
N GLU A 78 -4.57 -4.79 5.63
CA GLU A 78 -4.01 -3.50 5.97
C GLU A 78 -4.67 -2.40 5.13
N VAL A 79 -4.67 -1.19 5.68
CA VAL A 79 -5.26 -0.06 5.00
C VAL A 79 -4.48 1.21 5.33
N TYR A 80 -4.44 2.12 4.38
CA TYR A 80 -3.73 3.37 4.57
C TYR A 80 -4.45 4.52 3.84
N THR A 81 -4.79 5.54 4.61
CA THR A 81 -5.48 6.70 4.06
C THR A 81 -4.46 7.74 3.58
N LEU A 82 -4.21 7.72 2.28
CA LEU A 82 -3.27 8.65 1.69
C LEU A 82 -3.90 10.04 1.63
N ASP A 83 -3.43 10.91 2.50
CA ASP A 83 -3.94 12.27 2.55
C ASP A 83 -2.98 13.20 1.80
N ASN A 84 -3.43 14.43 1.62
CA ASN A 84 -2.63 15.42 0.92
C ASN A 84 -2.67 15.14 -0.58
N LEU A 85 -3.88 15.16 -1.12
CA LEU A 85 -4.07 14.92 -2.54
C LEU A 85 -4.79 16.10 -3.18
N LYS A 86 -5.03 15.99 -4.48
CA LYS A 86 -5.70 17.05 -5.21
C LYS A 86 -7.20 16.75 -5.28
N LYS A 87 -7.96 17.75 -5.68
CA LYS A 87 -9.40 17.61 -5.79
C LYS A 87 -9.74 16.94 -7.12
N PHE A 88 -10.65 15.97 -7.05
CA PHE A 88 -11.06 15.25 -8.23
C PHE A 88 -9.91 15.12 -9.24
N ALA A 89 -8.89 14.38 -8.83
CA ALA A 89 -7.73 14.17 -9.68
C ALA A 89 -7.37 12.69 -9.68
N GLN A 90 -6.92 12.22 -10.84
CA GLN A 90 -6.54 10.83 -10.98
C GLN A 90 -5.19 10.57 -10.29
N TYR A 91 -5.25 9.78 -9.23
CA TYR A 91 -4.05 9.45 -8.48
C TYR A 91 -3.81 7.93 -8.47
N GLY A 92 -2.62 7.55 -8.93
CA GLY A 92 -2.26 6.15 -8.97
C GLY A 92 -1.49 5.75 -7.72
N VAL A 93 -1.92 4.65 -7.13
CA VAL A 93 -1.28 4.14 -5.93
C VAL A 93 -0.80 2.71 -6.17
N VAL A 94 0.23 2.32 -5.42
CA VAL A 94 0.78 0.98 -5.55
C VAL A 94 1.22 0.49 -4.17
N VAL A 95 0.59 -0.62 -3.75
CA VAL A 95 0.91 -1.20 -2.46
C VAL A 95 1.85 -2.39 -2.65
N GLN A 96 2.71 -2.59 -1.67
CA GLN A 96 3.66 -3.68 -1.72
C GLN A 96 4.05 -4.11 -0.30
N ALA A 97 4.25 -5.41 -0.15
CA ALA A 97 4.62 -5.97 1.15
C ALA A 97 6.15 -6.02 1.25
N PHE A 98 6.65 -5.47 2.35
CA PHE A 98 8.08 -5.45 2.58
C PHE A 98 8.42 -6.08 3.93
N ASN A 99 9.47 -6.90 3.91
CA ASN A 99 9.92 -7.57 5.13
C ASN A 99 11.39 -7.25 5.38
N ARG A 100 11.89 -7.77 6.49
CA ARG A 100 13.28 -7.54 6.84
C ARG A 100 14.21 -8.05 5.74
N ALA A 101 13.69 -8.97 4.95
CA ALA A 101 14.46 -9.53 3.85
C ALA A 101 14.56 -8.50 2.72
N GLY A 102 13.61 -7.58 2.73
CA GLY A 102 13.59 -6.53 1.71
C GLY A 102 12.15 -6.10 1.40
N THR A 103 11.98 -5.54 0.22
CA THR A 103 10.67 -5.09 -0.21
C THR A 103 10.18 -5.90 -1.41
N GLY A 104 8.88 -6.15 -1.43
CA GLY A 104 8.28 -6.91 -2.51
C GLY A 104 7.93 -6.01 -3.70
N PRO A 105 7.42 -6.66 -4.78
CA PRO A 105 7.04 -5.93 -5.98
C PRO A 105 5.74 -5.15 -5.76
N SER A 106 5.57 -4.10 -6.56
CA SER A 106 4.38 -3.27 -6.47
C SER A 106 3.19 -4.02 -7.07
N SER A 107 2.01 -3.66 -6.58
CA SER A 107 0.79 -4.29 -7.05
C SER A 107 0.32 -3.61 -8.35
N SER A 108 -0.72 -4.19 -8.93
CA SER A 108 -1.27 -3.66 -10.17
C SER A 108 -1.70 -2.20 -9.97
N GLU A 109 -1.02 -1.31 -10.67
CA GLU A 109 -1.31 0.11 -10.57
C GLU A 109 -2.82 0.35 -10.73
N ILE A 110 -3.36 1.17 -9.84
CA ILE A 110 -4.78 1.48 -9.87
C ILE A 110 -4.95 3.00 -9.92
N ASN A 111 -6.21 3.42 -9.83
CA ASN A 111 -6.53 4.83 -9.85
C ASN A 111 -7.83 5.07 -9.09
N ALA A 112 -8.04 6.32 -8.70
CA ALA A 112 -9.23 6.69 -7.97
C ALA A 112 -9.30 8.22 -7.85
N THR A 113 -10.08 8.82 -8.75
CA THR A 113 -10.23 10.26 -8.75
C THR A 113 -10.94 10.72 -7.48
N THR A 114 -10.20 11.47 -6.67
CA THR A 114 -10.75 11.98 -5.42
C THR A 114 -12.11 12.64 -5.66
N LEU A 115 -12.72 13.07 -4.57
CA LEU A 115 -14.02 13.72 -4.64
C LEU A 115 -13.86 15.14 -5.17
N GLU A 116 -14.82 15.56 -5.97
CA GLU A 116 -14.80 16.90 -6.54
C GLU A 116 -15.60 17.86 -5.68
N SER A 117 -16.21 17.30 -4.64
CA SER A 117 -17.02 18.11 -3.73
C SER A 117 -17.61 17.21 -2.63
N GLY A 118 -17.48 17.68 -1.41
CA GLY A 118 -18.00 16.94 -0.26
C GLY A 118 -17.25 15.62 -0.09
N PRO A 119 -17.25 15.12 1.18
CA PRO A 119 -16.57 13.87 1.49
C PRO A 119 -17.38 12.68 0.99
N SER A 120 -16.97 11.50 1.43
CA SER A 120 -17.65 10.27 1.05
C SER A 120 -18.43 9.70 2.23
N SER A 121 -19.75 9.81 2.14
CA SER A 121 -20.61 9.31 3.19
C SER A 121 -21.32 8.04 2.73
N GLY A 122 -20.84 6.91 3.22
CA GLY A 122 -21.42 5.62 2.86
C GLY A 122 -20.70 4.48 3.59
N GLY A 1 11.05 -2.45 28.30
CA GLY A 1 11.81 -3.31 29.20
C GLY A 1 11.06 -4.63 29.44
N SER A 2 11.03 -5.44 28.39
CA SER A 2 10.36 -6.74 28.47
C SER A 2 10.47 -7.46 27.13
N SER A 3 10.04 -6.78 26.08
CA SER A 3 10.08 -7.34 24.74
C SER A 3 9.22 -8.61 24.69
N GLY A 4 8.19 -8.54 23.85
CA GLY A 4 7.29 -9.68 23.69
C GLY A 4 7.73 -10.57 22.54
N SER A 5 6.76 -11.26 21.95
CA SER A 5 7.04 -12.14 20.83
C SER A 5 6.13 -11.80 19.65
N SER A 6 6.55 -12.24 18.47
CA SER A 6 5.79 -11.99 17.27
C SER A 6 5.32 -13.31 16.66
N GLY A 7 6.27 -14.16 16.34
CA GLY A 7 5.97 -15.46 15.76
C GLY A 7 6.62 -15.60 14.38
N ILE A 8 7.43 -16.63 14.25
CA ILE A 8 8.12 -16.89 12.99
C ILE A 8 8.95 -15.67 12.60
N SER A 9 10.26 -15.82 12.73
CA SER A 9 11.17 -14.74 12.40
C SER A 9 12.59 -15.29 12.24
N THR A 10 12.89 -15.75 11.04
CA THR A 10 14.20 -16.30 10.74
C THR A 10 14.30 -16.67 9.25
N GLU A 11 15.52 -16.60 8.74
CA GLU A 11 15.76 -16.93 7.34
C GLU A 11 14.56 -16.52 6.49
N GLU A 12 14.36 -15.21 6.39
CA GLU A 12 13.26 -14.68 5.61
C GLU A 12 13.72 -14.36 4.19
N ALA A 13 12.77 -14.40 3.27
CA ALA A 13 13.07 -14.12 1.88
C ALA A 13 12.05 -13.11 1.34
N ALA A 14 12.54 -12.22 0.48
CA ALA A 14 11.70 -11.21 -0.10
C ALA A 14 10.45 -11.87 -0.70
N PRO A 15 9.35 -11.08 -0.76
CA PRO A 15 8.10 -11.57 -1.30
C PRO A 15 8.16 -11.66 -2.84
N ASP A 16 7.61 -12.75 -3.35
CA ASP A 16 7.60 -12.97 -4.79
C ASP A 16 6.17 -12.84 -5.30
N GLY A 17 5.53 -11.74 -4.90
CA GLY A 17 4.16 -11.49 -5.32
C GLY A 17 3.57 -10.29 -4.56
N PRO A 18 2.74 -9.50 -5.29
CA PRO A 18 2.12 -8.32 -4.71
C PRO A 18 0.97 -8.73 -3.78
N PRO A 19 0.40 -7.70 -3.09
CA PRO A 19 -0.69 -7.94 -2.17
C PRO A 19 -2.00 -8.19 -2.93
N MET A 20 -3.01 -8.62 -2.18
CA MET A 20 -4.30 -8.90 -2.78
C MET A 20 -5.34 -7.87 -2.32
N ASP A 21 -6.44 -7.82 -3.06
CA ASP A 21 -7.51 -6.90 -2.75
C ASP A 21 -6.98 -5.47 -2.81
N VAL A 22 -6.22 -5.19 -3.87
CA VAL A 22 -5.64 -3.87 -4.05
C VAL A 22 -6.67 -2.97 -4.75
N THR A 23 -7.24 -2.06 -3.97
CA THR A 23 -8.23 -1.13 -4.51
C THR A 23 -8.19 0.18 -3.74
N LEU A 24 -8.57 1.25 -4.42
CA LEU A 24 -8.59 2.57 -3.82
C LEU A 24 -10.03 3.01 -3.58
N GLN A 25 -10.20 3.87 -2.60
CA GLN A 25 -11.52 4.38 -2.26
C GLN A 25 -11.42 5.79 -1.70
N PRO A 26 -12.03 6.75 -2.47
CA PRO A 26 -12.01 8.15 -2.05
C PRO A 26 -13.00 8.39 -0.91
N VAL A 27 -12.44 8.67 0.27
CA VAL A 27 -13.25 8.93 1.44
C VAL A 27 -13.45 10.43 1.61
N THR A 28 -12.42 11.17 1.21
CA THR A 28 -12.48 12.62 1.31
C THR A 28 -12.30 13.26 -0.08
N SER A 29 -11.72 14.45 -0.08
CA SER A 29 -11.50 15.17 -1.32
C SER A 29 -10.00 15.30 -1.58
N GLN A 30 -9.23 15.04 -0.54
CA GLN A 30 -7.77 15.13 -0.64
C GLN A 30 -7.13 13.90 0.02
N SER A 31 -7.79 12.77 -0.11
CA SER A 31 -7.29 11.53 0.47
C SER A 31 -7.99 10.33 -0.18
N ILE A 32 -7.39 9.17 0.01
CA ILE A 32 -7.93 7.94 -0.54
C ILE A 32 -7.59 6.77 0.38
N GLN A 33 -8.57 5.89 0.55
CA GLN A 33 -8.38 4.72 1.39
C GLN A 33 -7.90 3.53 0.57
N VAL A 34 -6.67 3.13 0.84
CA VAL A 34 -6.06 2.01 0.14
C VAL A 34 -6.11 0.77 1.03
N THR A 35 -6.95 -0.17 0.64
CA THR A 35 -7.09 -1.40 1.39
C THR A 35 -6.56 -2.60 0.58
N TRP A 36 -5.90 -3.50 1.29
CA TRP A 36 -5.33 -4.68 0.65
C TRP A 36 -5.20 -5.77 1.71
N LYS A 37 -5.01 -7.00 1.23
CA LYS A 37 -4.87 -8.13 2.12
C LYS A 37 -3.53 -8.82 1.86
N ALA A 38 -3.16 -9.71 2.77
CA ALA A 38 -1.92 -10.43 2.66
C ALA A 38 -1.77 -10.96 1.23
N PRO A 39 -0.50 -10.99 0.75
CA PRO A 39 -0.21 -11.46 -0.59
C PRO A 39 -0.31 -12.99 -0.67
N LYS A 40 0.02 -13.51 -1.84
CA LYS A 40 -0.02 -14.95 -2.05
C LYS A 40 0.49 -15.67 -0.79
N LYS A 41 -0.18 -16.76 -0.46
CA LYS A 41 0.19 -17.53 0.71
C LYS A 41 1.58 -18.14 0.48
N GLU A 42 1.72 -18.82 -0.64
CA GLU A 42 2.97 -19.46 -0.99
C GLU A 42 3.88 -18.48 -1.75
N LEU A 43 3.97 -17.28 -1.21
CA LEU A 43 4.79 -16.24 -1.82
C LEU A 43 5.38 -15.34 -0.73
N GLN A 44 4.52 -14.98 0.22
CA GLN A 44 4.94 -14.13 1.32
C GLN A 44 6.39 -14.42 1.69
N ASN A 45 6.70 -15.71 1.78
CA ASN A 45 8.05 -16.14 2.12
C ASN A 45 8.41 -15.59 3.51
N GLY A 46 7.59 -15.93 4.48
CA GLY A 46 7.82 -15.48 5.85
C GLY A 46 6.84 -14.35 6.21
N VAL A 47 7.02 -13.84 7.43
CA VAL A 47 6.17 -12.77 7.91
C VAL A 47 6.46 -11.50 7.11
N ILE A 48 5.62 -10.50 7.33
CA ILE A 48 5.77 -9.23 6.64
C ILE A 48 5.95 -8.11 7.67
N ARG A 49 6.98 -7.31 7.43
CA ARG A 49 7.27 -6.20 8.32
C ARG A 49 6.37 -5.01 8.02
N GLY A 50 6.09 -4.83 6.73
CA GLY A 50 5.22 -3.75 6.29
C GLY A 50 5.12 -3.71 4.77
N TYR A 51 4.27 -2.83 4.28
CA TYR A 51 4.06 -2.69 2.85
C TYR A 51 4.20 -1.22 2.41
N GLN A 52 4.74 -1.05 1.22
CA GLN A 52 4.94 0.29 0.68
C GLN A 52 3.76 0.68 -0.21
N ILE A 53 3.27 1.88 0.00
CA ILE A 53 2.15 2.39 -0.77
C ILE A 53 2.62 3.55 -1.65
N GLY A 54 2.93 3.23 -2.89
CA GLY A 54 3.40 4.23 -3.83
C GLY A 54 2.22 4.85 -4.60
N TYR A 55 2.18 6.17 -4.59
CA TYR A 55 1.11 6.89 -5.26
C TYR A 55 1.64 8.20 -5.87
N ARG A 56 1.08 8.56 -7.02
CA ARG A 56 1.48 9.78 -7.69
C ARG A 56 0.35 10.27 -8.60
N GLU A 57 0.33 11.57 -8.82
CA GLU A 57 -0.69 12.18 -9.66
C GLU A 57 -0.43 11.83 -11.13
N ASN A 58 -1.52 11.72 -11.87
CA ASN A 58 -1.44 11.39 -13.29
C ASN A 58 -1.56 12.67 -14.12
N SER A 59 -1.03 13.76 -13.57
CA SER A 59 -1.07 15.03 -14.24
C SER A 59 0.34 15.47 -14.62
N PRO A 60 0.41 16.36 -15.66
CA PRO A 60 1.69 16.86 -16.13
C PRO A 60 2.26 17.90 -15.16
N GLY A 61 2.89 17.41 -14.11
CA GLY A 61 3.49 18.27 -13.10
C GLY A 61 3.21 17.75 -11.69
N SER A 62 3.40 16.44 -11.54
CA SER A 62 3.19 15.81 -10.25
C SER A 62 4.47 15.86 -9.42
N ASN A 63 4.36 15.39 -8.19
CA ASN A 63 5.50 15.37 -7.28
C ASN A 63 6.75 14.93 -8.06
N GLY A 64 6.61 13.83 -8.77
CA GLY A 64 7.71 13.29 -9.55
C GLY A 64 7.69 11.76 -9.55
N GLN A 65 8.21 11.20 -8.47
CA GLN A 65 8.26 9.76 -8.32
C GLN A 65 7.18 9.27 -7.36
N TYR A 66 6.63 8.11 -7.67
CA TYR A 66 5.59 7.53 -6.85
C TYR A 66 5.87 7.76 -5.35
N SER A 67 5.00 8.53 -4.73
CA SER A 67 5.15 8.83 -3.31
C SER A 67 5.04 7.55 -2.49
N ILE A 68 6.17 7.11 -1.97
CA ILE A 68 6.22 5.91 -1.16
C ILE A 68 5.87 6.25 0.30
N VAL A 69 5.30 5.28 0.98
CA VAL A 69 4.93 5.47 2.38
C VAL A 69 5.18 4.18 3.15
N GLU A 70 6.09 4.27 4.11
CA GLU A 70 6.42 3.10 4.93
C GLU A 70 5.38 2.92 6.03
N MET A 71 5.04 1.66 6.27
CA MET A 71 4.06 1.34 7.29
C MET A 71 4.38 -0.01 7.96
N LYS A 72 3.56 -0.37 8.92
CA LYS A 72 3.73 -1.63 9.63
C LYS A 72 2.48 -2.49 9.46
N ALA A 73 2.71 -3.80 9.43
CA ALA A 73 1.61 -4.74 9.28
C ALA A 73 0.88 -4.90 10.62
N THR A 74 -0.39 -4.53 10.62
CA THR A 74 -1.20 -4.62 11.81
C THR A 74 -2.05 -5.89 11.78
N GLY A 75 -1.57 -6.87 11.03
CA GLY A 75 -2.28 -8.14 10.91
C GLY A 75 -2.19 -8.67 9.48
N ASP A 76 -3.23 -9.41 9.11
CA ASP A 76 -3.29 -9.99 7.77
C ASP A 76 -3.70 -8.91 6.77
N SER A 77 -4.72 -8.16 7.16
CA SER A 77 -5.22 -7.09 6.30
C SER A 77 -4.64 -5.75 6.74
N GLU A 78 -4.37 -4.90 5.76
CA GLU A 78 -3.80 -3.59 6.03
C GLU A 78 -4.51 -2.52 5.20
N VAL A 79 -4.41 -1.29 5.66
CA VAL A 79 -5.03 -0.18 4.97
C VAL A 79 -4.21 1.10 5.21
N TYR A 80 -4.23 1.98 4.23
CA TYR A 80 -3.50 3.23 4.32
C TYR A 80 -4.24 4.35 3.60
N THR A 81 -4.59 5.39 4.37
CA THR A 81 -5.30 6.53 3.82
C THR A 81 -4.31 7.56 3.28
N LEU A 82 -4.04 7.46 2.00
CA LEU A 82 -3.12 8.37 1.34
C LEU A 82 -3.76 9.77 1.26
N ASP A 83 -3.25 10.67 2.10
CA ASP A 83 -3.76 12.02 2.13
C ASP A 83 -2.88 12.92 1.27
N ASN A 84 -3.19 14.21 1.30
CA ASN A 84 -2.43 15.18 0.52
C ASN A 84 -2.54 14.84 -0.96
N LEU A 85 -3.76 14.88 -1.46
CA LEU A 85 -4.02 14.58 -2.85
C LEU A 85 -4.72 15.77 -3.51
N LYS A 86 -5.05 15.60 -4.78
CA LYS A 86 -5.71 16.66 -5.53
C LYS A 86 -7.22 16.45 -5.47
N LYS A 87 -7.95 17.52 -5.78
CA LYS A 87 -9.40 17.46 -5.76
C LYS A 87 -9.91 16.86 -7.07
N PHE A 88 -10.79 15.89 -6.94
CA PHE A 88 -11.36 15.23 -8.10
C PHE A 88 -10.30 15.05 -9.20
N ALA A 89 -9.39 14.13 -8.95
CA ALA A 89 -8.33 13.85 -9.90
C ALA A 89 -7.98 12.35 -9.85
N GLN A 90 -7.65 11.81 -11.01
CA GLN A 90 -7.30 10.41 -11.11
C GLN A 90 -5.89 10.17 -10.54
N TYR A 91 -5.80 9.21 -9.64
CA TYR A 91 -4.52 8.88 -9.02
C TYR A 91 -4.25 7.37 -9.12
N GLY A 92 -3.01 7.06 -9.48
CA GLY A 92 -2.60 5.68 -9.61
C GLY A 92 -1.53 5.32 -8.58
N VAL A 93 -1.91 4.44 -7.66
CA VAL A 93 -1.01 4.02 -6.62
C VAL A 93 -0.73 2.52 -6.76
N VAL A 94 0.37 2.08 -6.16
CA VAL A 94 0.75 0.68 -6.22
C VAL A 94 1.19 0.21 -4.83
N VAL A 95 0.61 -0.90 -4.41
CA VAL A 95 0.93 -1.45 -3.11
C VAL A 95 1.89 -2.63 -3.28
N GLN A 96 2.75 -2.80 -2.29
CA GLN A 96 3.71 -3.88 -2.32
C GLN A 96 4.10 -4.30 -0.89
N ALA A 97 4.36 -5.58 -0.74
CA ALA A 97 4.74 -6.11 0.56
C ALA A 97 6.26 -6.10 0.69
N PHE A 98 6.74 -5.40 1.71
CA PHE A 98 8.16 -5.30 1.95
C PHE A 98 8.53 -5.91 3.30
N ASN A 99 9.59 -6.71 3.29
CA ASN A 99 10.06 -7.36 4.50
C ASN A 99 11.53 -7.01 4.72
N ARG A 100 12.07 -7.51 5.83
CA ARG A 100 13.46 -7.26 6.17
C ARG A 100 14.38 -7.95 5.16
N ALA A 101 13.85 -9.00 4.54
CA ALA A 101 14.62 -9.76 3.56
C ALA A 101 14.71 -8.95 2.26
N GLY A 102 13.73 -8.08 2.07
CA GLY A 102 13.69 -7.24 0.88
C GLY A 102 12.25 -6.90 0.49
N THR A 103 12.12 -6.25 -0.64
CA THR A 103 10.80 -5.85 -1.13
C THR A 103 10.40 -6.71 -2.34
N GLY A 104 9.10 -6.94 -2.45
CA GLY A 104 8.58 -7.74 -3.55
C GLY A 104 8.04 -6.85 -4.67
N PRO A 105 7.34 -7.50 -5.64
CA PRO A 105 6.77 -6.78 -6.76
C PRO A 105 5.53 -5.99 -6.34
N SER A 106 5.12 -5.09 -7.22
CA SER A 106 3.96 -4.27 -6.94
C SER A 106 2.72 -4.87 -7.62
N SER A 107 1.56 -4.34 -7.24
CA SER A 107 0.31 -4.83 -7.80
C SER A 107 -0.14 -3.91 -8.94
N SER A 108 -1.06 -4.43 -9.74
CA SER A 108 -1.58 -3.68 -10.87
C SER A 108 -2.03 -2.29 -10.41
N GLU A 109 -1.40 -1.28 -10.99
CA GLU A 109 -1.71 0.09 -10.65
C GLU A 109 -3.14 0.43 -11.10
N ILE A 110 -4.01 0.65 -10.12
CA ILE A 110 -5.39 0.98 -10.41
C ILE A 110 -5.53 2.50 -10.52
N ASN A 111 -6.77 2.96 -10.43
CA ASN A 111 -7.06 4.37 -10.53
C ASN A 111 -8.35 4.69 -9.76
N ALA A 112 -8.30 5.77 -9.00
CA ALA A 112 -9.44 6.19 -8.21
C ALA A 112 -9.49 7.72 -8.16
N THR A 113 -10.36 8.28 -8.98
CA THR A 113 -10.52 9.73 -9.03
C THR A 113 -11.16 10.25 -7.74
N THR A 114 -10.45 11.13 -7.07
CA THR A 114 -10.95 11.71 -5.83
C THR A 114 -12.35 12.29 -6.04
N LEU A 115 -12.85 12.93 -4.99
CA LEU A 115 -14.17 13.53 -5.03
C LEU A 115 -14.04 15.01 -5.42
N GLU A 116 -15.14 15.55 -5.91
CA GLU A 116 -15.17 16.95 -6.31
C GLU A 116 -15.99 17.77 -5.32
N SER A 117 -16.56 17.07 -4.35
CA SER A 117 -17.36 17.73 -3.33
C SER A 117 -17.56 16.80 -2.14
N GLY A 118 -17.37 17.36 -0.95
CA GLY A 118 -17.51 16.60 0.27
C GLY A 118 -18.81 15.79 0.26
N PRO A 119 -18.72 14.55 0.83
CA PRO A 119 -19.88 13.68 0.89
C PRO A 119 -20.87 14.14 1.96
N SER A 120 -20.35 14.34 3.16
CA SER A 120 -21.17 14.78 4.27
C SER A 120 -22.07 15.93 3.82
N SER A 121 -23.30 15.91 4.35
CA SER A 121 -24.26 16.94 4.01
C SER A 121 -25.46 16.86 4.95
N GLY A 122 -25.75 17.98 5.61
CA GLY A 122 -26.86 18.05 6.54
C GLY A 122 -26.72 16.98 7.64
N GLY A 1 4.36 -2.87 20.05
CA GLY A 1 4.06 -3.77 18.95
C GLY A 1 4.48 -5.20 19.28
N SER A 2 3.61 -6.14 18.95
CA SER A 2 3.87 -7.54 19.22
C SER A 2 2.85 -8.41 18.47
N SER A 3 3.37 -9.46 17.85
CA SER A 3 2.52 -10.38 17.10
C SER A 3 2.85 -11.82 17.47
N GLY A 4 1.99 -12.72 17.04
CA GLY A 4 2.18 -14.14 17.32
C GLY A 4 2.80 -14.86 16.11
N SER A 5 3.61 -15.87 16.42
CA SER A 5 4.27 -16.64 15.37
C SER A 5 4.56 -18.06 15.88
N SER A 6 4.29 -19.03 15.02
CA SER A 6 4.53 -20.41 15.36
C SER A 6 5.56 -21.02 14.42
N GLY A 7 6.61 -21.57 15.02
CA GLY A 7 7.68 -22.18 14.25
C GLY A 7 8.86 -21.24 14.09
N ILE A 8 9.96 -21.59 14.73
CA ILE A 8 11.17 -20.77 14.66
C ILE A 8 11.98 -21.18 13.43
N SER A 9 12.43 -20.16 12.71
CA SER A 9 13.22 -20.40 11.51
C SER A 9 14.50 -19.57 11.56
N THR A 10 14.82 -18.94 10.44
CA THR A 10 16.02 -18.13 10.35
C THR A 10 16.27 -17.72 8.90
N GLU A 11 16.64 -16.46 8.73
CA GLU A 11 16.92 -15.93 7.40
C GLU A 11 15.68 -16.04 6.51
N GLU A 12 15.04 -14.89 6.31
CA GLU A 12 13.83 -14.84 5.50
C GLU A 12 14.19 -14.46 4.06
N ALA A 13 13.16 -14.32 3.25
CA ALA A 13 13.35 -13.95 1.85
C ALA A 13 12.30 -12.90 1.46
N ALA A 14 12.67 -12.08 0.49
CA ALA A 14 11.78 -11.03 0.02
C ALA A 14 10.49 -11.67 -0.50
N PRO A 15 9.43 -10.82 -0.59
CA PRO A 15 8.14 -11.28 -1.07
C PRO A 15 8.15 -11.49 -2.59
N ASP A 16 7.58 -12.61 -3.01
CA ASP A 16 7.52 -12.94 -4.43
C ASP A 16 6.08 -12.80 -4.92
N GLY A 17 5.56 -11.59 -4.79
CA GLY A 17 4.20 -11.31 -5.22
C GLY A 17 3.62 -10.13 -4.45
N PRO A 18 2.83 -9.30 -5.20
CA PRO A 18 2.20 -8.13 -4.60
C PRO A 18 1.02 -8.53 -3.71
N PRO A 19 0.47 -7.51 -2.99
CA PRO A 19 -0.66 -7.75 -2.11
C PRO A 19 -1.95 -7.92 -2.91
N MET A 20 -2.91 -8.58 -2.28
CA MET A 20 -4.20 -8.82 -2.91
C MET A 20 -5.24 -7.79 -2.46
N ASP A 21 -6.44 -7.93 -3.02
CA ASP A 21 -7.52 -7.02 -2.68
C ASP A 21 -7.03 -5.58 -2.82
N VAL A 22 -6.07 -5.39 -3.70
CA VAL A 22 -5.51 -4.07 -3.93
C VAL A 22 -6.52 -3.21 -4.69
N THR A 23 -7.04 -2.21 -3.99
CA THR A 23 -8.03 -1.33 -4.59
C THR A 23 -8.00 0.04 -3.89
N LEU A 24 -8.37 1.06 -4.65
CA LEU A 24 -8.38 2.42 -4.13
C LEU A 24 -9.83 2.85 -3.89
N GLN A 25 -9.99 3.92 -3.12
CA GLN A 25 -11.31 4.44 -2.82
C GLN A 25 -11.19 5.83 -2.20
N PRO A 26 -11.78 6.84 -2.91
CA PRO A 26 -11.74 8.21 -2.45
C PRO A 26 -12.73 8.41 -1.30
N VAL A 27 -12.17 8.60 -0.11
CA VAL A 27 -12.98 8.81 1.08
C VAL A 27 -13.21 10.31 1.28
N THR A 28 -12.20 11.08 0.91
CA THR A 28 -12.27 12.53 1.05
C THR A 28 -12.01 13.20 -0.30
N SER A 29 -11.82 14.51 -0.25
CA SER A 29 -11.56 15.28 -1.45
C SER A 29 -10.06 15.56 -1.58
N GLN A 30 -9.31 15.03 -0.63
CA GLN A 30 -7.87 15.21 -0.62
C GLN A 30 -7.18 13.97 -0.05
N SER A 31 -7.86 12.84 -0.16
CA SER A 31 -7.33 11.59 0.34
C SER A 31 -7.91 10.42 -0.43
N ILE A 32 -7.33 9.25 -0.21
CA ILE A 32 -7.79 8.04 -0.89
C ILE A 32 -7.48 6.83 0.00
N GLN A 33 -8.44 5.93 0.08
CA GLN A 33 -8.29 4.72 0.87
C GLN A 33 -7.69 3.61 0.02
N VAL A 34 -6.68 2.95 0.57
CA VAL A 34 -6.01 1.86 -0.11
C VAL A 34 -6.05 0.61 0.76
N THR A 35 -6.93 -0.31 0.38
CA THR A 35 -7.07 -1.55 1.11
C THR A 35 -6.54 -2.73 0.29
N TRP A 36 -5.86 -3.64 0.99
CA TRP A 36 -5.30 -4.81 0.34
C TRP A 36 -5.27 -5.95 1.36
N LYS A 37 -5.07 -7.15 0.85
CA LYS A 37 -5.02 -8.32 1.70
C LYS A 37 -3.63 -8.96 1.60
N ALA A 38 -3.33 -9.81 2.56
CA ALA A 38 -2.04 -10.50 2.60
C ALA A 38 -1.75 -11.07 1.21
N PRO A 39 -0.47 -10.88 0.78
CA PRO A 39 -0.04 -11.38 -0.52
C PRO A 39 0.15 -12.90 -0.49
N LYS A 40 -0.87 -13.60 -0.96
CA LYS A 40 -0.83 -15.05 -1.01
C LYS A 40 -0.38 -15.58 0.36
N LYS A 41 -0.09 -16.87 0.39
CA LYS A 41 0.35 -17.50 1.62
C LYS A 41 1.77 -18.04 1.44
N GLU A 42 1.97 -18.73 0.31
CA GLU A 42 3.27 -19.29 0.00
C GLU A 42 4.15 -18.24 -0.68
N LEU A 43 3.68 -17.01 -0.66
CA LEU A 43 4.41 -15.92 -1.26
C LEU A 43 5.08 -15.07 -0.17
N GLN A 44 4.38 -14.96 0.94
CA GLN A 44 4.88 -14.19 2.07
C GLN A 44 6.39 -14.40 2.22
N ASN A 45 6.82 -15.63 1.94
CA ASN A 45 8.22 -15.98 2.03
C ASN A 45 8.67 -15.86 3.49
N GLY A 46 7.70 -15.94 4.39
CA GLY A 46 7.97 -15.84 5.81
C GLY A 46 7.38 -14.56 6.40
N VAL A 47 6.06 -14.52 6.44
CA VAL A 47 5.35 -13.36 6.97
C VAL A 47 5.94 -12.09 6.35
N ILE A 48 5.29 -10.97 6.64
CA ILE A 48 5.73 -9.69 6.13
C ILE A 48 5.97 -8.73 7.29
N ARG A 49 7.04 -7.96 7.17
CA ARG A 49 7.40 -7.00 8.21
C ARG A 49 6.61 -5.70 8.02
N GLY A 50 6.41 -5.34 6.77
CA GLY A 50 5.68 -4.12 6.45
C GLY A 50 5.44 -4.01 4.94
N TYR A 51 4.67 -2.99 4.58
CA TYR A 51 4.35 -2.76 3.17
C TYR A 51 4.71 -1.33 2.76
N GLN A 52 4.59 -1.08 1.47
CA GLN A 52 4.89 0.24 0.93
C GLN A 52 3.79 0.69 -0.03
N ILE A 53 3.35 1.92 0.16
CA ILE A 53 2.31 2.49 -0.68
C ILE A 53 2.88 3.65 -1.49
N GLY A 54 3.01 3.42 -2.78
CA GLY A 54 3.55 4.44 -3.67
C GLY A 54 2.43 5.07 -4.51
N TYR A 55 2.23 6.36 -4.29
CA TYR A 55 1.20 7.10 -5.02
C TYR A 55 1.72 8.45 -5.50
N ARG A 56 1.22 8.87 -6.64
CA ARG A 56 1.63 10.14 -7.22
C ARG A 56 0.56 10.66 -8.17
N GLU A 57 0.39 11.97 -8.17
CA GLU A 57 -0.60 12.60 -9.03
C GLU A 57 -0.45 12.12 -10.47
N ASN A 58 -1.53 11.57 -10.99
CA ASN A 58 -1.53 11.06 -12.36
C ASN A 58 -1.92 12.19 -13.31
N SER A 59 -1.32 13.35 -13.09
CA SER A 59 -1.60 14.51 -13.92
C SER A 59 -0.32 14.99 -14.60
N PRO A 60 -0.50 15.76 -15.70
CA PRO A 60 0.63 16.29 -16.45
C PRO A 60 1.28 17.46 -15.70
N GLY A 61 2.07 17.12 -14.69
CA GLY A 61 2.74 18.12 -13.89
C GLY A 61 2.65 17.80 -12.40
N SER A 62 3.00 16.56 -12.07
CA SER A 62 2.96 16.12 -10.69
C SER A 62 4.33 16.31 -10.04
N ASN A 63 4.45 15.81 -8.82
CA ASN A 63 5.70 15.92 -8.08
C ASN A 63 6.84 15.38 -8.94
N GLY A 64 6.74 14.11 -9.30
CA GLY A 64 7.76 13.48 -10.11
C GLY A 64 7.74 11.96 -9.93
N GLN A 65 8.28 11.53 -8.80
CA GLN A 65 8.32 10.10 -8.50
C GLN A 65 7.14 9.71 -7.60
N TYR A 66 7.02 8.41 -7.37
CA TYR A 66 5.95 7.90 -6.53
C TYR A 66 6.29 8.04 -5.06
N SER A 67 5.42 8.74 -4.34
CA SER A 67 5.62 8.96 -2.92
C SER A 67 5.44 7.65 -2.16
N ILE A 68 6.53 7.15 -1.62
CA ILE A 68 6.50 5.91 -0.87
C ILE A 68 6.25 6.22 0.60
N VAL A 69 5.42 5.38 1.22
CA VAL A 69 5.08 5.55 2.62
C VAL A 69 5.32 4.24 3.36
N GLU A 70 6.22 4.31 4.35
CA GLU A 70 6.55 3.14 5.14
C GLU A 70 5.50 2.90 6.21
N MET A 71 5.10 1.65 6.35
CA MET A 71 4.09 1.28 7.33
C MET A 71 4.40 -0.09 7.93
N LYS A 72 3.52 -0.51 8.84
CA LYS A 72 3.68 -1.81 9.49
C LYS A 72 2.47 -2.68 9.16
N ALA A 73 2.72 -3.99 9.11
CA ALA A 73 1.66 -4.94 8.82
C ALA A 73 0.78 -5.11 10.05
N THR A 74 -0.41 -4.52 9.97
CA THR A 74 -1.37 -4.61 11.06
C THR A 74 -1.73 -6.06 11.34
N GLY A 75 -1.85 -6.83 10.27
CA GLY A 75 -2.19 -8.23 10.40
C GLY A 75 -2.29 -8.90 9.02
N ASP A 76 -3.38 -9.61 8.82
CA ASP A 76 -3.60 -10.29 7.55
C ASP A 76 -4.03 -9.28 6.50
N SER A 77 -4.66 -8.21 6.96
CA SER A 77 -5.12 -7.16 6.07
C SER A 77 -4.56 -5.80 6.52
N GLU A 78 -4.28 -4.96 5.53
CA GLU A 78 -3.75 -3.64 5.81
C GLU A 78 -4.46 -2.59 4.96
N VAL A 79 -4.38 -1.35 5.43
CA VAL A 79 -5.01 -0.25 4.72
C VAL A 79 -4.22 1.04 4.99
N TYR A 80 -4.21 1.91 3.98
CA TYR A 80 -3.50 3.17 4.09
C TYR A 80 -4.24 4.27 3.34
N THR A 81 -4.49 5.37 4.05
CA THR A 81 -5.19 6.51 3.47
C THR A 81 -4.19 7.62 3.13
N LEU A 82 -3.88 7.73 1.85
CA LEU A 82 -2.95 8.74 1.38
C LEU A 82 -3.63 10.11 1.43
N ASP A 83 -3.22 10.91 2.39
CA ASP A 83 -3.78 12.24 2.55
C ASP A 83 -2.96 13.24 1.73
N ASN A 84 -3.39 14.50 1.78
CA ASN A 84 -2.71 15.55 1.05
C ASN A 84 -2.75 15.23 -0.45
N LEU A 85 -3.98 15.15 -0.97
CA LEU A 85 -4.17 14.86 -2.38
C LEU A 85 -4.98 16.00 -3.02
N LYS A 86 -5.13 15.90 -4.34
CA LYS A 86 -5.87 16.90 -5.08
C LYS A 86 -7.36 16.57 -5.03
N LYS A 87 -8.13 17.37 -5.75
CA LYS A 87 -9.57 17.18 -5.79
C LYS A 87 -9.99 16.78 -7.21
N PHE A 88 -10.77 15.72 -7.29
CA PHE A 88 -11.24 15.22 -8.58
C PHE A 88 -10.09 15.11 -9.57
N ALA A 89 -9.07 14.37 -9.17
CA ALA A 89 -7.90 14.17 -10.01
C ALA A 89 -7.53 12.69 -10.04
N GLN A 90 -7.05 12.25 -11.19
CA GLN A 90 -6.66 10.86 -11.35
C GLN A 90 -5.34 10.59 -10.63
N TYR A 91 -5.39 9.70 -9.66
CA TYR A 91 -4.22 9.35 -8.88
C TYR A 91 -3.98 7.83 -8.90
N GLY A 92 -2.75 7.47 -9.22
CA GLY A 92 -2.38 6.07 -9.28
C GLY A 92 -1.50 5.68 -8.10
N VAL A 93 -1.82 4.53 -7.51
CA VAL A 93 -1.07 4.04 -6.36
C VAL A 93 -0.73 2.56 -6.58
N VAL A 94 0.35 2.14 -5.95
CA VAL A 94 0.79 0.75 -6.07
C VAL A 94 1.26 0.26 -4.70
N VAL A 95 0.58 -0.78 -4.22
CA VAL A 95 0.91 -1.36 -2.94
C VAL A 95 1.91 -2.50 -3.13
N GLN A 96 2.80 -2.63 -2.15
CA GLN A 96 3.80 -3.68 -2.21
C GLN A 96 4.23 -4.07 -0.79
N ALA A 97 4.44 -5.37 -0.61
CA ALA A 97 4.85 -5.89 0.68
C ALA A 97 6.37 -5.94 0.75
N PHE A 98 6.91 -5.42 1.85
CA PHE A 98 8.34 -5.39 2.05
C PHE A 98 8.73 -6.08 3.36
N ASN A 99 9.79 -6.86 3.30
CA ASN A 99 10.27 -7.57 4.46
C ASN A 99 11.74 -7.20 4.72
N ARG A 100 12.28 -7.78 5.79
CA ARG A 100 13.66 -7.51 6.15
C ARG A 100 14.61 -8.04 5.07
N ALA A 101 14.13 -9.04 4.35
CA ALA A 101 14.92 -9.65 3.28
C ALA A 101 14.97 -8.69 2.10
N GLY A 102 13.95 -7.85 2.01
CA GLY A 102 13.86 -6.88 0.92
C GLY A 102 12.40 -6.59 0.57
N THR A 103 12.23 -5.86 -0.52
CA THR A 103 10.90 -5.51 -0.99
C THR A 103 10.53 -6.34 -2.22
N GLY A 104 9.24 -6.62 -2.34
CA GLY A 104 8.74 -7.41 -3.46
C GLY A 104 8.11 -6.51 -4.52
N PRO A 105 7.45 -7.16 -5.51
CA PRO A 105 6.80 -6.43 -6.59
C PRO A 105 5.50 -5.80 -6.12
N SER A 106 5.08 -4.77 -6.83
CA SER A 106 3.85 -4.07 -6.50
C SER A 106 2.71 -4.57 -7.39
N SER A 107 1.50 -4.22 -6.98
CA SER A 107 0.31 -4.62 -7.73
C SER A 107 0.11 -3.68 -8.92
N SER A 108 -0.77 -4.11 -9.81
CA SER A 108 -1.06 -3.32 -11.01
C SER A 108 -1.38 -1.88 -10.61
N GLU A 109 -1.18 -0.99 -11.56
CA GLU A 109 -1.45 0.43 -11.33
C GLU A 109 -2.95 0.71 -11.46
N ILE A 110 -3.53 1.16 -10.36
CA ILE A 110 -4.95 1.47 -10.32
C ILE A 110 -5.13 2.99 -10.23
N ASN A 111 -6.38 3.39 -10.04
CA ASN A 111 -6.70 4.80 -9.93
C ASN A 111 -7.95 4.97 -9.07
N ALA A 112 -8.18 6.20 -8.64
CA ALA A 112 -9.33 6.51 -7.81
C ALA A 112 -9.55 8.02 -7.79
N THR A 113 -9.97 8.54 -8.94
CA THR A 113 -10.22 9.97 -9.07
C THR A 113 -10.89 10.51 -7.80
N THR A 114 -10.15 11.35 -7.10
CA THR A 114 -10.64 11.95 -5.87
C THR A 114 -12.05 12.51 -6.08
N LEU A 115 -12.63 13.00 -5.00
CA LEU A 115 -13.97 13.56 -5.06
C LEU A 115 -13.89 15.02 -5.52
N GLU A 116 -14.94 15.45 -6.20
CA GLU A 116 -15.00 16.82 -6.70
C GLU A 116 -15.78 17.71 -5.73
N SER A 117 -16.24 17.09 -4.66
CA SER A 117 -17.00 17.82 -3.65
C SER A 117 -18.27 18.40 -4.27
N GLY A 118 -19.41 17.99 -3.73
CA GLY A 118 -20.69 18.46 -4.21
C GLY A 118 -21.76 18.36 -3.12
N PRO A 119 -23.03 18.55 -3.56
CA PRO A 119 -24.15 18.47 -2.63
C PRO A 119 -24.46 17.03 -2.23
N SER A 120 -24.32 16.77 -0.94
CA SER A 120 -24.58 15.42 -0.42
C SER A 120 -23.66 14.42 -1.11
N SER A 121 -23.66 13.20 -0.57
CA SER A 121 -22.83 12.14 -1.12
C SER A 121 -23.55 11.45 -2.27
N GLY A 122 -24.73 10.93 -1.97
CA GLY A 122 -25.54 10.25 -2.97
C GLY A 122 -24.76 9.08 -3.58
N GLY A 1 20.59 -23.64 25.38
CA GLY A 1 20.50 -24.95 24.75
C GLY A 1 20.60 -24.84 23.23
N SER A 2 19.83 -25.68 22.56
CA SER A 2 19.83 -25.69 21.11
C SER A 2 21.19 -26.14 20.58
N SER A 3 21.18 -26.64 19.35
CA SER A 3 22.40 -27.11 18.72
C SER A 3 22.13 -27.50 17.27
N GLY A 4 23.20 -27.69 16.53
CA GLY A 4 23.10 -28.07 15.13
C GLY A 4 23.56 -26.93 14.22
N SER A 5 24.38 -27.29 13.24
CA SER A 5 24.89 -26.31 12.29
C SER A 5 23.79 -25.89 11.33
N SER A 6 22.97 -24.95 11.78
CA SER A 6 21.89 -24.44 10.96
C SER A 6 21.33 -23.15 11.55
N GLY A 7 20.58 -22.43 10.74
CA GLY A 7 19.98 -21.18 11.18
C GLY A 7 19.01 -21.41 12.33
N ILE A 8 18.68 -20.31 13.01
CA ILE A 8 17.76 -20.38 14.13
C ILE A 8 16.33 -20.09 13.65
N SER A 9 16.03 -20.60 12.45
CA SER A 9 14.73 -20.39 11.86
C SER A 9 14.51 -18.90 11.57
N THR A 10 15.59 -18.24 11.24
CA THR A 10 15.53 -16.82 10.93
C THR A 10 16.01 -16.56 9.50
N GLU A 11 16.66 -15.40 9.33
CA GLU A 11 17.16 -15.03 8.01
C GLU A 11 16.12 -15.31 6.93
N GLU A 12 15.26 -14.32 6.71
CA GLU A 12 14.21 -14.45 5.71
C GLU A 12 14.66 -13.81 4.39
N ALA A 13 13.78 -13.90 3.40
CA ALA A 13 14.07 -13.33 2.10
C ALA A 13 12.92 -12.41 1.69
N ALA A 14 13.27 -11.41 0.89
CA ALA A 14 12.28 -10.44 0.42
C ALA A 14 11.12 -11.19 -0.23
N PRO A 15 9.97 -10.48 -0.34
CA PRO A 15 8.78 -11.06 -0.95
C PRO A 15 8.92 -11.13 -2.47
N ASP A 16 8.25 -12.12 -3.04
CA ASP A 16 8.29 -12.31 -4.49
C ASP A 16 6.87 -12.27 -5.03
N GLY A 17 6.09 -11.32 -4.52
CA GLY A 17 4.72 -11.16 -4.95
C GLY A 17 4.04 -10.00 -4.22
N PRO A 18 3.30 -9.17 -5.02
CA PRO A 18 2.60 -8.03 -4.45
C PRO A 18 1.36 -8.47 -3.68
N PRO A 19 0.75 -7.48 -2.97
CA PRO A 19 -0.44 -7.75 -2.19
C PRO A 19 -1.67 -7.91 -3.08
N MET A 20 -2.72 -8.48 -2.50
CA MET A 20 -3.96 -8.69 -3.24
C MET A 20 -5.04 -7.72 -2.78
N ASP A 21 -6.15 -7.73 -3.51
CA ASP A 21 -7.27 -6.86 -3.18
C ASP A 21 -6.78 -5.41 -3.13
N VAL A 22 -5.85 -5.10 -4.02
CA VAL A 22 -5.29 -3.76 -4.08
C VAL A 22 -6.25 -2.85 -4.86
N THR A 23 -6.84 -1.91 -4.13
CA THR A 23 -7.78 -0.98 -4.73
C THR A 23 -7.78 0.35 -3.97
N LEU A 24 -8.22 1.38 -4.65
CA LEU A 24 -8.29 2.70 -4.04
C LEU A 24 -9.75 3.08 -3.79
N GLN A 25 -9.93 4.11 -2.98
CA GLN A 25 -11.27 4.58 -2.65
C GLN A 25 -11.21 5.94 -1.96
N PRO A 26 -11.83 6.95 -2.63
CA PRO A 26 -11.85 8.31 -2.10
C PRO A 26 -12.83 8.42 -0.93
N VAL A 27 -12.27 8.71 0.24
CA VAL A 27 -13.08 8.85 1.43
C VAL A 27 -13.29 10.34 1.73
N THR A 28 -12.29 11.13 1.36
CA THR A 28 -12.36 12.56 1.57
C THR A 28 -12.11 13.32 0.27
N SER A 29 -11.81 14.60 0.41
CA SER A 29 -11.56 15.43 -0.76
C SER A 29 -10.05 15.50 -1.02
N GLN A 30 -9.28 15.26 0.03
CA GLN A 30 -7.83 15.30 -0.07
C GLN A 30 -7.21 14.07 0.61
N SER A 31 -7.87 12.94 0.42
CA SER A 31 -7.40 11.70 1.00
C SER A 31 -8.09 10.51 0.33
N ILE A 32 -7.30 9.48 0.06
CA ILE A 32 -7.81 8.29 -0.57
C ILE A 32 -7.50 7.07 0.29
N GLN A 33 -8.40 6.10 0.27
CA GLN A 33 -8.22 4.89 1.05
C GLN A 33 -7.67 3.76 0.16
N VAL A 34 -6.68 3.07 0.68
CA VAL A 34 -6.07 1.97 -0.04
C VAL A 34 -6.13 0.70 0.81
N THR A 35 -6.90 -0.25 0.31
CA THR A 35 -7.06 -1.52 1.01
C THR A 35 -6.48 -2.66 0.19
N TRP A 36 -5.84 -3.59 0.88
CA TRP A 36 -5.23 -4.74 0.22
C TRP A 36 -5.22 -5.90 1.22
N LYS A 37 -5.12 -7.11 0.68
CA LYS A 37 -5.09 -8.30 1.50
C LYS A 37 -3.73 -8.98 1.36
N ALA A 38 -3.40 -9.79 2.36
CA ALA A 38 -2.13 -10.50 2.35
C ALA A 38 -1.83 -10.98 0.94
N PRO A 39 -0.51 -10.90 0.58
CA PRO A 39 -0.07 -11.33 -0.74
C PRO A 39 -0.04 -12.86 -0.84
N LYS A 40 0.18 -13.34 -2.05
CA LYS A 40 0.24 -14.76 -2.30
C LYS A 40 0.93 -15.45 -1.12
N LYS A 41 0.31 -16.52 -0.66
CA LYS A 41 0.86 -17.27 0.46
C LYS A 41 2.24 -17.82 0.08
N GLU A 42 2.26 -18.53 -1.03
CA GLU A 42 3.51 -19.11 -1.52
C GLU A 42 4.52 -18.01 -1.85
N LEU A 43 3.99 -16.81 -2.06
CA LEU A 43 4.83 -15.67 -2.37
C LEU A 43 4.82 -14.69 -1.19
N GLN A 44 5.09 -15.24 -0.02
CA GLN A 44 5.13 -14.43 1.19
C GLN A 44 6.57 -14.22 1.66
N ASN A 45 7.28 -15.32 1.80
CA ASN A 45 8.67 -15.27 2.23
C ASN A 45 8.72 -14.86 3.70
N GLY A 46 8.07 -15.67 4.54
CA GLY A 46 8.04 -15.40 5.96
C GLY A 46 7.08 -14.26 6.28
N VAL A 47 6.69 -14.18 7.55
CA VAL A 47 5.77 -13.15 7.99
C VAL A 47 6.18 -11.82 7.38
N ILE A 48 5.24 -10.88 7.39
CA ILE A 48 5.49 -9.56 6.83
C ILE A 48 5.64 -8.55 7.97
N ARG A 49 6.68 -7.74 7.87
CA ARG A 49 6.95 -6.73 8.88
C ARG A 49 6.10 -5.48 8.62
N GLY A 50 5.78 -5.28 7.35
CA GLY A 50 4.98 -4.14 6.95
C GLY A 50 4.88 -4.04 5.43
N TYR A 51 4.28 -2.95 4.98
CA TYR A 51 4.11 -2.72 3.55
C TYR A 51 4.32 -1.24 3.20
N GLN A 52 4.55 -1.00 1.91
CA GLN A 52 4.76 0.36 1.45
C GLN A 52 3.59 0.80 0.55
N ILE A 53 3.33 2.09 0.58
CA ILE A 53 2.25 2.66 -0.23
C ILE A 53 2.77 3.86 -1.01
N GLY A 54 3.16 3.60 -2.25
CA GLY A 54 3.67 4.64 -3.11
C GLY A 54 2.54 5.33 -3.89
N TYR A 55 2.35 6.60 -3.60
CA TYR A 55 1.30 7.36 -4.26
C TYR A 55 1.85 8.68 -4.80
N ARG A 56 1.35 9.07 -5.97
CA ARG A 56 1.79 10.31 -6.60
C ARG A 56 0.72 10.80 -7.58
N GLU A 57 0.66 12.11 -7.72
CA GLU A 57 -0.31 12.72 -8.61
C GLU A 57 -0.14 12.18 -10.02
N ASN A 58 -1.19 11.53 -10.51
CA ASN A 58 -1.17 10.96 -11.85
C ASN A 58 -1.77 11.96 -12.84
N SER A 59 -1.36 13.21 -12.70
CA SER A 59 -1.86 14.26 -13.57
C SER A 59 -1.09 14.25 -14.89
N PRO A 60 -1.64 15.00 -15.88
CA PRO A 60 -1.02 15.08 -17.19
C PRO A 60 0.22 15.97 -17.16
N GLY A 61 1.35 15.35 -16.85
CA GLY A 61 2.60 16.08 -16.77
C GLY A 61 3.18 16.04 -15.36
N SER A 62 3.08 14.88 -14.74
CA SER A 62 3.57 14.70 -13.39
C SER A 62 5.02 14.22 -13.42
N ASN A 63 5.69 14.35 -12.28
CA ASN A 63 7.07 13.93 -12.17
C ASN A 63 7.56 14.18 -10.75
N GLY A 64 6.67 13.94 -9.79
CA GLY A 64 7.01 14.13 -8.39
C GLY A 64 7.33 12.79 -7.72
N GLN A 65 7.73 11.84 -8.55
CA GLN A 65 8.07 10.51 -8.05
C GLN A 65 6.95 9.97 -7.17
N TYR A 66 7.09 8.69 -6.81
CA TYR A 66 6.10 8.04 -5.98
C TYR A 66 6.44 8.19 -4.49
N SER A 67 5.55 8.86 -3.78
CA SER A 67 5.73 9.07 -2.36
C SER A 67 5.56 7.76 -1.59
N ILE A 68 6.68 7.22 -1.14
CA ILE A 68 6.67 5.96 -0.41
C ILE A 68 6.34 6.25 1.07
N VAL A 69 5.61 5.34 1.67
CA VAL A 69 5.23 5.47 3.06
C VAL A 69 5.23 4.10 3.72
N GLU A 70 6.17 3.93 4.65
CA GLU A 70 6.30 2.68 5.36
C GLU A 70 5.33 2.64 6.56
N MET A 71 4.71 1.49 6.74
CA MET A 71 3.77 1.31 7.83
C MET A 71 3.89 -0.09 8.45
N LYS A 72 3.03 -0.34 9.42
CA LYS A 72 3.04 -1.63 10.10
C LYS A 72 1.99 -2.54 9.46
N ALA A 73 2.22 -3.84 9.59
CA ALA A 73 1.30 -4.81 9.03
C ALA A 73 0.24 -5.17 10.08
N THR A 74 -0.91 -4.52 9.95
CA THR A 74 -2.00 -4.76 10.88
C THR A 74 -2.24 -6.26 11.05
N GLY A 75 -2.09 -6.98 9.95
CA GLY A 75 -2.28 -8.42 9.97
C GLY A 75 -2.31 -8.99 8.54
N ASP A 76 -3.30 -9.83 8.29
CA ASP A 76 -3.45 -10.44 6.99
C ASP A 76 -3.79 -9.36 5.95
N SER A 77 -4.60 -8.41 6.40
CA SER A 77 -5.00 -7.31 5.53
C SER A 77 -4.55 -5.98 6.12
N GLU A 78 -4.19 -5.06 5.23
CA GLU A 78 -3.75 -3.74 5.65
C GLU A 78 -4.47 -2.66 4.85
N VAL A 79 -4.52 -1.47 5.44
CA VAL A 79 -5.18 -0.35 4.79
C VAL A 79 -4.44 0.94 5.17
N TYR A 80 -4.42 1.87 4.21
CA TYR A 80 -3.76 3.15 4.43
C TYR A 80 -4.48 4.27 3.68
N THR A 81 -4.60 5.40 4.36
CA THR A 81 -5.28 6.55 3.78
C THR A 81 -4.25 7.64 3.43
N LEU A 82 -4.00 7.77 2.14
CA LEU A 82 -3.05 8.77 1.66
C LEU A 82 -3.72 10.15 1.66
N ASP A 83 -3.32 10.96 2.62
CA ASP A 83 -3.88 12.30 2.75
C ASP A 83 -3.00 13.28 1.95
N ASN A 84 -3.36 14.55 2.05
CA ASN A 84 -2.62 15.59 1.35
C ASN A 84 -2.71 15.34 -0.16
N LEU A 85 -3.92 15.05 -0.61
CA LEU A 85 -4.15 14.79 -2.02
C LEU A 85 -4.90 15.97 -2.63
N LYS A 86 -4.93 15.99 -3.97
CA LYS A 86 -5.61 17.05 -4.69
C LYS A 86 -7.12 16.80 -4.65
N LYS A 87 -7.84 17.58 -5.44
CA LYS A 87 -9.28 17.46 -5.52
C LYS A 87 -9.69 17.15 -6.96
N PHE A 88 -10.64 16.23 -7.09
CA PHE A 88 -11.13 15.84 -8.39
C PHE A 88 -9.97 15.60 -9.37
N ALA A 89 -8.90 15.05 -8.82
CA ALA A 89 -7.72 14.77 -9.63
C ALA A 89 -7.39 13.27 -9.53
N GLN A 90 -6.92 12.74 -10.66
CA GLN A 90 -6.57 11.33 -10.72
C GLN A 90 -5.26 11.08 -9.99
N TYR A 91 -5.27 10.04 -9.16
CA TYR A 91 -4.08 9.68 -8.40
C TYR A 91 -3.80 8.18 -8.49
N GLY A 92 -2.57 7.87 -8.85
CA GLY A 92 -2.16 6.48 -8.98
C GLY A 92 -1.17 6.09 -7.88
N VAL A 93 -1.53 5.04 -7.15
CA VAL A 93 -0.69 4.55 -6.06
C VAL A 93 -0.54 3.04 -6.18
N VAL A 94 0.49 2.53 -5.51
CA VAL A 94 0.76 1.11 -5.52
C VAL A 94 0.98 0.61 -4.09
N VAL A 95 1.09 -0.70 -3.96
CA VAL A 95 1.31 -1.30 -2.66
C VAL A 95 2.23 -2.52 -2.81
N GLN A 96 3.12 -2.65 -1.84
CA GLN A 96 4.06 -3.77 -1.85
C GLN A 96 4.38 -4.20 -0.42
N ALA A 97 4.67 -5.50 -0.28
CA ALA A 97 4.99 -6.06 1.01
C ALA A 97 6.51 -5.98 1.25
N PHE A 98 6.87 -5.45 2.40
CA PHE A 98 8.27 -5.31 2.74
C PHE A 98 8.57 -5.97 4.09
N ASN A 99 9.63 -6.77 4.10
CA ASN A 99 10.03 -7.46 5.32
C ASN A 99 11.49 -7.11 5.64
N ARG A 100 11.95 -7.64 6.76
CA ARG A 100 13.32 -7.40 7.20
C ARG A 100 14.31 -7.86 6.13
N ALA A 101 13.83 -8.79 5.31
CA ALA A 101 14.66 -9.34 4.25
C ALA A 101 14.80 -8.29 3.14
N GLY A 102 13.83 -7.40 3.07
CA GLY A 102 13.82 -6.35 2.06
C GLY A 102 12.40 -6.03 1.62
N THR A 103 12.30 -5.51 0.40
CA THR A 103 11.01 -5.15 -0.16
C THR A 103 10.75 -5.94 -1.45
N GLY A 104 9.47 -6.14 -1.72
CA GLY A 104 9.07 -6.86 -2.91
C GLY A 104 8.65 -5.91 -4.03
N PRO A 105 8.10 -6.51 -5.13
CA PRO A 105 7.65 -5.73 -6.26
C PRO A 105 6.34 -5.02 -5.96
N SER A 106 6.06 -3.98 -6.74
CA SER A 106 4.84 -3.22 -6.56
C SER A 106 3.64 -3.99 -7.12
N SER A 107 2.46 -3.49 -6.82
CA SER A 107 1.24 -4.12 -7.29
C SER A 107 0.67 -3.36 -8.48
N SER A 108 -0.17 -4.04 -9.24
CA SER A 108 -0.79 -3.42 -10.41
C SER A 108 -1.25 -2.01 -10.09
N GLU A 109 -0.66 -1.05 -10.78
CA GLU A 109 -1.00 0.35 -10.57
C GLU A 109 -2.48 0.57 -10.82
N ILE A 110 -3.06 1.48 -10.03
CA ILE A 110 -4.47 1.80 -10.17
C ILE A 110 -4.65 3.32 -10.14
N ASN A 111 -5.90 3.73 -10.13
CA ASN A 111 -6.23 5.15 -10.10
C ASN A 111 -7.59 5.35 -9.44
N ALA A 112 -7.72 6.48 -8.75
CA ALA A 112 -8.96 6.79 -8.07
C ALA A 112 -9.11 8.32 -7.98
N THR A 113 -9.70 8.88 -9.01
CA THR A 113 -9.90 10.33 -9.06
C THR A 113 -10.75 10.78 -7.87
N THR A 114 -10.09 11.41 -6.92
CA THR A 114 -10.77 11.91 -5.73
C THR A 114 -12.12 12.52 -6.10
N LEU A 115 -13.02 12.53 -5.13
CA LEU A 115 -14.34 13.10 -5.35
C LEU A 115 -14.21 14.46 -6.02
N GLU A 116 -15.36 15.02 -6.38
CA GLU A 116 -15.38 16.32 -7.03
C GLU A 116 -15.59 17.43 -5.99
N SER A 117 -15.76 17.01 -4.74
CA SER A 117 -15.98 17.95 -3.66
C SER A 117 -17.13 18.89 -4.01
N GLY A 118 -18.31 18.54 -3.52
CA GLY A 118 -19.49 19.35 -3.76
C GLY A 118 -20.24 19.64 -2.46
N PRO A 119 -21.52 20.08 -2.62
CA PRO A 119 -22.35 20.40 -1.46
C PRO A 119 -22.83 19.12 -0.77
N SER A 120 -21.87 18.37 -0.25
CA SER A 120 -22.18 17.13 0.44
C SER A 120 -23.30 16.39 -0.29
N SER A 121 -22.91 15.55 -1.22
CA SER A 121 -23.87 14.77 -1.99
C SER A 121 -24.09 13.41 -1.34
N GLY A 122 -25.33 13.20 -0.89
CA GLY A 122 -25.69 11.96 -0.24
C GLY A 122 -26.95 12.13 0.60
N GLY A 1 1.81 -4.46 22.31
CA GLY A 1 1.55 -5.86 22.60
C GLY A 1 2.49 -6.76 21.80
N SER A 2 3.14 -7.68 22.50
CA SER A 2 4.05 -8.60 21.86
C SER A 2 4.13 -9.90 22.67
N SER A 3 4.66 -10.93 22.02
CA SER A 3 4.80 -12.23 22.65
C SER A 3 5.47 -13.22 21.71
N GLY A 4 6.17 -14.18 22.30
CA GLY A 4 6.87 -15.18 21.52
C GLY A 4 7.40 -16.30 22.41
N SER A 5 8.27 -17.11 21.84
CA SER A 5 8.85 -18.23 22.58
C SER A 5 10.14 -18.68 21.89
N SER A 6 10.01 -19.06 20.63
CA SER A 6 11.15 -19.52 19.86
C SER A 6 11.13 -18.89 18.46
N GLY A 7 12.26 -18.99 17.78
CA GLY A 7 12.38 -18.44 16.44
C GLY A 7 13.11 -19.41 15.52
N ILE A 8 12.32 -20.07 14.67
CA ILE A 8 12.87 -21.03 13.73
C ILE A 8 13.03 -20.36 12.36
N SER A 9 14.16 -20.63 11.74
CA SER A 9 14.45 -20.06 10.43
C SER A 9 14.53 -18.54 10.52
N THR A 10 15.71 -18.06 10.87
CA THR A 10 15.93 -16.62 11.00
C THR A 10 16.47 -16.04 9.69
N GLU A 11 16.33 -16.82 8.63
CA GLU A 11 16.80 -16.41 7.32
C GLU A 11 15.64 -16.40 6.32
N GLU A 12 15.03 -15.24 6.18
CA GLU A 12 13.91 -15.08 5.27
C GLU A 12 14.39 -14.48 3.95
N ALA A 13 13.44 -14.25 3.05
CA ALA A 13 13.74 -13.68 1.75
C ALA A 13 12.64 -12.71 1.35
N ALA A 14 13.04 -11.65 0.67
CA ALA A 14 12.10 -10.64 0.22
C ALA A 14 10.91 -11.33 -0.44
N PRO A 15 9.75 -10.61 -0.44
CA PRO A 15 8.54 -11.14 -1.04
C PRO A 15 8.60 -11.08 -2.56
N ASP A 16 8.26 -12.21 -3.18
CA ASP A 16 8.29 -12.31 -4.63
C ASP A 16 6.86 -12.23 -5.16
N GLY A 17 6.19 -11.15 -4.81
CA GLY A 17 4.80 -10.94 -5.24
C GLY A 17 4.16 -9.79 -4.46
N PRO A 18 3.40 -8.96 -5.22
CA PRO A 18 2.71 -7.82 -4.63
C PRO A 18 1.50 -8.27 -3.83
N PRO A 19 0.89 -7.29 -3.11
CA PRO A 19 -0.28 -7.57 -2.29
C PRO A 19 -1.53 -7.74 -3.17
N MET A 20 -2.53 -8.39 -2.60
CA MET A 20 -3.78 -8.64 -3.31
C MET A 20 -4.89 -7.72 -2.79
N ASP A 21 -6.05 -7.86 -3.41
CA ASP A 21 -7.20 -7.06 -3.02
C ASP A 21 -6.81 -5.58 -3.01
N VAL A 22 -5.87 -5.24 -3.89
CA VAL A 22 -5.41 -3.87 -3.99
C VAL A 22 -6.46 -3.02 -4.69
N THR A 23 -7.13 -2.18 -3.90
CA THR A 23 -8.16 -1.31 -4.44
C THR A 23 -8.08 0.06 -3.79
N LEU A 24 -8.58 1.05 -4.53
CA LEU A 24 -8.57 2.42 -4.03
C LEU A 24 -10.00 2.92 -3.89
N GLN A 25 -10.17 3.94 -3.06
CA GLN A 25 -11.48 4.52 -2.83
C GLN A 25 -11.35 5.90 -2.17
N PRO A 26 -11.93 6.92 -2.86
CA PRO A 26 -11.88 8.28 -2.35
C PRO A 26 -12.85 8.46 -1.18
N VAL A 27 -12.29 8.81 -0.04
CA VAL A 27 -13.09 9.02 1.15
C VAL A 27 -13.19 10.52 1.43
N THR A 28 -12.08 11.21 1.25
CA THR A 28 -12.03 12.64 1.48
C THR A 28 -11.65 13.38 0.19
N SER A 29 -11.60 14.70 0.28
CA SER A 29 -11.25 15.52 -0.86
C SER A 29 -9.73 15.57 -1.01
N GLN A 30 -9.04 15.31 0.08
CA GLN A 30 -7.58 15.33 0.08
C GLN A 30 -7.04 14.05 0.70
N SER A 31 -7.57 12.92 0.23
CA SER A 31 -7.15 11.63 0.73
C SER A 31 -7.88 10.52 -0.02
N ILE A 32 -7.43 9.29 0.20
CA ILE A 32 -8.03 8.14 -0.44
C ILE A 32 -7.83 6.91 0.44
N GLN A 33 -8.66 5.90 0.20
CA GLN A 33 -8.59 4.66 0.97
C GLN A 33 -7.94 3.56 0.13
N VAL A 34 -6.88 2.98 0.68
CA VAL A 34 -6.17 1.92 0.01
C VAL A 34 -6.27 0.63 0.83
N THR A 35 -6.87 -0.38 0.22
CA THR A 35 -7.04 -1.65 0.89
C THR A 35 -6.38 -2.77 0.08
N TRP A 36 -5.73 -3.68 0.79
CA TRP A 36 -5.05 -4.80 0.15
C TRP A 36 -4.99 -5.95 1.14
N LYS A 37 -4.76 -7.15 0.61
CA LYS A 37 -4.67 -8.33 1.45
C LYS A 37 -3.26 -8.92 1.35
N ALA A 38 -3.01 -9.92 2.18
CA ALA A 38 -1.72 -10.58 2.19
C ALA A 38 -1.35 -11.01 0.77
N PRO A 39 -0.05 -10.77 0.42
CA PRO A 39 0.43 -11.14 -0.90
C PRO A 39 0.64 -12.65 -1.01
N LYS A 40 -0.34 -13.31 -1.61
CA LYS A 40 -0.28 -14.75 -1.79
C LYS A 40 0.18 -15.39 -0.48
N LYS A 41 0.51 -16.68 -0.58
CA LYS A 41 0.96 -17.43 0.58
C LYS A 41 2.38 -17.94 0.32
N GLU A 42 2.55 -18.53 -0.86
CA GLU A 42 3.85 -19.07 -1.23
C GLU A 42 4.80 -17.93 -1.63
N LEU A 43 4.22 -16.76 -1.81
CA LEU A 43 4.99 -15.59 -2.18
C LEU A 43 5.36 -14.79 -0.93
N GLN A 44 4.59 -15.02 0.13
CA GLN A 44 4.81 -14.33 1.39
C GLN A 44 6.28 -14.46 1.80
N ASN A 45 6.90 -15.54 1.35
CA ASN A 45 8.30 -15.79 1.67
C ASN A 45 8.55 -15.44 3.13
N GLY A 46 7.61 -15.85 3.98
CA GLY A 46 7.72 -15.59 5.40
C GLY A 46 6.78 -14.46 5.82
N VAL A 47 6.73 -14.24 7.13
CA VAL A 47 5.87 -13.20 7.68
C VAL A 47 6.20 -11.86 7.00
N ILE A 48 5.43 -10.85 7.36
CA ILE A 48 5.62 -9.53 6.79
C ILE A 48 5.80 -8.52 7.93
N ARG A 49 6.63 -7.52 7.67
CA ARG A 49 6.89 -6.49 8.65
C ARG A 49 6.04 -5.25 8.36
N GLY A 50 5.68 -5.10 7.10
CA GLY A 50 4.87 -3.97 6.67
C GLY A 50 4.84 -3.86 5.14
N TYR A 51 4.16 -2.83 4.67
CA TYR A 51 4.04 -2.60 3.24
C TYR A 51 4.24 -1.12 2.91
N GLN A 52 4.69 -0.89 1.68
CA GLN A 52 4.93 0.48 1.23
C GLN A 52 3.83 0.91 0.26
N ILE A 53 3.35 2.13 0.46
CA ILE A 53 2.31 2.68 -0.38
C ILE A 53 2.81 3.94 -1.08
N GLY A 54 2.98 3.82 -2.39
CA GLY A 54 3.46 4.94 -3.18
C GLY A 54 2.32 5.58 -3.97
N TYR A 55 2.20 6.90 -3.82
CA TYR A 55 1.17 7.64 -4.52
C TYR A 55 1.72 8.92 -5.13
N ARG A 56 1.28 9.21 -6.34
CA ARG A 56 1.72 10.41 -7.04
C ARG A 56 0.67 10.85 -8.05
N GLU A 57 0.46 12.16 -8.11
CA GLU A 57 -0.51 12.72 -9.04
C GLU A 57 -0.40 12.05 -10.40
N ASN A 58 -1.55 11.64 -10.92
CA ASN A 58 -1.59 10.98 -12.22
C ASN A 58 -1.90 12.01 -13.30
N SER A 59 -1.29 13.18 -13.14
CA SER A 59 -1.49 14.26 -14.09
C SER A 59 -0.43 14.18 -15.20
N PRO A 60 -0.83 14.69 -16.40
CA PRO A 60 0.08 14.68 -17.54
C PRO A 60 1.15 15.77 -17.41
N GLY A 61 2.24 15.39 -16.76
CA GLY A 61 3.34 16.31 -16.55
C GLY A 61 3.57 16.57 -15.06
N SER A 62 3.36 15.53 -14.27
CA SER A 62 3.54 15.62 -12.84
C SER A 62 5.01 15.45 -12.47
N ASN A 63 5.30 15.60 -11.18
CA ASN A 63 6.66 15.47 -10.70
C ASN A 63 7.22 14.12 -11.13
N GLY A 64 6.55 13.06 -10.69
CA GLY A 64 6.97 11.71 -11.02
C GLY A 64 7.26 10.90 -9.75
N GLN A 65 8.19 11.41 -8.96
CA GLN A 65 8.57 10.75 -7.72
C GLN A 65 7.33 10.30 -6.97
N TYR A 66 7.33 9.04 -6.56
CA TYR A 66 6.21 8.48 -5.83
C TYR A 66 6.41 8.64 -4.32
N SER A 67 5.39 9.19 -3.67
CA SER A 67 5.45 9.41 -2.24
C SER A 67 5.23 8.08 -1.50
N ILE A 68 6.32 7.55 -0.96
CA ILE A 68 6.26 6.30 -0.23
C ILE A 68 5.88 6.58 1.22
N VAL A 69 5.16 5.63 1.80
CA VAL A 69 4.72 5.75 3.18
C VAL A 69 4.90 4.42 3.90
N GLU A 70 5.75 4.44 4.92
CA GLU A 70 6.03 3.25 5.69
C GLU A 70 4.92 3.00 6.71
N MET A 71 4.53 1.73 6.82
CA MET A 71 3.48 1.35 7.74
C MET A 71 3.82 0.04 8.45
N LYS A 72 2.93 -0.36 9.35
CA LYS A 72 3.12 -1.59 10.10
C LYS A 72 1.94 -2.53 9.85
N ALA A 73 2.24 -3.82 9.87
CA ALA A 73 1.21 -4.82 9.64
C ALA A 73 0.48 -5.10 10.97
N THR A 74 -0.82 -5.31 10.85
CA THR A 74 -1.64 -5.58 12.02
C THR A 74 -2.49 -6.83 11.80
N GLY A 75 -2.15 -7.56 10.74
CA GLY A 75 -2.86 -8.78 10.41
C GLY A 75 -2.54 -9.23 8.98
N ASP A 76 -3.57 -9.70 8.29
CA ASP A 76 -3.41 -10.16 6.92
C ASP A 76 -3.82 -9.05 5.97
N SER A 77 -4.86 -8.32 6.34
CA SER A 77 -5.35 -7.23 5.53
C SER A 77 -4.96 -5.89 6.16
N GLU A 78 -4.39 -5.02 5.34
CA GLU A 78 -3.97 -3.71 5.79
C GLU A 78 -4.58 -2.62 4.92
N VAL A 79 -4.60 -1.40 5.46
CA VAL A 79 -5.14 -0.27 4.74
C VAL A 79 -4.38 1.00 5.13
N TYR A 80 -4.26 1.90 4.18
CA TYR A 80 -3.57 3.15 4.41
C TYR A 80 -4.27 4.31 3.69
N THR A 81 -4.61 5.32 4.48
CA THR A 81 -5.29 6.49 3.95
C THR A 81 -4.27 7.55 3.51
N LEU A 82 -3.94 7.53 2.23
CA LEU A 82 -2.99 8.47 1.68
C LEU A 82 -3.60 9.88 1.68
N ASP A 83 -3.12 10.70 2.61
CA ASP A 83 -3.61 12.06 2.73
C ASP A 83 -2.72 12.98 1.90
N ASN A 84 -3.06 14.27 1.94
CA ASN A 84 -2.31 15.27 1.20
C ASN A 84 -2.44 14.98 -0.30
N LEU A 85 -3.65 15.17 -0.80
CA LEU A 85 -3.92 14.94 -2.21
C LEU A 85 -4.60 16.16 -2.81
N LYS A 86 -5.07 16.02 -4.04
CA LYS A 86 -5.74 17.10 -4.73
C LYS A 86 -7.23 16.79 -4.80
N LYS A 87 -8.01 17.84 -5.05
CA LYS A 87 -9.45 17.70 -5.15
C LYS A 87 -9.81 17.13 -6.52
N PHE A 88 -10.72 16.15 -6.50
CA PHE A 88 -11.15 15.52 -7.74
C PHE A 88 -10.00 15.38 -8.73
N ALA A 89 -9.00 14.60 -8.32
CA ALA A 89 -7.83 14.38 -9.15
C ALA A 89 -7.47 12.90 -9.12
N GLN A 90 -7.18 12.37 -10.30
CA GLN A 90 -6.81 10.96 -10.42
C GLN A 90 -5.39 10.74 -9.91
N TYR A 91 -5.24 9.75 -9.04
CA TYR A 91 -3.95 9.43 -8.48
C TYR A 91 -3.66 7.93 -8.56
N GLY A 92 -2.55 7.61 -9.21
CA GLY A 92 -2.15 6.22 -9.37
C GLY A 92 -1.15 5.80 -8.30
N VAL A 93 -1.64 5.05 -7.33
CA VAL A 93 -0.78 4.59 -6.25
C VAL A 93 -0.60 3.07 -6.36
N VAL A 94 0.48 2.59 -5.76
CA VAL A 94 0.78 1.16 -5.79
C VAL A 94 0.88 0.64 -4.37
N VAL A 95 1.14 -0.66 -4.25
CA VAL A 95 1.25 -1.29 -2.95
C VAL A 95 2.27 -2.43 -3.04
N GLN A 96 3.14 -2.49 -2.04
CA GLN A 96 4.17 -3.51 -1.99
C GLN A 96 4.48 -3.88 -0.54
N ALA A 97 4.68 -5.17 -0.32
CA ALA A 97 4.99 -5.67 1.01
C ALA A 97 6.51 -5.68 1.20
N PHE A 98 6.96 -4.91 2.18
CA PHE A 98 8.38 -4.83 2.47
C PHE A 98 8.72 -5.56 3.78
N ASN A 99 9.72 -6.42 3.69
CA ASN A 99 10.14 -7.19 4.85
C ASN A 99 11.63 -6.95 5.10
N ARG A 100 12.07 -7.32 6.29
CA ARG A 100 13.47 -7.15 6.67
C ARG A 100 14.38 -7.84 5.66
N ALA A 101 13.81 -8.84 4.99
CA ALA A 101 14.57 -9.59 4.00
C ALA A 101 14.72 -8.74 2.73
N GLY A 102 13.85 -7.75 2.62
CA GLY A 102 13.87 -6.86 1.46
C GLY A 102 12.47 -6.37 1.13
N THR A 103 12.36 -5.78 -0.06
CA THR A 103 11.08 -5.26 -0.52
C THR A 103 10.60 -6.04 -1.73
N GLY A 104 9.29 -6.25 -1.78
CA GLY A 104 8.68 -6.98 -2.89
C GLY A 104 8.18 -6.02 -3.98
N PRO A 105 7.70 -6.63 -5.09
CA PRO A 105 7.19 -5.84 -6.20
C PRO A 105 5.82 -5.23 -5.87
N SER A 106 5.53 -4.13 -6.52
CA SER A 106 4.26 -3.45 -6.31
C SER A 106 3.18 -4.07 -7.20
N SER A 107 1.93 -3.70 -6.91
CA SER A 107 0.81 -4.21 -7.67
C SER A 107 0.47 -3.25 -8.82
N SER A 108 -0.41 -3.72 -9.68
CA SER A 108 -0.84 -2.92 -10.82
C SER A 108 -1.44 -1.60 -10.35
N GLU A 109 -0.75 -0.51 -10.69
CA GLU A 109 -1.21 0.82 -10.30
C GLU A 109 -2.61 1.07 -10.83
N ILE A 110 -3.47 1.51 -9.93
CA ILE A 110 -4.85 1.81 -10.29
C ILE A 110 -5.04 3.33 -10.39
N ASN A 111 -6.30 3.73 -10.34
CA ASN A 111 -6.64 5.14 -10.42
C ASN A 111 -7.96 5.39 -9.70
N ALA A 112 -8.00 6.51 -8.99
CA ALA A 112 -9.20 6.88 -8.24
C ALA A 112 -9.21 8.39 -8.03
N THR A 113 -9.93 9.07 -8.89
CA THR A 113 -10.03 10.52 -8.80
C THR A 113 -10.81 10.93 -7.56
N THR A 114 -10.16 11.74 -6.73
CA THR A 114 -10.78 12.20 -5.50
C THR A 114 -12.18 12.76 -5.77
N LEU A 115 -12.80 13.25 -4.71
CA LEU A 115 -14.14 13.81 -4.83
C LEU A 115 -14.04 15.27 -5.31
N GLU A 116 -15.20 15.85 -5.55
CA GLU A 116 -15.25 17.23 -6.01
C GLU A 116 -15.72 18.14 -4.88
N SER A 117 -15.98 17.53 -3.74
CA SER A 117 -16.43 18.28 -2.57
C SER A 117 -16.94 17.31 -1.50
N GLY A 118 -16.39 17.45 -0.30
CA GLY A 118 -16.78 16.61 0.81
C GLY A 118 -16.51 15.13 0.51
N PRO A 119 -16.97 14.26 1.43
CA PRO A 119 -16.79 12.83 1.26
C PRO A 119 -17.73 12.27 0.20
N SER A 120 -17.88 10.94 0.22
CA SER A 120 -18.74 10.27 -0.74
C SER A 120 -20.12 10.05 -0.12
N SER A 121 -20.11 9.35 1.00
CA SER A 121 -21.35 9.05 1.71
C SER A 121 -21.51 9.98 2.91
N GLY A 122 -22.56 10.79 2.86
CA GLY A 122 -22.83 11.74 3.92
C GLY A 122 -23.99 12.67 3.55
N GLY A 1 12.48 -8.59 23.38
CA GLY A 1 11.21 -9.06 22.84
C GLY A 1 10.73 -10.31 23.59
N SER A 2 11.53 -11.36 23.49
CA SER A 2 11.19 -12.61 24.15
C SER A 2 9.85 -13.13 23.64
N SER A 3 9.91 -13.88 22.56
CA SER A 3 8.70 -14.44 21.96
C SER A 3 9.01 -15.77 21.29
N GLY A 4 8.29 -16.79 21.73
CA GLY A 4 8.49 -18.13 21.18
C GLY A 4 8.13 -18.17 19.69
N SER A 5 8.75 -19.12 19.00
CA SER A 5 8.51 -19.27 17.57
C SER A 5 8.85 -20.70 17.14
N SER A 6 8.14 -21.16 16.13
CA SER A 6 8.36 -22.50 15.60
C SER A 6 9.05 -22.43 14.23
N GLY A 7 10.35 -22.66 14.26
CA GLY A 7 11.14 -22.62 13.03
C GLY A 7 12.50 -21.97 13.28
N ILE A 8 13.53 -22.63 12.76
CA ILE A 8 14.89 -22.14 12.91
C ILE A 8 15.35 -21.49 11.60
N SER A 9 14.76 -20.34 11.30
CA SER A 9 15.10 -19.63 10.08
C SER A 9 14.91 -18.12 10.29
N THR A 10 15.97 -17.47 10.76
CA THR A 10 15.93 -16.05 11.01
C THR A 10 16.44 -15.29 9.79
N GLU A 11 16.50 -15.98 8.67
CA GLU A 11 16.97 -15.39 7.43
C GLU A 11 15.93 -15.58 6.32
N GLU A 12 15.11 -14.56 6.14
CA GLU A 12 14.08 -14.59 5.13
C GLU A 12 14.56 -13.91 3.85
N ALA A 13 13.72 -13.97 2.82
CA ALA A 13 14.04 -13.35 1.55
C ALA A 13 12.90 -12.42 1.13
N ALA A 14 13.29 -11.35 0.45
CA ALA A 14 12.32 -10.37 -0.01
C ALA A 14 11.11 -11.11 -0.62
N PRO A 15 9.96 -10.38 -0.65
CA PRO A 15 8.75 -10.96 -1.20
C PRO A 15 8.80 -10.99 -2.73
N ASP A 16 8.12 -11.99 -3.28
CA ASP A 16 8.09 -12.15 -4.73
C ASP A 16 6.64 -12.14 -5.21
N GLY A 17 5.95 -11.05 -4.89
CA GLY A 17 4.55 -10.90 -5.29
C GLY A 17 3.88 -9.79 -4.48
N PRO A 18 3.10 -8.95 -5.20
CA PRO A 18 2.39 -7.85 -4.57
C PRO A 18 1.18 -8.35 -3.79
N PRO A 19 0.53 -7.41 -3.06
CA PRO A 19 -0.64 -7.74 -2.26
C PRO A 19 -1.87 -7.96 -3.15
N MET A 20 -2.91 -8.49 -2.54
CA MET A 20 -4.15 -8.76 -3.26
C MET A 20 -5.24 -7.79 -2.83
N ASP A 21 -6.25 -7.66 -3.69
CA ASP A 21 -7.36 -6.76 -3.41
C ASP A 21 -6.85 -5.33 -3.27
N VAL A 22 -6.02 -4.94 -4.23
CA VAL A 22 -5.45 -3.61 -4.23
C VAL A 22 -6.41 -2.64 -4.91
N THR A 23 -7.07 -1.83 -4.10
CA THR A 23 -8.03 -0.86 -4.61
C THR A 23 -8.06 0.38 -3.71
N LEU A 24 -8.42 1.50 -4.32
CA LEU A 24 -8.50 2.76 -3.58
C LEU A 24 -9.97 3.12 -3.38
N GLN A 25 -10.20 3.97 -2.39
CA GLN A 25 -11.54 4.41 -2.07
C GLN A 25 -11.52 5.81 -1.45
N PRO A 26 -12.14 6.77 -2.20
CA PRO A 26 -12.19 8.15 -1.74
C PRO A 26 -13.21 8.31 -0.62
N VAL A 27 -12.69 8.56 0.57
CA VAL A 27 -13.53 8.74 1.74
C VAL A 27 -13.62 10.23 2.08
N THR A 28 -12.49 10.91 1.91
CA THR A 28 -12.43 12.33 2.19
C THR A 28 -12.25 13.12 0.90
N SER A 29 -12.00 14.41 1.05
CA SER A 29 -11.80 15.28 -0.09
C SER A 29 -10.33 15.30 -0.50
N GLN A 30 -9.47 15.24 0.51
CA GLN A 30 -8.03 15.25 0.27
C GLN A 30 -7.39 14.00 0.90
N SER A 31 -8.03 12.86 0.68
CA SER A 31 -7.53 11.61 1.22
C SER A 31 -8.26 10.44 0.57
N ILE A 32 -7.56 9.31 0.51
CA ILE A 32 -8.13 8.11 -0.09
C ILE A 32 -7.80 6.91 0.80
N GLN A 33 -8.75 5.98 0.85
CA GLN A 33 -8.58 4.78 1.65
C GLN A 33 -8.09 3.62 0.78
N VAL A 34 -6.94 3.08 1.17
CA VAL A 34 -6.35 1.97 0.43
C VAL A 34 -6.48 0.70 1.27
N THR A 35 -7.12 -0.30 0.67
CA THR A 35 -7.32 -1.58 1.34
C THR A 35 -6.80 -2.72 0.46
N TRP A 36 -6.09 -3.63 1.10
CA TRP A 36 -5.52 -4.77 0.41
C TRP A 36 -5.46 -5.95 1.38
N LYS A 37 -5.16 -7.12 0.84
CA LYS A 37 -5.06 -8.32 1.66
C LYS A 37 -3.70 -8.96 1.44
N ALA A 38 -3.32 -9.79 2.41
CA ALA A 38 -2.04 -10.47 2.35
C ALA A 38 -1.79 -10.94 0.91
N PRO A 39 -0.49 -10.88 0.51
CA PRO A 39 -0.11 -11.29 -0.83
C PRO A 39 -0.10 -12.81 -0.97
N LYS A 40 0.26 -13.28 -2.16
CA LYS A 40 0.30 -14.70 -2.42
C LYS A 40 0.84 -15.42 -1.19
N LYS A 41 0.31 -16.63 -0.96
CA LYS A 41 0.74 -17.43 0.17
C LYS A 41 2.18 -17.89 -0.04
N GLU A 42 2.39 -18.56 -1.15
CA GLU A 42 3.72 -19.06 -1.47
C GLU A 42 4.54 -17.97 -2.17
N LEU A 43 4.52 -16.79 -1.57
CA LEU A 43 5.25 -15.66 -2.10
C LEU A 43 5.73 -14.77 -0.95
N GLN A 44 4.83 -14.53 -0.02
CA GLN A 44 5.15 -13.70 1.13
C GLN A 44 6.61 -13.88 1.53
N ASN A 45 7.06 -15.13 1.47
CA ASN A 45 8.43 -15.44 1.82
C ASN A 45 8.71 -15.01 3.25
N GLY A 46 7.90 -15.54 4.16
CA GLY A 46 8.05 -15.20 5.57
C GLY A 46 7.03 -14.14 6.00
N VAL A 47 7.14 -13.74 7.25
CA VAL A 47 6.23 -12.74 7.79
C VAL A 47 6.50 -11.40 7.11
N ILE A 48 5.53 -10.51 7.21
CA ILE A 48 5.66 -9.18 6.61
C ILE A 48 5.77 -8.14 7.72
N ARG A 49 6.82 -7.33 7.61
CA ARG A 49 7.05 -6.28 8.60
C ARG A 49 6.15 -5.07 8.32
N GLY A 50 5.88 -4.86 7.03
CA GLY A 50 5.03 -3.76 6.63
C GLY A 50 4.93 -3.68 5.10
N TYR A 51 4.17 -2.69 4.64
CA TYR A 51 3.97 -2.51 3.22
C TYR A 51 4.11 -1.04 2.83
N GLN A 52 4.62 -0.81 1.63
CA GLN A 52 4.81 0.54 1.14
C GLN A 52 3.65 0.94 0.22
N ILE A 53 3.38 2.23 0.19
CA ILE A 53 2.30 2.75 -0.64
C ILE A 53 2.81 3.95 -1.44
N GLY A 54 3.07 3.70 -2.71
CA GLY A 54 3.57 4.73 -3.61
C GLY A 54 2.43 5.36 -4.41
N TYR A 55 2.12 6.60 -4.06
CA TYR A 55 1.05 7.31 -4.74
C TYR A 55 1.56 8.65 -5.31
N ARG A 56 1.06 8.97 -6.50
CA ARG A 56 1.45 10.21 -7.15
C ARG A 56 0.37 10.64 -8.14
N GLU A 57 0.32 11.94 -8.38
CA GLU A 57 -0.66 12.50 -9.30
C GLU A 57 -0.66 11.71 -10.60
N ASN A 58 -1.83 11.64 -11.22
CA ASN A 58 -1.98 10.92 -12.47
C ASN A 58 -1.89 11.91 -13.63
N SER A 59 -1.03 12.90 -13.46
CA SER A 59 -0.85 13.92 -14.49
C SER A 59 0.41 13.61 -15.30
N PRO A 60 0.46 14.22 -16.52
CA PRO A 60 1.60 14.01 -17.40
C PRO A 60 2.82 14.81 -16.92
N GLY A 61 3.85 14.08 -16.55
CA GLY A 61 5.07 14.71 -16.06
C GLY A 61 4.80 15.54 -14.81
N SER A 62 4.25 14.88 -13.80
CA SER A 62 3.94 15.54 -12.55
C SER A 62 5.23 15.77 -11.75
N ASN A 63 6.33 15.30 -12.30
CA ASN A 63 7.62 15.44 -11.66
C ASN A 63 7.45 15.24 -10.15
N GLY A 64 6.62 14.27 -9.81
CA GLY A 64 6.36 13.95 -8.42
C GLY A 64 6.58 12.47 -8.14
N GLN A 65 7.83 12.13 -7.87
CA GLN A 65 8.19 10.74 -7.59
C GLN A 65 7.14 10.10 -6.68
N TYR A 66 6.77 8.88 -7.04
CA TYR A 66 5.78 8.15 -6.27
C TYR A 66 6.01 8.32 -4.76
N SER A 67 5.08 9.00 -4.12
CA SER A 67 5.18 9.24 -2.69
C SER A 67 5.08 7.92 -1.93
N ILE A 68 6.23 7.48 -1.44
CA ILE A 68 6.30 6.24 -0.69
C ILE A 68 5.93 6.50 0.78
N VAL A 69 5.30 5.50 1.39
CA VAL A 69 4.90 5.61 2.78
C VAL A 69 4.94 4.24 3.43
N GLU A 70 5.87 4.09 4.37
CA GLU A 70 6.02 2.83 5.07
C GLU A 70 4.98 2.71 6.18
N MET A 71 4.56 1.47 6.42
CA MET A 71 3.56 1.21 7.44
C MET A 71 3.63 -0.24 7.91
N LYS A 72 3.28 -0.44 9.17
CA LYS A 72 3.29 -1.78 9.75
C LYS A 72 2.05 -2.54 9.29
N ALA A 73 2.19 -3.86 9.24
CA ALA A 73 1.09 -4.71 8.83
C ALA A 73 0.26 -5.10 10.05
N THR A 74 -0.98 -4.64 10.04
CA THR A 74 -1.89 -4.93 11.15
C THR A 74 -2.07 -6.44 11.31
N GLY A 75 -2.19 -7.11 10.17
CA GLY A 75 -2.37 -8.56 10.17
C GLY A 75 -2.58 -9.09 8.75
N ASP A 76 -3.59 -9.92 8.61
CA ASP A 76 -3.91 -10.49 7.31
C ASP A 76 -4.24 -9.38 6.32
N SER A 77 -4.99 -8.40 6.80
CA SER A 77 -5.37 -7.27 5.98
C SER A 77 -4.70 -6.00 6.49
N GLU A 78 -4.43 -5.10 5.55
CA GLU A 78 -3.78 -3.84 5.89
C GLU A 78 -4.44 -2.69 5.12
N VAL A 79 -4.40 -1.51 5.73
CA VAL A 79 -4.98 -0.34 5.12
C VAL A 79 -4.19 0.90 5.56
N TYR A 80 -4.12 1.87 4.66
CA TYR A 80 -3.40 3.10 4.95
C TYR A 80 -4.14 4.31 4.39
N THR A 81 -4.36 5.29 5.25
CA THR A 81 -5.06 6.50 4.86
C THR A 81 -4.10 7.48 4.17
N LEU A 82 -4.22 7.55 2.86
CA LEU A 82 -3.36 8.43 2.08
C LEU A 82 -3.99 9.83 2.04
N ASP A 83 -3.39 10.74 2.78
CA ASP A 83 -3.88 12.10 2.84
C ASP A 83 -2.98 13.00 1.98
N ASN A 84 -3.31 14.28 1.99
CA ASN A 84 -2.54 15.25 1.22
C ASN A 84 -2.65 14.90 -0.27
N LEU A 85 -3.87 14.97 -0.78
CA LEU A 85 -4.12 14.67 -2.17
C LEU A 85 -4.76 15.89 -2.84
N LYS A 86 -5.19 15.70 -4.08
CA LYS A 86 -5.80 16.77 -4.84
C LYS A 86 -7.32 16.57 -4.85
N LYS A 87 -8.03 17.64 -5.15
CA LYS A 87 -9.48 17.59 -5.20
C LYS A 87 -9.93 17.25 -6.62
N PHE A 88 -10.81 16.26 -6.69
CA PHE A 88 -11.33 15.82 -7.98
C PHE A 88 -10.20 15.65 -9.01
N ALA A 89 -9.34 14.69 -8.72
CA ALA A 89 -8.21 14.42 -9.61
C ALA A 89 -7.86 12.93 -9.55
N GLN A 90 -7.47 12.40 -10.70
CA GLN A 90 -7.11 10.99 -10.79
C GLN A 90 -5.75 10.76 -10.14
N TYR A 91 -5.63 9.62 -9.46
CA TYR A 91 -4.40 9.27 -8.79
C TYR A 91 -4.12 7.76 -8.91
N GLY A 92 -2.89 7.44 -9.26
CA GLY A 92 -2.48 6.06 -9.41
C GLY A 92 -1.38 5.69 -8.41
N VAL A 93 -1.78 4.91 -7.41
CA VAL A 93 -0.84 4.48 -6.38
C VAL A 93 -0.57 2.99 -6.54
N VAL A 94 0.52 2.56 -5.93
CA VAL A 94 0.91 1.15 -6.00
C VAL A 94 1.26 0.66 -4.59
N VAL A 95 0.83 -0.57 -4.32
CA VAL A 95 1.08 -1.17 -3.02
C VAL A 95 2.04 -2.35 -3.19
N GLN A 96 2.87 -2.54 -2.17
CA GLN A 96 3.84 -3.63 -2.19
C GLN A 96 4.19 -4.06 -0.77
N ALA A 97 4.50 -5.34 -0.63
CA ALA A 97 4.85 -5.90 0.66
C ALA A 97 6.37 -5.80 0.86
N PHE A 98 6.75 -5.23 1.99
CA PHE A 98 8.15 -5.08 2.32
C PHE A 98 8.48 -5.72 3.67
N ASN A 99 9.55 -6.52 3.66
CA ASN A 99 9.97 -7.19 4.87
C ASN A 99 11.43 -6.84 5.16
N ARG A 100 11.93 -7.37 6.26
CA ARG A 100 13.31 -7.13 6.65
C ARG A 100 14.28 -7.74 5.65
N ALA A 101 13.73 -8.59 4.79
CA ALA A 101 14.52 -9.26 3.77
C ALA A 101 14.69 -8.32 2.58
N GLY A 102 13.75 -7.40 2.45
CA GLY A 102 13.79 -6.43 1.35
C GLY A 102 12.37 -5.99 0.97
N THR A 103 12.24 -5.60 -0.29
CA THR A 103 10.95 -5.14 -0.79
C THR A 103 10.55 -5.95 -2.04
N GLY A 104 9.26 -6.23 -2.14
CA GLY A 104 8.75 -6.98 -3.28
C GLY A 104 8.37 -6.04 -4.43
N PRO A 105 7.74 -6.65 -5.47
CA PRO A 105 7.32 -5.88 -6.63
C PRO A 105 6.08 -5.04 -6.33
N SER A 106 5.83 -4.06 -7.18
CA SER A 106 4.68 -3.19 -7.00
C SER A 106 3.45 -3.81 -7.67
N SER A 107 2.30 -3.49 -7.11
CA SER A 107 1.05 -4.01 -7.65
C SER A 107 0.56 -3.11 -8.79
N SER A 108 -0.44 -3.62 -9.51
CA SER A 108 -1.00 -2.89 -10.62
C SER A 108 -1.53 -1.53 -10.15
N GLU A 109 -0.95 -0.48 -10.72
CA GLU A 109 -1.36 0.87 -10.36
C GLU A 109 -2.79 1.13 -10.82
N ILE A 110 -3.67 1.29 -9.83
CA ILE A 110 -5.07 1.54 -10.10
C ILE A 110 -5.29 3.05 -10.23
N ASN A 111 -6.57 3.44 -10.13
CA ASN A 111 -6.93 4.83 -10.23
C ASN A 111 -8.22 5.08 -9.45
N ALA A 112 -8.22 6.15 -8.67
CA ALA A 112 -9.37 6.51 -7.87
C ALA A 112 -9.43 8.03 -7.70
N THR A 113 -10.15 8.67 -8.62
CA THR A 113 -10.29 10.12 -8.58
C THR A 113 -10.98 10.55 -7.29
N THR A 114 -10.39 11.55 -6.65
CA THR A 114 -10.94 12.07 -5.41
C THR A 114 -12.36 12.59 -5.62
N LEU A 115 -13.05 12.84 -4.52
CA LEU A 115 -14.41 13.35 -4.58
C LEU A 115 -14.41 14.74 -5.21
N GLU A 116 -15.60 15.26 -5.43
CA GLU A 116 -15.76 16.58 -6.01
C GLU A 116 -15.61 17.66 -4.94
N SER A 117 -15.33 17.21 -3.72
CA SER A 117 -15.15 18.12 -2.60
C SER A 117 -16.49 18.77 -2.26
N GLY A 118 -16.86 18.63 -0.99
CA GLY A 118 -18.11 19.20 -0.51
C GLY A 118 -18.70 18.36 0.62
N PRO A 119 -19.86 18.84 1.15
CA PRO A 119 -20.53 18.14 2.23
C PRO A 119 -21.25 16.89 1.71
N SER A 120 -21.17 15.84 2.52
CA SER A 120 -21.81 14.58 2.16
C SER A 120 -23.06 14.37 3.01
N SER A 121 -23.91 13.46 2.54
CA SER A 121 -25.14 13.14 3.25
C SER A 121 -25.00 11.80 3.97
N GLY A 122 -25.67 11.72 5.12
CA GLY A 122 -25.63 10.51 5.91
C GLY A 122 -25.57 10.83 7.41
N GLY A 1 -1.73 -14.63 19.16
CA GLY A 1 -1.35 -15.79 18.36
C GLY A 1 0.13 -16.11 18.55
N SER A 2 0.52 -17.28 18.03
CA SER A 2 1.90 -17.71 18.12
C SER A 2 2.22 -18.66 16.98
N SER A 3 2.52 -18.07 15.82
CA SER A 3 2.85 -18.85 14.64
C SER A 3 3.77 -18.04 13.72
N GLY A 4 4.70 -18.75 13.09
CA GLY A 4 5.63 -18.11 12.18
C GLY A 4 6.84 -19.02 11.92
N SER A 5 6.70 -19.85 10.89
CA SER A 5 7.77 -20.77 10.53
C SER A 5 8.73 -20.09 9.56
N SER A 6 9.86 -20.75 9.33
CA SER A 6 10.86 -20.22 8.42
C SER A 6 11.64 -21.37 7.77
N GLY A 7 12.22 -22.21 8.61
CA GLY A 7 12.98 -23.35 8.12
C GLY A 7 14.45 -23.25 8.54
N ILE A 8 15.30 -23.89 7.76
CA ILE A 8 16.73 -23.87 8.02
C ILE A 8 17.35 -22.61 7.39
N SER A 9 16.95 -21.46 7.92
CA SER A 9 17.46 -20.20 7.44
C SER A 9 17.00 -19.06 8.35
N THR A 10 17.96 -18.49 9.06
CA THR A 10 17.67 -17.40 9.98
C THR A 10 17.75 -16.06 9.25
N GLU A 11 17.72 -16.14 7.92
CA GLU A 11 17.79 -14.95 7.10
C GLU A 11 16.64 -14.92 6.10
N GLU A 12 15.58 -14.22 6.49
CA GLU A 12 14.40 -14.10 5.64
C GLU A 12 14.80 -13.63 4.24
N ALA A 13 13.83 -13.65 3.34
CA ALA A 13 14.06 -13.23 1.97
C ALA A 13 12.94 -12.27 1.54
N ALA A 14 13.31 -11.30 0.72
CA ALA A 14 12.36 -10.33 0.23
C ALA A 14 11.17 -11.06 -0.40
N PRO A 15 10.02 -10.32 -0.50
CA PRO A 15 8.81 -10.89 -1.07
C PRO A 15 8.93 -10.98 -2.59
N ASP A 16 8.27 -11.98 -3.15
CA ASP A 16 8.29 -12.19 -4.59
C ASP A 16 6.86 -12.15 -5.12
N GLY A 17 6.18 -11.04 -4.83
CA GLY A 17 4.81 -10.85 -5.27
C GLY A 17 4.14 -9.71 -4.52
N PRO A 18 3.39 -8.89 -5.29
CA PRO A 18 2.69 -7.75 -4.70
C PRO A 18 1.45 -8.21 -3.92
N PRO A 19 0.81 -7.23 -3.24
CA PRO A 19 -0.37 -7.52 -2.45
C PRO A 19 -1.59 -7.73 -3.35
N MET A 20 -2.66 -8.23 -2.75
CA MET A 20 -3.88 -8.48 -3.48
C MET A 20 -5.00 -7.53 -3.03
N ASP A 21 -6.10 -7.56 -3.76
CA ASP A 21 -7.23 -6.71 -3.45
C ASP A 21 -6.77 -5.26 -3.34
N VAL A 22 -5.94 -4.86 -4.30
CA VAL A 22 -5.42 -3.51 -4.31
C VAL A 22 -6.42 -2.58 -5.01
N THR A 23 -7.08 -1.77 -4.20
CA THR A 23 -8.07 -0.84 -4.73
C THR A 23 -8.08 0.45 -3.89
N LEU A 24 -8.42 1.54 -4.56
CA LEU A 24 -8.48 2.83 -3.90
C LEU A 24 -9.94 3.21 -3.66
N GLN A 25 -10.12 4.22 -2.81
CA GLN A 25 -11.46 4.69 -2.48
C GLN A 25 -11.38 6.04 -1.76
N PRO A 26 -11.95 7.08 -2.43
CA PRO A 26 -11.95 8.41 -1.86
C PRO A 26 -12.98 8.53 -0.74
N VAL A 27 -12.47 8.65 0.48
CA VAL A 27 -13.33 8.77 1.65
C VAL A 27 -13.55 10.25 1.96
N THR A 28 -12.51 11.04 1.71
CA THR A 28 -12.58 12.46 1.95
C THR A 28 -12.44 13.24 0.65
N SER A 29 -11.86 14.43 0.76
CA SER A 29 -11.67 15.28 -0.40
C SER A 29 -10.18 15.32 -0.78
N GLN A 30 -9.34 15.21 0.25
CA GLN A 30 -7.91 15.23 0.04
C GLN A 30 -7.26 13.98 0.66
N SER A 31 -7.89 12.85 0.39
CA SER A 31 -7.39 11.58 0.91
C SER A 31 -8.02 10.42 0.15
N ILE A 32 -7.49 9.23 0.39
CA ILE A 32 -7.99 8.04 -0.26
C ILE A 32 -7.68 6.82 0.60
N GLN A 33 -8.65 5.92 0.68
CA GLN A 33 -8.50 4.71 1.46
C GLN A 33 -7.96 3.57 0.60
N VAL A 34 -6.72 3.20 0.87
CA VAL A 34 -6.07 2.13 0.12
C VAL A 34 -6.15 0.83 0.93
N THR A 35 -6.97 -0.08 0.43
CA THR A 35 -7.14 -1.37 1.10
C THR A 35 -6.56 -2.49 0.24
N TRP A 36 -5.84 -3.39 0.90
CA TRP A 36 -5.22 -4.50 0.22
C TRP A 36 -5.19 -5.69 1.19
N LYS A 37 -5.02 -6.87 0.62
CA LYS A 37 -4.96 -8.09 1.43
C LYS A 37 -3.59 -8.74 1.24
N ALA A 38 -3.21 -9.53 2.25
CA ALA A 38 -1.93 -10.22 2.21
C ALA A 38 -1.67 -10.73 0.79
N PRO A 39 -0.37 -10.71 0.40
CA PRO A 39 0.01 -11.17 -0.92
C PRO A 39 -0.02 -12.70 -1.01
N LYS A 40 0.15 -13.20 -2.22
CA LYS A 40 0.15 -14.63 -2.45
C LYS A 40 0.88 -15.33 -1.30
N LYS A 41 0.23 -16.35 -0.76
CA LYS A 41 0.80 -17.11 0.34
C LYS A 41 2.09 -17.78 -0.13
N GLU A 42 2.04 -18.33 -1.33
CA GLU A 42 3.19 -19.01 -1.90
C GLU A 42 4.24 -17.99 -2.32
N LEU A 43 3.90 -16.72 -2.17
CA LEU A 43 4.80 -15.64 -2.54
C LEU A 43 5.15 -14.83 -1.29
N GLN A 44 5.18 -15.53 -0.16
CA GLN A 44 5.49 -14.88 1.12
C GLN A 44 6.78 -15.47 1.70
N ASN A 45 7.88 -14.82 1.40
CA ASN A 45 9.18 -15.27 1.90
C ASN A 45 9.30 -14.91 3.38
N GLY A 46 8.39 -15.47 4.16
CA GLY A 46 8.39 -15.22 5.59
C GLY A 46 7.36 -14.14 5.97
N VAL A 47 7.23 -13.91 7.26
CA VAL A 47 6.30 -12.92 7.76
C VAL A 47 6.57 -11.58 7.05
N ILE A 48 5.63 -10.66 7.22
CA ILE A 48 5.75 -9.35 6.61
C ILE A 48 5.86 -8.29 7.72
N ARG A 49 6.83 -7.40 7.55
CA ARG A 49 7.05 -6.34 8.50
C ARG A 49 6.10 -5.16 8.22
N GLY A 50 5.81 -4.98 6.95
CA GLY A 50 4.92 -3.90 6.53
C GLY A 50 4.87 -3.79 5.01
N TYR A 51 4.03 -2.87 4.55
CA TYR A 51 3.88 -2.66 3.11
C TYR A 51 3.96 -1.16 2.77
N GLN A 52 4.69 -0.87 1.71
CA GLN A 52 4.85 0.51 1.27
C GLN A 52 3.68 0.93 0.39
N ILE A 53 3.27 2.18 0.56
CA ILE A 53 2.16 2.72 -0.22
C ILE A 53 2.64 3.92 -1.02
N GLY A 54 2.99 3.67 -2.27
CA GLY A 54 3.47 4.72 -3.15
C GLY A 54 2.31 5.35 -3.93
N TYR A 55 2.11 6.65 -3.70
CA TYR A 55 1.06 7.36 -4.39
C TYR A 55 1.56 8.71 -4.91
N ARG A 56 1.11 9.04 -6.11
CA ARG A 56 1.50 10.29 -6.74
C ARG A 56 0.45 10.73 -7.77
N GLU A 57 0.45 12.02 -8.05
CA GLU A 57 -0.49 12.56 -9.01
C GLU A 57 -0.38 11.82 -10.35
N ASN A 58 -1.53 11.41 -10.85
CA ASN A 58 -1.57 10.69 -12.12
C ASN A 58 -1.78 11.69 -13.26
N SER A 59 -1.15 12.85 -13.11
CA SER A 59 -1.26 13.89 -14.12
C SER A 59 -0.39 13.55 -15.33
N PRO A 60 -0.82 14.06 -16.51
CA PRO A 60 -0.08 13.81 -17.74
C PRO A 60 1.19 14.65 -17.80
N GLY A 61 2.27 14.07 -17.31
CA GLY A 61 3.56 14.75 -17.30
C GLY A 61 3.93 15.21 -15.89
N SER A 62 3.56 14.37 -14.91
CA SER A 62 3.85 14.67 -13.53
C SER A 62 5.29 14.28 -13.19
N ASN A 63 5.87 15.02 -12.25
CA ASN A 63 7.23 14.75 -11.83
C ASN A 63 7.30 14.79 -10.30
N GLY A 64 6.71 13.75 -9.69
CA GLY A 64 6.70 13.66 -8.24
C GLY A 64 6.91 12.22 -7.79
N GLN A 65 8.15 11.90 -7.45
CA GLN A 65 8.49 10.56 -7.01
C GLN A 65 7.37 10.00 -6.13
N TYR A 66 6.87 8.83 -6.53
CA TYR A 66 5.81 8.17 -5.79
C TYR A 66 6.02 8.33 -4.28
N SER A 67 5.11 9.05 -3.65
CA SER A 67 5.18 9.28 -2.22
C SER A 67 5.06 7.95 -1.47
N ILE A 68 6.18 7.51 -0.93
CA ILE A 68 6.22 6.26 -0.19
C ILE A 68 5.89 6.53 1.28
N VAL A 69 5.24 5.56 1.89
CA VAL A 69 4.85 5.68 3.29
C VAL A 69 5.06 4.33 3.99
N GLU A 70 5.92 4.35 5.00
CA GLU A 70 6.22 3.15 5.75
C GLU A 70 5.12 2.88 6.79
N MET A 71 4.74 1.62 6.89
CA MET A 71 3.71 1.23 7.84
C MET A 71 4.00 -0.15 8.42
N LYS A 72 3.09 -0.61 9.27
CA LYS A 72 3.24 -1.91 9.90
C LYS A 72 2.02 -2.77 9.58
N ALA A 73 2.24 -4.07 9.54
CA ALA A 73 1.17 -5.01 9.24
C ALA A 73 0.28 -5.17 10.48
N THR A 74 -1.00 -4.94 10.28
CA THR A 74 -1.97 -5.06 11.36
C THR A 74 -2.84 -6.31 11.17
N GLY A 75 -2.24 -7.32 10.56
CA GLY A 75 -2.95 -8.56 10.31
C GLY A 75 -2.70 -9.06 8.89
N ASP A 76 -3.63 -9.87 8.40
CA ASP A 76 -3.53 -10.43 7.07
C ASP A 76 -3.82 -9.33 6.05
N SER A 77 -4.66 -8.39 6.46
CA SER A 77 -5.03 -7.28 5.59
C SER A 77 -4.59 -5.95 6.22
N GLU A 78 -4.33 -4.99 5.36
CA GLU A 78 -3.90 -3.68 5.81
C GLU A 78 -4.59 -2.58 5.00
N VAL A 79 -4.55 -1.37 5.54
CA VAL A 79 -5.18 -0.23 4.88
C VAL A 79 -4.43 1.04 5.27
N TYR A 80 -4.42 1.99 4.34
CA TYR A 80 -3.75 3.26 4.58
C TYR A 80 -4.49 4.40 3.88
N THR A 81 -4.74 5.46 4.65
CA THR A 81 -5.43 6.62 4.12
C THR A 81 -4.43 7.69 3.68
N LEU A 82 -4.08 7.63 2.41
CA LEU A 82 -3.13 8.58 1.85
C LEU A 82 -3.79 9.96 1.77
N ASP A 83 -3.36 10.84 2.66
CA ASP A 83 -3.90 12.19 2.71
C ASP A 83 -2.99 13.13 1.90
N ASN A 84 -3.28 14.41 1.99
CA ASN A 84 -2.50 15.41 1.28
C ASN A 84 -2.61 15.16 -0.22
N LEU A 85 -3.84 15.13 -0.70
CA LEU A 85 -4.09 14.90 -2.11
C LEU A 85 -4.77 16.14 -2.71
N LYS A 86 -5.04 16.05 -4.01
CA LYS A 86 -5.68 17.15 -4.71
C LYS A 86 -7.17 16.87 -4.83
N LYS A 87 -7.95 17.95 -4.85
CA LYS A 87 -9.39 17.83 -4.96
C LYS A 87 -9.78 17.63 -6.43
N PHE A 88 -10.46 16.52 -6.68
CA PHE A 88 -10.89 16.21 -8.03
C PHE A 88 -9.69 16.01 -8.96
N ALA A 89 -8.90 14.99 -8.65
CA ALA A 89 -7.72 14.69 -9.44
C ALA A 89 -7.45 13.19 -9.38
N GLN A 90 -7.06 12.64 -10.52
CA GLN A 90 -6.76 11.22 -10.61
C GLN A 90 -5.39 10.93 -9.97
N TYR A 91 -5.35 9.83 -9.22
CA TYR A 91 -4.11 9.43 -8.56
C TYR A 91 -3.90 7.92 -8.65
N GLY A 92 -2.70 7.55 -9.04
CA GLY A 92 -2.35 6.14 -9.17
C GLY A 92 -1.27 5.74 -8.16
N VAL A 93 -1.70 4.97 -7.17
CA VAL A 93 -0.78 4.51 -6.14
C VAL A 93 -0.44 3.04 -6.38
N VAL A 94 0.62 2.60 -5.72
CA VAL A 94 1.07 1.22 -5.85
C VAL A 94 1.47 0.68 -4.48
N VAL A 95 0.82 -0.39 -4.09
CA VAL A 95 1.11 -1.02 -2.81
C VAL A 95 2.11 -2.15 -3.01
N GLN A 96 2.95 -2.34 -2.00
CA GLN A 96 3.96 -3.38 -2.06
C GLN A 96 4.29 -3.88 -0.65
N ALA A 97 4.58 -5.17 -0.56
CA ALA A 97 4.90 -5.78 0.72
C ALA A 97 6.42 -5.71 0.93
N PHE A 98 6.80 -5.07 2.04
CA PHE A 98 8.20 -4.93 2.37
C PHE A 98 8.51 -5.58 3.72
N ASN A 99 9.58 -6.36 3.73
CA ASN A 99 9.99 -7.05 4.94
C ASN A 99 11.45 -6.69 5.26
N ARG A 100 11.93 -7.22 6.37
CA ARG A 100 13.29 -6.97 6.80
C ARG A 100 14.28 -7.53 5.76
N ALA A 101 13.79 -8.44 4.94
CA ALA A 101 14.61 -9.05 3.92
C ALA A 101 14.76 -8.07 2.74
N GLY A 102 13.79 -7.17 2.63
CA GLY A 102 13.81 -6.19 1.56
C GLY A 102 12.39 -5.85 1.11
N THR A 103 12.31 -5.32 -0.11
CA THR A 103 11.03 -4.96 -0.68
C THR A 103 10.76 -5.77 -1.96
N GLY A 104 9.49 -6.08 -2.16
CA GLY A 104 9.09 -6.85 -3.32
C GLY A 104 8.49 -5.93 -4.40
N PRO A 105 7.86 -6.57 -5.42
CA PRO A 105 7.26 -5.84 -6.51
C PRO A 105 5.95 -5.17 -6.07
N SER A 106 5.54 -4.18 -6.84
CA SER A 106 4.31 -3.46 -6.55
C SER A 106 3.15 -4.06 -7.32
N SER A 107 1.94 -3.72 -6.89
CA SER A 107 0.74 -4.22 -7.54
C SER A 107 0.37 -3.32 -8.72
N SER A 108 -0.51 -3.84 -9.57
CA SER A 108 -0.95 -3.09 -10.73
C SER A 108 -1.45 -1.71 -10.32
N GLU A 109 -0.84 -0.70 -10.92
CA GLU A 109 -1.22 0.68 -10.61
C GLU A 109 -2.66 0.95 -11.06
N ILE A 110 -3.43 1.52 -10.15
CA ILE A 110 -4.81 1.84 -10.43
C ILE A 110 -5.00 3.36 -10.43
N ASN A 111 -6.26 3.77 -10.33
CA ASN A 111 -6.58 5.19 -10.31
C ASN A 111 -7.90 5.39 -9.56
N ALA A 112 -7.94 6.48 -8.80
CA ALA A 112 -9.13 6.81 -8.03
C ALA A 112 -9.23 8.32 -7.87
N THR A 113 -9.96 8.94 -8.79
CA THR A 113 -10.14 10.38 -8.76
C THR A 113 -10.82 10.80 -7.46
N THR A 114 -10.07 11.55 -6.65
CA THR A 114 -10.60 12.03 -5.38
C THR A 114 -11.91 12.78 -5.59
N LEU A 115 -12.70 12.84 -4.53
CA LEU A 115 -13.98 13.53 -4.58
C LEU A 115 -13.79 14.90 -5.20
N GLU A 116 -14.84 15.37 -5.87
CA GLU A 116 -14.81 16.67 -6.51
C GLU A 116 -14.96 17.79 -5.47
N SER A 117 -15.11 17.37 -4.23
CA SER A 117 -15.27 18.31 -3.14
C SER A 117 -16.58 19.08 -3.29
N GLY A 118 -17.63 18.51 -2.73
CA GLY A 118 -18.95 19.12 -2.80
C GLY A 118 -19.86 18.62 -1.67
N PRO A 119 -20.89 19.44 -1.36
CA PRO A 119 -21.83 19.08 -0.31
C PRO A 119 -22.80 17.98 -0.78
N SER A 120 -22.20 16.88 -1.21
CA SER A 120 -22.99 15.74 -1.69
C SER A 120 -24.18 16.25 -2.51
N SER A 121 -23.92 16.47 -3.79
CA SER A 121 -24.95 16.95 -4.69
C SER A 121 -25.35 15.84 -5.67
N GLY A 122 -26.55 15.32 -5.47
CA GLY A 122 -27.07 14.26 -6.32
C GLY A 122 -28.28 13.58 -5.68
N GLY A 1 -6.93 -13.72 19.22
CA GLY A 1 -5.61 -14.22 19.59
C GLY A 1 -5.41 -15.65 19.08
N SER A 2 -5.02 -15.73 17.81
CA SER A 2 -4.78 -17.02 17.18
C SER A 2 -4.21 -16.83 15.78
N SER A 3 -3.22 -17.64 15.46
CA SER A 3 -2.58 -17.57 14.16
C SER A 3 -1.55 -18.70 14.03
N GLY A 4 -1.25 -19.03 12.77
CA GLY A 4 -0.29 -20.09 12.48
C GLY A 4 -0.28 -20.42 11.00
N SER A 5 0.28 -19.51 10.22
CA SER A 5 0.37 -19.70 8.78
C SER A 5 1.51 -18.86 8.21
N SER A 6 2.68 -19.46 8.18
CA SER A 6 3.86 -18.79 7.66
C SER A 6 4.75 -19.79 6.92
N GLY A 7 5.74 -19.24 6.22
CA GLY A 7 6.66 -20.06 5.46
C GLY A 7 8.11 -19.62 5.70
N ILE A 8 8.53 -19.74 6.95
CA ILE A 8 9.88 -19.36 7.33
C ILE A 8 10.74 -20.61 7.48
N SER A 9 11.73 -20.73 6.61
CA SER A 9 12.63 -21.87 6.63
C SER A 9 14.08 -21.40 6.59
N THR A 10 14.51 -20.80 7.69
CA THR A 10 15.87 -20.30 7.80
C THR A 10 16.13 -19.23 6.74
N GLU A 11 16.75 -18.14 7.18
CA GLU A 11 17.05 -17.04 6.29
C GLU A 11 15.87 -16.77 5.36
N GLU A 12 15.02 -15.86 5.79
CA GLU A 12 13.84 -15.50 5.01
C GLU A 12 14.27 -14.81 3.71
N ALA A 13 13.26 -14.43 2.93
CA ALA A 13 13.52 -13.77 1.66
C ALA A 13 12.35 -12.83 1.34
N ALA A 14 12.69 -11.72 0.69
CA ALA A 14 11.69 -10.73 0.33
C ALA A 14 10.52 -11.44 -0.37
N PRO A 15 9.35 -10.72 -0.41
CA PRO A 15 8.17 -11.27 -1.04
C PRO A 15 8.29 -11.22 -2.55
N ASP A 16 7.82 -12.30 -3.19
CA ASP A 16 7.87 -12.39 -4.63
C ASP A 16 6.45 -12.29 -5.19
N GLY A 17 5.70 -11.33 -4.68
CA GLY A 17 4.34 -11.12 -5.11
C GLY A 17 3.69 -9.97 -4.34
N PRO A 18 2.86 -9.18 -5.07
CA PRO A 18 2.17 -8.04 -4.48
C PRO A 18 1.00 -8.52 -3.60
N PRO A 19 0.39 -7.52 -2.90
CA PRO A 19 -0.74 -7.82 -2.02
C PRO A 19 -2.01 -8.10 -2.84
N MET A 20 -3.01 -8.61 -2.14
CA MET A 20 -4.28 -8.93 -2.78
C MET A 20 -5.36 -7.93 -2.37
N ASP A 21 -6.43 -7.91 -3.16
CA ASP A 21 -7.54 -7.00 -2.88
C ASP A 21 -7.02 -5.57 -2.83
N VAL A 22 -6.27 -5.20 -3.85
CA VAL A 22 -5.71 -3.86 -3.94
C VAL A 22 -6.72 -2.93 -4.62
N THR A 23 -7.33 -2.08 -3.82
CA THR A 23 -8.32 -1.14 -4.34
C THR A 23 -8.27 0.17 -3.54
N LEU A 24 -8.63 1.24 -4.23
CA LEU A 24 -8.63 2.57 -3.61
C LEU A 24 -10.07 2.96 -3.29
N GLN A 25 -10.19 3.98 -2.44
CA GLN A 25 -11.50 4.47 -2.04
C GLN A 25 -11.38 5.89 -1.48
N PRO A 26 -12.01 6.85 -2.19
CA PRO A 26 -11.99 8.24 -1.77
C PRO A 26 -12.93 8.47 -0.59
N VAL A 27 -12.32 8.66 0.57
CA VAL A 27 -13.09 8.89 1.79
C VAL A 27 -13.36 10.38 1.95
N THR A 28 -12.37 11.17 1.53
CA THR A 28 -12.49 12.62 1.62
C THR A 28 -12.35 13.25 0.23
N SER A 29 -11.81 14.46 0.22
CA SER A 29 -11.62 15.17 -1.03
C SER A 29 -10.13 15.29 -1.35
N GLN A 30 -9.33 15.19 -0.30
CA GLN A 30 -7.89 15.29 -0.45
C GLN A 30 -7.20 14.08 0.18
N SER A 31 -7.82 12.92 -0.03
CA SER A 31 -7.29 11.68 0.52
C SER A 31 -7.95 10.49 -0.15
N ILE A 32 -7.38 9.32 0.09
CA ILE A 32 -7.91 8.08 -0.49
C ILE A 32 -7.54 6.91 0.42
N GLN A 33 -8.50 6.02 0.60
CA GLN A 33 -8.30 4.85 1.44
C GLN A 33 -7.85 3.66 0.58
N VAL A 34 -6.77 3.04 1.01
CA VAL A 34 -6.23 1.89 0.29
C VAL A 34 -6.30 0.65 1.19
N THR A 35 -7.14 -0.29 0.78
CA THR A 35 -7.31 -1.52 1.52
C THR A 35 -6.79 -2.72 0.72
N TRP A 36 -6.03 -3.56 1.41
CA TRP A 36 -5.47 -4.74 0.78
C TRP A 36 -5.41 -5.86 1.83
N LYS A 37 -4.97 -7.02 1.38
CA LYS A 37 -4.86 -8.17 2.26
C LYS A 37 -3.53 -8.87 2.02
N ALA A 38 -3.13 -9.68 2.99
CA ALA A 38 -1.88 -10.41 2.90
C ALA A 38 -1.73 -10.99 1.50
N PRO A 39 -0.47 -10.92 0.99
CA PRO A 39 -0.17 -11.43 -0.34
C PRO A 39 -0.14 -12.96 -0.34
N LYS A 40 -0.05 -13.52 -1.55
CA LYS A 40 0.00 -14.96 -1.71
C LYS A 40 0.86 -15.56 -0.60
N LYS A 41 0.64 -16.84 -0.34
CA LYS A 41 1.39 -17.54 0.69
C LYS A 41 2.72 -18.03 0.09
N GLU A 42 2.60 -18.71 -1.04
CA GLU A 42 3.78 -19.24 -1.72
C GLU A 42 4.67 -18.09 -2.21
N LEU A 43 4.12 -16.89 -2.14
CA LEU A 43 4.84 -15.71 -2.58
C LEU A 43 5.28 -14.91 -1.36
N GLN A 44 4.60 -15.16 -0.25
CA GLN A 44 4.91 -14.48 0.99
C GLN A 44 6.41 -14.55 1.29
N ASN A 45 6.94 -15.76 1.16
CA ASN A 45 8.35 -15.99 1.40
C ASN A 45 8.69 -15.61 2.85
N GLY A 46 7.80 -16.00 3.74
CA GLY A 46 7.98 -15.71 5.16
C GLY A 46 6.85 -14.83 5.68
N VAL A 47 7.15 -14.15 6.79
CA VAL A 47 6.16 -13.27 7.40
C VAL A 47 6.33 -11.86 6.83
N ILE A 48 5.36 -11.00 7.15
CA ILE A 48 5.39 -9.63 6.67
C ILE A 48 5.57 -8.69 7.87
N ARG A 49 6.20 -7.56 7.60
CA ARG A 49 6.46 -6.57 8.64
C ARG A 49 5.70 -5.29 8.33
N GLY A 50 5.59 -4.99 7.04
CA GLY A 50 4.89 -3.79 6.59
C GLY A 50 4.81 -3.74 5.07
N TYR A 51 4.04 -2.77 4.59
CA TYR A 51 3.87 -2.61 3.16
C TYR A 51 4.09 -1.15 2.74
N GLN A 52 4.52 -0.98 1.50
CA GLN A 52 4.78 0.35 0.97
C GLN A 52 3.67 0.76 0.00
N ILE A 53 3.20 1.99 0.15
CA ILE A 53 2.14 2.50 -0.69
C ILE A 53 2.71 3.61 -1.58
N GLY A 54 2.88 3.27 -2.85
CA GLY A 54 3.41 4.22 -3.81
C GLY A 54 2.28 4.90 -4.60
N TYR A 55 2.06 6.16 -4.29
CA TYR A 55 1.02 6.93 -4.94
C TYR A 55 1.59 8.21 -5.56
N ARG A 56 1.06 8.55 -6.73
CA ARG A 56 1.50 9.74 -7.43
C ARG A 56 0.40 10.24 -8.38
N GLU A 57 0.34 11.56 -8.51
CA GLU A 57 -0.66 12.17 -9.37
C GLU A 57 -0.46 11.71 -10.81
N ASN A 58 -1.58 11.43 -11.47
CA ASN A 58 -1.55 10.98 -12.85
C ASN A 58 -1.75 12.18 -13.78
N SER A 59 -1.15 13.29 -13.40
CA SER A 59 -1.26 14.51 -14.18
C SER A 59 0.11 15.20 -14.27
N PRO A 60 0.18 16.21 -15.18
CA PRO A 60 1.42 16.95 -15.38
C PRO A 60 1.66 17.92 -14.23
N GLY A 61 2.62 17.57 -13.38
CA GLY A 61 2.96 18.39 -12.23
C GLY A 61 3.73 17.59 -11.18
N SER A 62 3.20 16.42 -10.87
CA SER A 62 3.82 15.55 -9.90
C SER A 62 5.29 15.33 -10.26
N ASN A 63 6.14 15.39 -9.25
CA ASN A 63 7.56 15.19 -9.44
C ASN A 63 7.79 13.97 -10.33
N GLY A 64 6.89 13.01 -10.19
CA GLY A 64 6.97 11.79 -10.97
C GLY A 64 7.21 10.58 -10.06
N GLN A 65 8.22 10.71 -9.22
CA GLN A 65 8.56 9.63 -8.30
C GLN A 65 7.35 9.26 -7.44
N TYR A 66 6.98 7.99 -7.51
CA TYR A 66 5.84 7.50 -6.75
C TYR A 66 6.03 7.76 -5.25
N SER A 67 5.11 8.53 -4.70
CA SER A 67 5.17 8.86 -3.28
C SER A 67 5.04 7.58 -2.44
N ILE A 68 6.14 7.17 -1.85
CA ILE A 68 6.16 5.97 -1.03
C ILE A 68 5.83 6.35 0.42
N VAL A 69 5.19 5.42 1.11
CA VAL A 69 4.82 5.64 2.50
C VAL A 69 4.93 4.33 3.26
N GLU A 70 5.89 4.31 4.19
CA GLU A 70 6.12 3.13 4.99
C GLU A 70 5.13 3.07 6.16
N MET A 71 4.59 1.89 6.39
CA MET A 71 3.63 1.70 7.46
C MET A 71 3.65 0.26 7.97
N LYS A 72 3.28 0.09 9.23
CA LYS A 72 3.27 -1.22 9.84
C LYS A 72 1.94 -1.91 9.50
N ALA A 73 1.99 -3.23 9.42
CA ALA A 73 0.82 -4.02 9.12
C ALA A 73 0.01 -4.25 10.40
N THR A 74 -1.30 -4.10 10.28
CA THR A 74 -2.19 -4.29 11.41
C THR A 74 -2.66 -5.74 11.48
N GLY A 75 -1.83 -6.63 10.97
CA GLY A 75 -2.15 -8.06 10.96
C GLY A 75 -2.09 -8.62 9.55
N ASP A 76 -3.03 -9.50 9.25
CA ASP A 76 -3.09 -10.12 7.94
C ASP A 76 -3.56 -9.10 6.91
N SER A 77 -4.25 -8.08 7.41
CA SER A 77 -4.77 -7.03 6.55
C SER A 77 -4.16 -5.68 6.94
N GLU A 78 -4.09 -4.79 5.97
CA GLU A 78 -3.53 -3.46 6.21
C GLU A 78 -4.25 -2.42 5.33
N VAL A 79 -4.19 -1.18 5.78
CA VAL A 79 -4.83 -0.10 5.05
C VAL A 79 -4.07 1.21 5.33
N TYR A 80 -4.07 2.08 4.32
CA TYR A 80 -3.39 3.35 4.45
C TYR A 80 -4.12 4.44 3.67
N THR A 81 -4.30 5.58 4.33
CA THR A 81 -4.99 6.70 3.72
C THR A 81 -3.97 7.76 3.25
N LEU A 82 -3.83 7.86 1.93
CA LEU A 82 -2.92 8.82 1.35
C LEU A 82 -3.55 10.21 1.38
N ASP A 83 -3.04 11.05 2.28
CA ASP A 83 -3.54 12.40 2.41
C ASP A 83 -2.70 13.35 1.56
N ASN A 84 -3.27 14.50 1.26
CA ASN A 84 -2.57 15.49 0.46
C ASN A 84 -2.69 15.13 -1.02
N LEU A 85 -3.93 14.97 -1.46
CA LEU A 85 -4.21 14.62 -2.85
C LEU A 85 -5.03 15.73 -3.49
N LYS A 86 -5.21 15.60 -4.79
CA LYS A 86 -5.98 16.59 -5.55
C LYS A 86 -7.46 16.21 -5.50
N LYS A 87 -8.30 17.21 -5.72
CA LYS A 87 -9.74 17.00 -5.72
C LYS A 87 -10.21 16.65 -7.13
N PHE A 88 -10.93 15.55 -7.23
CA PHE A 88 -11.44 15.10 -8.51
C PHE A 88 -10.31 14.88 -9.51
N ALA A 89 -9.25 14.25 -9.03
CA ALA A 89 -8.09 13.97 -9.87
C ALA A 89 -7.78 12.48 -9.82
N GLN A 90 -7.37 11.96 -10.98
CA GLN A 90 -7.03 10.55 -11.09
C GLN A 90 -5.68 10.27 -10.42
N TYR A 91 -5.67 9.21 -9.61
CA TYR A 91 -4.45 8.83 -8.92
C TYR A 91 -4.22 7.32 -9.00
N GLY A 92 -3.03 6.95 -9.44
CA GLY A 92 -2.68 5.55 -9.56
C GLY A 92 -1.58 5.17 -8.56
N VAL A 93 -2.02 4.55 -7.47
CA VAL A 93 -1.09 4.12 -6.44
C VAL A 93 -0.82 2.62 -6.58
N VAL A 94 0.26 2.19 -5.94
CA VAL A 94 0.63 0.78 -5.99
C VAL A 94 1.04 0.32 -4.58
N VAL A 95 0.45 -0.79 -4.16
CA VAL A 95 0.74 -1.33 -2.84
C VAL A 95 1.75 -2.48 -3.00
N GLN A 96 2.58 -2.63 -1.98
CA GLN A 96 3.59 -3.67 -1.98
C GLN A 96 3.94 -4.07 -0.55
N ALA A 97 4.12 -5.37 -0.36
CA ALA A 97 4.47 -5.89 0.95
C ALA A 97 5.99 -5.97 1.09
N PHE A 98 6.47 -5.48 2.23
CA PHE A 98 7.89 -5.48 2.50
C PHE A 98 8.20 -6.11 3.86
N ASN A 99 9.23 -6.92 3.89
CA ASN A 99 9.64 -7.59 5.11
C ASN A 99 11.10 -7.27 5.40
N ARG A 100 11.58 -7.79 6.53
CA ARG A 100 12.96 -7.57 6.93
C ARG A 100 13.92 -8.20 5.92
N ALA A 101 13.35 -9.04 5.06
CA ALA A 101 14.14 -9.72 4.05
C ALA A 101 14.25 -8.82 2.81
N GLY A 102 13.35 -7.85 2.74
CA GLY A 102 13.34 -6.92 1.62
C GLY A 102 11.92 -6.59 1.20
N THR A 103 11.80 -5.92 0.07
CA THR A 103 10.51 -5.53 -0.46
C THR A 103 10.16 -6.38 -1.69
N GLY A 104 8.86 -6.52 -1.91
CA GLY A 104 8.37 -7.30 -3.05
C GLY A 104 7.93 -6.39 -4.19
N PRO A 105 7.38 -7.04 -5.25
CA PRO A 105 6.90 -6.29 -6.41
C PRO A 105 5.58 -5.59 -6.11
N SER A 106 5.30 -4.55 -6.88
CA SER A 106 4.08 -3.79 -6.71
C SER A 106 2.92 -4.48 -7.41
N SER A 107 1.72 -4.13 -7.01
CA SER A 107 0.52 -4.72 -7.59
C SER A 107 0.05 -3.88 -8.77
N SER A 108 -1.00 -4.35 -9.43
CA SER A 108 -1.55 -3.66 -10.58
C SER A 108 -2.03 -2.27 -10.16
N GLU A 109 -1.40 -1.27 -10.77
CA GLU A 109 -1.76 0.12 -10.47
C GLU A 109 -3.19 0.40 -10.92
N ILE A 110 -4.01 0.79 -9.95
CA ILE A 110 -5.41 1.10 -10.23
C ILE A 110 -5.58 2.61 -10.34
N ASN A 111 -6.83 3.05 -10.25
CA ASN A 111 -7.14 4.47 -10.33
C ASN A 111 -8.41 4.75 -9.53
N ALA A 112 -8.37 5.86 -8.80
CA ALA A 112 -9.52 6.25 -7.99
C ALA A 112 -9.52 7.77 -7.84
N THR A 113 -10.36 8.42 -8.65
CA THR A 113 -10.46 9.86 -8.61
C THR A 113 -11.10 10.32 -7.30
N THR A 114 -10.43 11.25 -6.64
CA THR A 114 -10.92 11.77 -5.37
C THR A 114 -12.38 12.21 -5.51
N LEU A 115 -13.01 12.41 -4.36
CA LEU A 115 -14.40 12.83 -4.34
C LEU A 115 -14.54 14.14 -5.12
N GLU A 116 -15.65 14.26 -5.83
CA GLU A 116 -15.93 15.44 -6.61
C GLU A 116 -16.59 16.52 -5.75
N SER A 117 -15.77 17.17 -4.94
CA SER A 117 -16.27 18.21 -4.06
C SER A 117 -17.21 17.61 -3.01
N GLY A 118 -16.63 17.23 -1.89
CA GLY A 118 -17.40 16.65 -0.81
C GLY A 118 -18.27 15.50 -1.32
N PRO A 119 -19.10 14.95 -0.39
CA PRO A 119 -19.99 13.85 -0.73
C PRO A 119 -21.18 14.34 -1.55
N SER A 120 -21.19 13.95 -2.82
CA SER A 120 -22.26 14.34 -3.71
C SER A 120 -22.61 13.18 -4.66
N SER A 121 -21.60 12.72 -5.37
CA SER A 121 -21.78 11.62 -6.29
C SER A 121 -22.42 10.43 -5.59
N GLY A 122 -23.22 9.68 -6.34
CA GLY A 122 -23.90 8.52 -5.80
C GLY A 122 -23.38 7.23 -6.43
N GLY A 1 11.36 -0.63 29.56
CA GLY A 1 11.48 -1.95 30.17
C GLY A 1 10.83 -3.02 29.29
N SER A 2 11.49 -4.16 29.19
CA SER A 2 11.00 -5.26 28.39
C SER A 2 11.82 -6.52 28.66
N SER A 3 11.19 -7.67 28.42
CA SER A 3 11.85 -8.94 28.64
C SER A 3 11.07 -10.05 27.94
N GLY A 4 11.81 -11.06 27.50
CA GLY A 4 11.20 -12.19 26.82
C GLY A 4 12.20 -12.86 25.87
N SER A 5 11.79 -14.00 25.34
CA SER A 5 12.63 -14.76 24.43
C SER A 5 11.77 -15.65 23.54
N SER A 6 11.82 -15.36 22.24
CA SER A 6 11.05 -16.13 21.28
C SER A 6 11.37 -15.66 19.86
N GLY A 7 11.71 -16.62 19.02
CA GLY A 7 12.03 -16.31 17.63
C GLY A 7 11.74 -17.51 16.72
N ILE A 8 10.70 -17.35 15.91
CA ILE A 8 10.30 -18.40 14.99
C ILE A 8 10.67 -17.99 13.56
N SER A 9 11.07 -18.99 12.78
CA SER A 9 11.45 -18.75 11.41
C SER A 9 12.35 -17.52 11.32
N THR A 10 13.64 -17.74 11.59
CA THR A 10 14.61 -16.66 11.55
C THR A 10 15.20 -16.53 10.14
N GLU A 11 14.50 -17.14 9.19
CA GLU A 11 14.94 -17.09 7.80
C GLU A 11 13.82 -16.58 6.90
N GLU A 12 13.86 -15.29 6.64
CA GLU A 12 12.86 -14.66 5.80
C GLU A 12 13.42 -14.39 4.40
N ALA A 13 12.55 -13.92 3.52
CA ALA A 13 12.95 -13.63 2.15
C ALA A 13 11.96 -12.63 1.56
N ALA A 14 12.50 -11.73 0.74
CA ALA A 14 11.68 -10.72 0.10
C ALA A 14 10.43 -11.38 -0.51
N PRO A 15 9.34 -10.58 -0.58
CA PRO A 15 8.08 -11.08 -1.13
C PRO A 15 8.16 -11.19 -2.66
N ASP A 16 7.95 -12.41 -3.13
CA ASP A 16 7.99 -12.65 -4.56
C ASP A 16 6.58 -12.51 -5.14
N GLY A 17 5.84 -11.56 -4.58
CA GLY A 17 4.48 -11.31 -5.02
C GLY A 17 3.91 -10.07 -4.34
N PRO A 18 3.21 -9.23 -5.16
CA PRO A 18 2.60 -8.01 -4.65
C PRO A 18 1.34 -8.32 -3.84
N PRO A 19 0.78 -7.25 -3.20
CA PRO A 19 -0.41 -7.40 -2.41
C PRO A 19 -1.66 -7.57 -3.29
N MET A 20 -2.63 -8.29 -2.75
CA MET A 20 -3.86 -8.53 -3.47
C MET A 20 -5.02 -7.73 -2.87
N ASP A 21 -6.12 -7.70 -3.61
CA ASP A 21 -7.30 -6.97 -3.16
C ASP A 21 -6.92 -5.51 -2.89
N VAL A 22 -5.90 -5.06 -3.60
CA VAL A 22 -5.43 -3.69 -3.45
C VAL A 22 -6.25 -2.78 -4.35
N THR A 23 -6.94 -1.84 -3.73
CA THR A 23 -7.77 -0.90 -4.46
C THR A 23 -7.93 0.41 -3.67
N LEU A 24 -8.01 1.50 -4.42
CA LEU A 24 -8.17 2.81 -3.80
C LEU A 24 -9.65 3.11 -3.62
N GLN A 25 -9.92 4.12 -2.79
CA GLN A 25 -11.29 4.52 -2.52
C GLN A 25 -11.33 5.94 -1.96
N PRO A 26 -11.99 6.85 -2.74
CA PRO A 26 -12.11 8.23 -2.35
C PRO A 26 -13.13 8.39 -1.22
N VAL A 27 -12.63 8.80 -0.06
CA VAL A 27 -13.48 9.00 1.10
C VAL A 27 -13.64 10.50 1.36
N THR A 28 -12.56 11.22 1.12
CA THR A 28 -12.55 12.66 1.32
C THR A 28 -12.26 13.39 0.01
N SER A 29 -11.93 14.67 0.13
CA SER A 29 -11.63 15.48 -1.03
C SER A 29 -10.13 15.43 -1.33
N GLN A 30 -9.34 15.47 -0.27
CA GLN A 30 -7.89 15.43 -0.40
C GLN A 30 -7.32 14.24 0.38
N SER A 31 -7.88 13.07 0.10
CA SER A 31 -7.45 11.86 0.78
C SER A 31 -8.15 10.65 0.17
N ILE A 32 -7.40 9.56 0.03
CA ILE A 32 -7.95 8.34 -0.53
C ILE A 32 -7.52 7.15 0.35
N GLN A 33 -8.38 6.15 0.40
CA GLN A 33 -8.11 4.96 1.18
C GLN A 33 -7.49 3.87 0.30
N VAL A 34 -6.60 3.10 0.92
CA VAL A 34 -5.93 2.03 0.21
C VAL A 34 -6.02 0.74 1.03
N THR A 35 -6.87 -0.16 0.56
CA THR A 35 -7.07 -1.42 1.24
C THR A 35 -6.58 -2.58 0.36
N TRP A 36 -5.81 -3.47 0.97
CA TRP A 36 -5.28 -4.62 0.26
C TRP A 36 -5.28 -5.81 1.22
N LYS A 37 -4.88 -6.96 0.69
CA LYS A 37 -4.83 -8.17 1.48
C LYS A 37 -3.45 -8.81 1.34
N ALA A 38 -3.17 -9.75 2.25
CA ALA A 38 -1.90 -10.44 2.23
C ALA A 38 -1.54 -10.85 0.79
N PRO A 39 -0.25 -10.64 0.44
CA PRO A 39 0.22 -10.97 -0.90
C PRO A 39 0.38 -12.49 -1.06
N LYS A 40 -0.55 -13.07 -1.79
CA LYS A 40 -0.53 -14.51 -2.03
C LYS A 40 -0.30 -15.23 -0.71
N LYS A 41 -0.13 -16.55 -0.81
CA LYS A 41 0.09 -17.36 0.37
C LYS A 41 1.50 -17.95 0.31
N GLU A 42 1.80 -18.58 -0.81
CA GLU A 42 3.10 -19.18 -1.00
C GLU A 42 4.07 -18.19 -1.65
N LEU A 43 3.91 -16.93 -1.25
CA LEU A 43 4.75 -15.88 -1.79
C LEU A 43 5.31 -15.04 -0.64
N GLN A 44 4.44 -14.77 0.33
CA GLN A 44 4.82 -13.98 1.49
C GLN A 44 6.29 -14.23 1.83
N ASN A 45 6.67 -15.50 1.80
CA ASN A 45 8.04 -15.89 2.11
C ASN A 45 8.38 -15.41 3.52
N GLY A 46 7.47 -15.68 4.45
CA GLY A 46 7.67 -15.28 5.84
C GLY A 46 6.76 -14.11 6.21
N VAL A 47 6.56 -13.96 7.51
CA VAL A 47 5.72 -12.89 8.01
C VAL A 47 6.11 -11.57 7.34
N ILE A 48 5.16 -10.65 7.31
CA ILE A 48 5.40 -9.35 6.70
C ILE A 48 5.57 -8.31 7.80
N ARG A 49 6.58 -7.47 7.63
CA ARG A 49 6.86 -6.42 8.60
C ARG A 49 6.02 -5.18 8.30
N GLY A 50 5.70 -5.03 7.01
CA GLY A 50 4.90 -3.89 6.58
C GLY A 50 4.85 -3.82 5.06
N TYR A 51 4.17 -2.78 4.58
CA TYR A 51 4.05 -2.58 3.14
C TYR A 51 4.28 -1.11 2.77
N GLN A 52 4.70 -0.90 1.53
CA GLN A 52 4.97 0.44 1.05
C GLN A 52 3.89 0.87 0.06
N ILE A 53 3.36 2.06 0.29
CA ILE A 53 2.32 2.59 -0.57
C ILE A 53 2.86 3.82 -1.31
N GLY A 54 3.21 3.60 -2.56
CA GLY A 54 3.74 4.68 -3.39
C GLY A 54 2.64 5.27 -4.28
N TYR A 55 2.24 6.49 -3.92
CA TYR A 55 1.20 7.17 -4.67
C TYR A 55 1.72 8.51 -5.20
N ARG A 56 1.24 8.87 -6.38
CA ARG A 56 1.64 10.12 -7.02
C ARG A 56 0.58 10.56 -8.03
N GLU A 57 0.43 11.87 -8.13
CA GLU A 57 -0.54 12.44 -9.06
C GLU A 57 -0.41 11.78 -10.43
N ASN A 58 -1.54 11.29 -10.92
CA ASN A 58 -1.56 10.64 -12.22
C ASN A 58 -1.89 11.67 -13.30
N SER A 59 -1.21 12.81 -13.21
CA SER A 59 -1.42 13.89 -14.16
C SER A 59 -0.22 13.97 -15.11
N PRO A 60 -0.50 14.50 -16.33
CA PRO A 60 0.54 14.65 -17.33
C PRO A 60 1.46 15.83 -16.99
N GLY A 61 2.65 15.49 -16.50
CA GLY A 61 3.61 16.51 -16.14
C GLY A 61 3.61 16.76 -14.63
N SER A 62 3.42 15.69 -13.89
CA SER A 62 3.38 15.78 -12.43
C SER A 62 4.81 15.72 -11.88
N ASN A 63 4.89 15.72 -10.56
CA ASN A 63 6.19 15.68 -9.89
C ASN A 63 6.99 14.48 -10.41
N GLY A 64 6.45 13.29 -10.15
CA GLY A 64 7.10 12.07 -10.59
C GLY A 64 7.43 11.16 -9.40
N GLN A 65 8.21 11.70 -8.49
CA GLN A 65 8.61 10.97 -7.30
C GLN A 65 7.37 10.40 -6.60
N TYR A 66 7.35 9.08 -6.49
CA TYR A 66 6.24 8.41 -5.85
C TYR A 66 6.34 8.52 -4.32
N SER A 67 5.32 9.11 -3.74
CA SER A 67 5.28 9.29 -2.29
C SER A 67 5.15 7.93 -1.60
N ILE A 68 6.26 7.50 -1.01
CA ILE A 68 6.29 6.23 -0.31
C ILE A 68 5.91 6.45 1.16
N VAL A 69 5.16 5.50 1.69
CA VAL A 69 4.72 5.57 3.07
C VAL A 69 4.94 4.21 3.74
N GLU A 70 5.88 4.19 4.68
CA GLU A 70 6.19 2.96 5.40
C GLU A 70 5.25 2.80 6.60
N MET A 71 4.74 1.59 6.75
CA MET A 71 3.84 1.29 7.85
C MET A 71 4.10 -0.11 8.40
N LYS A 72 3.25 -0.51 9.34
CA LYS A 72 3.37 -1.81 9.96
C LYS A 72 2.30 -2.76 9.38
N ALA A 73 2.56 -4.05 9.51
CA ALA A 73 1.65 -5.06 9.01
C ALA A 73 0.82 -5.61 10.17
N THR A 74 -0.37 -5.06 10.33
CA THR A 74 -1.26 -5.50 11.40
C THR A 74 -1.47 -7.01 11.34
N GLY A 75 -1.81 -7.48 10.16
CA GLY A 75 -2.04 -8.90 9.95
C GLY A 75 -1.76 -9.30 8.50
N ASP A 76 -2.68 -10.08 7.96
CA ASP A 76 -2.55 -10.54 6.58
C ASP A 76 -2.91 -9.39 5.62
N SER A 77 -3.89 -8.60 6.05
CA SER A 77 -4.34 -7.48 5.26
C SER A 77 -4.00 -6.16 5.96
N GLU A 78 -3.85 -5.12 5.16
CA GLU A 78 -3.52 -3.80 5.70
C GLU A 78 -4.32 -2.72 4.97
N VAL A 79 -4.26 -1.51 5.52
CA VAL A 79 -4.97 -0.40 4.93
C VAL A 79 -4.23 0.90 5.27
N TYR A 80 -4.35 1.87 4.37
CA TYR A 80 -3.71 3.16 4.57
C TYR A 80 -4.54 4.29 3.97
N THR A 81 -4.64 5.37 4.72
CA THR A 81 -5.40 6.53 4.27
C THR A 81 -4.46 7.65 3.81
N LEU A 82 -4.21 7.67 2.50
CA LEU A 82 -3.34 8.67 1.93
C LEU A 82 -4.03 10.04 1.99
N ASP A 83 -3.36 10.96 2.67
CA ASP A 83 -3.89 12.31 2.81
C ASP A 83 -2.97 13.30 2.09
N ASN A 84 -3.47 14.51 1.93
CA ASN A 84 -2.71 15.55 1.27
C ASN A 84 -2.78 15.35 -0.25
N LEU A 85 -3.99 15.09 -0.71
CA LEU A 85 -4.22 14.87 -2.13
C LEU A 85 -4.88 16.12 -2.73
N LYS A 86 -5.31 15.97 -3.98
CA LYS A 86 -5.96 17.07 -4.67
C LYS A 86 -7.47 16.83 -4.70
N LYS A 87 -8.17 17.67 -5.46
CA LYS A 87 -9.61 17.57 -5.57
C LYS A 87 -9.96 17.02 -6.95
N PHE A 88 -10.83 16.02 -6.96
CA PHE A 88 -11.25 15.42 -8.22
C PHE A 88 -10.09 15.30 -9.20
N ALA A 89 -9.12 14.48 -8.82
CA ALA A 89 -7.95 14.27 -9.66
C ALA A 89 -7.52 12.80 -9.57
N GLN A 90 -7.13 12.27 -10.71
CA GLN A 90 -6.70 10.88 -10.78
C GLN A 90 -5.30 10.74 -10.16
N TYR A 91 -5.17 9.71 -9.33
CA TYR A 91 -3.90 9.44 -8.68
C TYR A 91 -3.53 7.96 -8.74
N GLY A 92 -2.37 7.69 -9.31
CA GLY A 92 -1.90 6.33 -9.44
C GLY A 92 -0.93 5.96 -8.32
N VAL A 93 -1.16 4.80 -7.73
CA VAL A 93 -0.32 4.33 -6.65
C VAL A 93 0.01 2.85 -6.87
N VAL A 94 1.04 2.39 -6.15
CA VAL A 94 1.46 1.01 -6.26
C VAL A 94 1.75 0.45 -4.87
N VAL A 95 1.00 -0.58 -4.51
CA VAL A 95 1.15 -1.21 -3.21
C VAL A 95 2.20 -2.33 -3.31
N GLN A 96 3.02 -2.43 -2.27
CA GLN A 96 4.05 -3.44 -2.24
C GLN A 96 4.40 -3.79 -0.79
N ALA A 97 4.55 -5.08 -0.55
CA ALA A 97 4.88 -5.56 0.79
C ALA A 97 6.41 -5.66 0.93
N PHE A 98 6.89 -5.16 2.05
CA PHE A 98 8.32 -5.18 2.32
C PHE A 98 8.61 -5.80 3.69
N ASN A 99 9.63 -6.66 3.71
CA ASN A 99 10.02 -7.32 4.93
C ASN A 99 11.50 -7.05 5.22
N ARG A 100 11.97 -7.57 6.33
CA ARG A 100 13.36 -7.39 6.73
C ARG A 100 14.29 -8.03 5.69
N ALA A 101 13.73 -8.99 4.96
CA ALA A 101 14.50 -9.69 3.94
C ALA A 101 14.64 -8.78 2.71
N GLY A 102 13.70 -7.86 2.58
CA GLY A 102 13.71 -6.93 1.47
C GLY A 102 12.29 -6.64 0.98
N THR A 103 12.22 -5.86 -0.08
CA THR A 103 10.93 -5.50 -0.66
C THR A 103 10.61 -6.39 -1.87
N GLY A 104 9.32 -6.49 -2.16
CA GLY A 104 8.88 -7.30 -3.28
C GLY A 104 8.30 -6.42 -4.39
N PRO A 105 7.63 -7.10 -5.36
CA PRO A 105 7.03 -6.40 -6.49
C PRO A 105 5.76 -5.65 -6.06
N SER A 106 5.40 -4.67 -6.86
CA SER A 106 4.21 -3.88 -6.58
C SER A 106 3.01 -4.43 -7.36
N SER A 107 1.83 -4.07 -6.89
CA SER A 107 0.60 -4.53 -7.53
C SER A 107 0.38 -3.77 -8.83
N SER A 108 -0.71 -4.12 -9.51
CA SER A 108 -1.04 -3.48 -10.77
C SER A 108 -1.36 -2.00 -10.53
N GLU A 109 -0.62 -1.15 -11.22
CA GLU A 109 -0.82 0.28 -11.09
C GLU A 109 -2.31 0.61 -10.96
N ILE A 110 -2.70 0.93 -9.73
CA ILE A 110 -4.09 1.26 -9.46
C ILE A 110 -4.27 2.78 -9.50
N ASN A 111 -5.53 3.20 -9.44
CA ASN A 111 -5.84 4.61 -9.48
C ASN A 111 -7.19 4.85 -8.79
N ALA A 112 -7.54 6.12 -8.67
CA ALA A 112 -8.79 6.49 -8.03
C ALA A 112 -8.88 8.02 -7.94
N THR A 113 -9.80 8.57 -8.73
CA THR A 113 -10.00 10.00 -8.75
C THR A 113 -10.80 10.45 -7.53
N THR A 114 -10.28 11.46 -6.85
CA THR A 114 -10.93 11.99 -5.66
C THR A 114 -12.35 12.46 -6.00
N LEU A 115 -13.09 12.81 -4.97
CA LEU A 115 -14.45 13.27 -5.13
C LEU A 115 -14.44 14.70 -5.67
N GLU A 116 -15.64 15.23 -5.91
CA GLU A 116 -15.77 16.57 -6.42
C GLU A 116 -15.71 17.58 -5.27
N SER A 117 -15.54 17.05 -4.07
CA SER A 117 -15.46 17.88 -2.88
C SER A 117 -15.47 17.01 -1.62
N GLY A 118 -15.48 17.68 -0.48
CA GLY A 118 -15.50 16.98 0.79
C GLY A 118 -16.91 16.52 1.15
N PRO A 119 -16.98 15.50 2.05
CA PRO A 119 -18.25 14.96 2.48
C PRO A 119 -18.96 15.91 3.45
N SER A 120 -20.27 15.82 3.46
CA SER A 120 -21.07 16.66 4.33
C SER A 120 -22.56 16.39 4.10
N SER A 121 -23.36 16.81 5.06
CA SER A 121 -24.80 16.63 4.98
C SER A 121 -25.52 17.97 5.01
N GLY A 122 -26.70 18.01 4.40
CA GLY A 122 -27.49 19.22 4.35
C GLY A 122 -26.64 20.39 3.85
N GLY A 1 31.22 -16.78 20.77
CA GLY A 1 30.98 -16.28 22.11
C GLY A 1 30.42 -17.38 23.01
N SER A 2 30.47 -17.12 24.31
CA SER A 2 29.98 -18.08 25.29
C SER A 2 28.47 -18.30 25.09
N SER A 3 28.15 -19.49 24.60
CA SER A 3 26.76 -19.83 24.36
C SER A 3 26.64 -21.33 24.04
N GLY A 4 25.55 -21.91 24.53
CA GLY A 4 25.31 -23.33 24.31
C GLY A 4 23.92 -23.57 23.71
N SER A 5 23.75 -23.08 22.49
CA SER A 5 22.49 -23.22 21.78
C SER A 5 22.61 -22.67 20.37
N SER A 6 22.46 -23.56 19.40
CA SER A 6 22.54 -23.18 18.00
C SER A 6 21.50 -23.92 17.18
N GLY A 7 21.17 -23.36 16.03
CA GLY A 7 20.18 -23.96 15.15
C GLY A 7 20.26 -23.35 13.75
N ILE A 8 19.09 -23.06 13.19
CA ILE A 8 19.02 -22.49 11.86
C ILE A 8 19.43 -21.02 11.93
N SER A 9 20.57 -20.73 11.30
CA SER A 9 21.07 -19.37 11.27
C SER A 9 21.01 -18.81 9.85
N THR A 10 19.90 -19.09 9.19
CA THR A 10 19.71 -18.63 7.83
C THR A 10 19.03 -17.26 7.83
N GLU A 11 18.17 -17.06 6.84
CA GLU A 11 17.46 -15.80 6.70
C GLU A 11 16.51 -15.85 5.51
N GLU A 12 15.25 -15.55 5.77
CA GLU A 12 14.24 -15.55 4.73
C GLU A 12 14.64 -14.60 3.60
N ALA A 13 13.74 -14.45 2.64
CA ALA A 13 13.98 -13.57 1.51
C ALA A 13 12.75 -12.68 1.29
N ALA A 14 12.99 -11.55 0.65
CA ALA A 14 11.92 -10.61 0.37
C ALA A 14 10.76 -11.35 -0.29
N PRO A 15 9.58 -10.67 -0.32
CA PRO A 15 8.39 -11.27 -0.92
C PRO A 15 8.48 -11.22 -2.45
N ASP A 16 8.17 -12.37 -3.05
CA ASP A 16 8.21 -12.48 -4.50
C ASP A 16 6.78 -12.42 -5.05
N GLY A 17 5.98 -11.55 -4.45
CA GLY A 17 4.60 -11.39 -4.86
C GLY A 17 3.97 -10.14 -4.24
N PRO A 18 3.21 -9.39 -5.09
CA PRO A 18 2.57 -8.18 -4.63
C PRO A 18 1.35 -8.50 -3.77
N PRO A 19 0.75 -7.42 -3.20
CA PRO A 19 -0.43 -7.57 -2.34
C PRO A 19 -1.67 -7.87 -3.18
N MET A 20 -2.70 -8.33 -2.49
CA MET A 20 -3.96 -8.66 -3.16
C MET A 20 -5.11 -7.81 -2.61
N ASP A 21 -6.22 -7.83 -3.33
CA ASP A 21 -7.39 -7.07 -2.93
C ASP A 21 -6.99 -5.61 -2.68
N VAL A 22 -5.97 -5.19 -3.41
CA VAL A 22 -5.48 -3.82 -3.28
C VAL A 22 -6.31 -2.89 -4.15
N THR A 23 -6.95 -1.92 -3.52
CA THR A 23 -7.78 -0.97 -4.23
C THR A 23 -7.82 0.36 -3.48
N LEU A 24 -8.27 1.39 -4.20
CA LEU A 24 -8.36 2.72 -3.62
C LEU A 24 -9.82 3.06 -3.38
N GLN A 25 -10.03 4.13 -2.62
CA GLN A 25 -11.38 4.58 -2.31
C GLN A 25 -11.34 5.99 -1.70
N PRO A 26 -12.05 6.93 -2.39
CA PRO A 26 -12.11 8.30 -1.94
C PRO A 26 -13.02 8.44 -0.72
N VAL A 27 -12.43 8.85 0.39
CA VAL A 27 -13.19 9.02 1.62
C VAL A 27 -13.44 10.51 1.84
N THR A 28 -12.45 11.32 1.49
CA THR A 28 -12.56 12.75 1.64
C THR A 28 -12.31 13.45 0.30
N SER A 29 -11.81 14.68 0.40
CA SER A 29 -11.52 15.47 -0.78
C SER A 29 -10.01 15.68 -0.92
N GLN A 30 -9.30 15.33 0.14
CA GLN A 30 -7.86 15.47 0.15
C GLN A 30 -7.20 14.20 0.72
N SER A 31 -7.90 13.09 0.54
CA SER A 31 -7.40 11.82 1.04
C SER A 31 -8.09 10.67 0.29
N ILE A 32 -7.52 9.48 0.45
CA ILE A 32 -8.07 8.30 -0.20
C ILE A 32 -7.72 7.06 0.63
N GLN A 33 -8.66 6.13 0.69
CA GLN A 33 -8.46 4.91 1.45
C GLN A 33 -7.84 3.83 0.56
N VAL A 34 -6.99 3.02 1.16
CA VAL A 34 -6.33 1.95 0.43
C VAL A 34 -6.40 0.66 1.25
N THR A 35 -7.14 -0.30 0.72
CA THR A 35 -7.30 -1.58 1.38
C THR A 35 -6.73 -2.71 0.52
N TRP A 36 -5.97 -3.59 1.18
CA TRP A 36 -5.36 -4.70 0.49
C TRP A 36 -5.27 -5.88 1.47
N LYS A 37 -5.08 -7.06 0.90
CA LYS A 37 -4.98 -8.26 1.72
C LYS A 37 -3.57 -8.87 1.56
N ALA A 38 -3.21 -9.68 2.54
CA ALA A 38 -1.90 -10.32 2.52
C ALA A 38 -1.63 -10.88 1.13
N PRO A 39 -0.33 -10.84 0.74
CA PRO A 39 0.07 -11.34 -0.57
C PRO A 39 0.08 -12.87 -0.61
N LYS A 40 0.19 -13.40 -1.81
CA LYS A 40 0.20 -14.84 -1.99
C LYS A 40 0.97 -15.49 -0.84
N LYS A 41 0.57 -16.69 -0.50
CA LYS A 41 1.22 -17.43 0.57
C LYS A 41 2.55 -18.00 0.07
N GLU A 42 2.50 -18.55 -1.13
CA GLU A 42 3.69 -19.13 -1.73
C GLU A 42 4.63 -18.02 -2.23
N LEU A 43 4.17 -16.79 -2.06
CA LEU A 43 4.95 -15.65 -2.48
C LEU A 43 5.30 -14.78 -1.26
N GLN A 44 4.89 -15.28 -0.10
CA GLN A 44 5.14 -14.56 1.14
C GLN A 44 6.63 -14.60 1.47
N ASN A 45 7.24 -15.75 1.23
CA ASN A 45 8.66 -15.92 1.49
C ASN A 45 8.96 -15.47 2.93
N GLY A 46 8.02 -15.77 3.82
CA GLY A 46 8.17 -15.40 5.22
C GLY A 46 7.01 -14.53 5.68
N VAL A 47 7.24 -13.84 6.79
CA VAL A 47 6.22 -12.97 7.35
C VAL A 47 6.39 -11.56 6.76
N ILE A 48 5.43 -10.70 7.07
CA ILE A 48 5.45 -9.34 6.58
C ILE A 48 5.54 -8.38 7.77
N ARG A 49 6.43 -7.41 7.65
CA ARG A 49 6.62 -6.43 8.70
C ARG A 49 5.82 -5.16 8.40
N GLY A 50 5.61 -4.92 7.11
CA GLY A 50 4.86 -3.76 6.68
C GLY A 50 4.77 -3.70 5.15
N TYR A 51 3.99 -2.74 4.66
CA TYR A 51 3.82 -2.56 3.23
C TYR A 51 4.06 -1.12 2.83
N GLN A 52 4.50 -0.94 1.59
CA GLN A 52 4.77 0.39 1.07
C GLN A 52 3.68 0.79 0.07
N ILE A 53 3.13 1.98 0.28
CA ILE A 53 2.10 2.49 -0.59
C ILE A 53 2.64 3.69 -1.37
N GLY A 54 2.96 3.43 -2.64
CA GLY A 54 3.49 4.45 -3.51
C GLY A 54 2.36 5.11 -4.32
N TYR A 55 2.05 6.35 -3.95
CA TYR A 55 1.00 7.09 -4.64
C TYR A 55 1.55 8.43 -5.16
N ARG A 56 1.06 8.80 -6.34
CA ARG A 56 1.48 10.04 -6.96
C ARG A 56 0.42 10.53 -7.95
N GLU A 57 0.25 11.84 -7.99
CA GLU A 57 -0.72 12.43 -8.91
C GLU A 57 -0.51 11.91 -10.32
N ASN A 58 -1.62 11.79 -11.04
CA ASN A 58 -1.57 11.31 -12.41
C ASN A 58 -1.50 12.50 -13.37
N SER A 59 -0.81 13.54 -12.92
CA SER A 59 -0.65 14.75 -13.71
C SER A 59 0.34 14.50 -14.85
N PRO A 60 0.36 15.46 -15.81
CA PRO A 60 1.26 15.36 -16.95
C PRO A 60 2.70 15.69 -16.54
N GLY A 61 3.54 14.68 -16.59
CA GLY A 61 4.94 14.84 -16.23
C GLY A 61 5.09 15.78 -15.03
N SER A 62 4.43 15.41 -13.94
CA SER A 62 4.47 16.21 -12.72
C SER A 62 5.74 15.89 -11.94
N ASN A 63 6.56 15.01 -12.52
CA ASN A 63 7.81 14.62 -11.89
C ASN A 63 7.58 14.45 -10.39
N GLY A 64 6.57 13.66 -10.05
CA GLY A 64 6.24 13.41 -8.66
C GLY A 64 6.50 11.95 -8.29
N GLN A 65 7.76 11.66 -8.01
CA GLN A 65 8.15 10.32 -7.63
C GLN A 65 7.10 9.69 -6.72
N TYR A 66 6.67 8.48 -7.07
CA TYR A 66 5.68 7.77 -6.30
C TYR A 66 5.92 7.96 -4.80
N SER A 67 5.04 8.74 -4.18
CA SER A 67 5.14 9.01 -2.76
C SER A 67 5.00 7.71 -1.97
N ILE A 68 6.11 7.25 -1.41
CA ILE A 68 6.12 6.03 -0.62
C ILE A 68 5.72 6.35 0.81
N VAL A 69 5.00 5.42 1.41
CA VAL A 69 4.56 5.59 2.78
C VAL A 69 4.69 4.25 3.52
N GLU A 70 5.60 4.23 4.49
CA GLU A 70 5.84 3.04 5.28
C GLU A 70 4.83 2.96 6.43
N MET A 71 4.21 1.79 6.55
CA MET A 71 3.23 1.56 7.59
C MET A 71 3.29 0.12 8.10
N LYS A 72 2.98 -0.04 9.37
CA LYS A 72 3.00 -1.35 9.99
C LYS A 72 1.81 -2.17 9.48
N ALA A 73 2.00 -3.48 9.43
CA ALA A 73 0.96 -4.37 8.97
C ALA A 73 0.12 -4.84 10.16
N THR A 74 -1.10 -4.33 10.21
CA THR A 74 -2.01 -4.69 11.28
C THR A 74 -2.11 -6.21 11.44
N GLY A 75 -1.87 -6.89 10.33
CA GLY A 75 -1.92 -8.34 10.31
C GLY A 75 -1.98 -8.88 8.88
N ASP A 76 -2.85 -9.85 8.68
CA ASP A 76 -3.02 -10.46 7.37
C ASP A 76 -3.48 -9.39 6.38
N SER A 77 -4.27 -8.46 6.88
CA SER A 77 -4.78 -7.37 6.05
C SER A 77 -4.31 -6.03 6.59
N GLU A 78 -4.16 -5.08 5.69
CA GLU A 78 -3.72 -3.75 6.06
C GLU A 78 -4.47 -2.69 5.24
N VAL A 79 -4.42 -1.46 5.74
CA VAL A 79 -5.10 -0.36 5.07
C VAL A 79 -4.36 0.95 5.39
N TYR A 80 -4.42 1.87 4.45
CA TYR A 80 -3.76 3.16 4.61
C TYR A 80 -4.55 4.26 3.92
N THR A 81 -4.47 5.46 4.49
CA THR A 81 -5.16 6.61 3.93
C THR A 81 -4.17 7.69 3.52
N LEU A 82 -4.01 7.82 2.21
CA LEU A 82 -3.08 8.81 1.67
C LEU A 82 -3.73 10.20 1.74
N ASP A 83 -3.25 10.99 2.69
CA ASP A 83 -3.76 12.34 2.86
C ASP A 83 -2.92 13.32 2.06
N ASN A 84 -3.45 14.52 1.89
CA ASN A 84 -2.75 15.55 1.15
C ASN A 84 -2.89 15.29 -0.35
N LEU A 85 -4.13 15.05 -0.77
CA LEU A 85 -4.40 14.78 -2.17
C LEU A 85 -5.21 15.94 -2.76
N LYS A 86 -5.23 15.99 -4.09
CA LYS A 86 -5.96 17.03 -4.78
C LYS A 86 -7.45 16.72 -4.76
N LYS A 87 -8.23 17.64 -5.30
CA LYS A 87 -9.67 17.46 -5.35
C LYS A 87 -10.08 16.98 -6.74
N PHE A 88 -10.94 15.97 -6.76
CA PHE A 88 -11.41 15.41 -8.01
C PHE A 88 -10.26 15.23 -9.01
N ALA A 89 -9.37 14.32 -8.66
CA ALA A 89 -8.22 14.03 -9.51
C ALA A 89 -7.87 12.55 -9.42
N GLN A 90 -7.57 11.97 -10.56
CA GLN A 90 -7.21 10.56 -10.63
C GLN A 90 -5.80 10.34 -10.08
N TYR A 91 -5.72 9.52 -9.05
CA TYR A 91 -4.44 9.22 -8.43
C TYR A 91 -4.14 7.72 -8.50
N GLY A 92 -3.00 7.41 -9.10
CA GLY A 92 -2.57 6.03 -9.24
C GLY A 92 -1.44 5.69 -8.26
N VAL A 93 -1.66 4.65 -7.49
CA VAL A 93 -0.66 4.22 -6.52
C VAL A 93 -0.40 2.72 -6.69
N VAL A 94 0.69 2.27 -6.11
CA VAL A 94 1.07 0.87 -6.19
C VAL A 94 1.40 0.35 -4.79
N VAL A 95 0.67 -0.68 -4.38
CA VAL A 95 0.88 -1.28 -3.07
C VAL A 95 1.94 -2.37 -3.18
N GLN A 96 2.71 -2.51 -2.11
CA GLN A 96 3.76 -3.51 -2.07
C GLN A 96 4.04 -3.93 -0.62
N ALA A 97 4.18 -5.24 -0.44
CA ALA A 97 4.45 -5.78 0.89
C ALA A 97 5.97 -5.92 1.08
N PHE A 98 6.43 -5.43 2.21
CA PHE A 98 7.84 -5.50 2.54
C PHE A 98 8.08 -6.20 3.89
N ASN A 99 9.10 -7.03 3.92
CA ASN A 99 9.43 -7.76 5.12
C ASN A 99 10.87 -7.44 5.53
N ARG A 100 11.28 -8.03 6.64
CA ARG A 100 12.64 -7.81 7.14
C ARG A 100 13.67 -8.24 6.10
N ALA A 101 13.26 -9.18 5.26
CA ALA A 101 14.13 -9.69 4.21
C ALA A 101 14.29 -8.61 3.13
N GLY A 102 13.31 -7.72 3.09
CA GLY A 102 13.33 -6.65 2.12
C GLY A 102 11.93 -6.37 1.58
N THR A 103 11.88 -5.74 0.41
CA THR A 103 10.61 -5.42 -0.22
C THR A 103 10.38 -6.30 -1.45
N GLY A 104 9.11 -6.50 -1.76
CA GLY A 104 8.74 -7.31 -2.92
C GLY A 104 8.21 -6.45 -4.06
N PRO A 105 7.51 -7.12 -5.01
CA PRO A 105 6.95 -6.42 -6.16
C PRO A 105 5.70 -5.63 -5.75
N SER A 106 5.29 -4.72 -6.63
CA SER A 106 4.13 -3.90 -6.38
C SER A 106 2.92 -4.47 -7.12
N SER A 107 1.74 -4.11 -6.63
CA SER A 107 0.51 -4.58 -7.24
C SER A 107 0.10 -3.66 -8.39
N SER A 108 -0.85 -4.13 -9.18
CA SER A 108 -1.33 -3.37 -10.32
C SER A 108 -1.43 -1.89 -9.94
N GLU A 109 -1.45 -1.05 -10.97
CA GLU A 109 -1.54 0.39 -10.77
C GLU A 109 -3.00 0.80 -10.54
N ILE A 110 -3.43 0.67 -9.29
CA ILE A 110 -4.80 1.02 -8.92
C ILE A 110 -4.97 2.53 -9.03
N ASN A 111 -6.22 2.96 -8.95
CA ASN A 111 -6.54 4.38 -9.03
C ASN A 111 -7.84 4.66 -8.26
N ALA A 112 -8.16 5.93 -8.16
CA ALA A 112 -9.37 6.34 -7.46
C ALA A 112 -9.46 7.87 -7.46
N THR A 113 -10.25 8.37 -8.40
CA THR A 113 -10.44 9.81 -8.52
C THR A 113 -11.20 10.35 -7.32
N THR A 114 -10.62 11.36 -6.69
CA THR A 114 -11.23 11.98 -5.53
C THR A 114 -12.64 12.46 -5.87
N LEU A 115 -13.36 12.88 -4.83
CA LEU A 115 -14.71 13.37 -5.00
C LEU A 115 -14.68 14.78 -5.60
N GLU A 116 -15.86 15.29 -5.88
CA GLU A 116 -15.98 16.63 -6.46
C GLU A 116 -15.83 17.69 -5.37
N SER A 117 -15.59 17.23 -4.16
CA SER A 117 -15.43 18.13 -3.02
C SER A 117 -16.62 19.08 -2.94
N GLY A 118 -17.53 18.75 -2.04
CA GLY A 118 -18.72 19.57 -1.85
C GLY A 118 -19.59 19.01 -0.71
N PRO A 119 -20.49 19.89 -0.20
CA PRO A 119 -21.38 19.51 0.88
C PRO A 119 -22.50 18.60 0.38
N SER A 120 -22.37 17.32 0.71
CA SER A 120 -23.36 16.34 0.30
C SER A 120 -23.91 15.60 1.53
N SER A 121 -24.98 14.85 1.29
CA SER A 121 -25.60 14.10 2.36
C SER A 121 -25.68 12.62 1.99
N GLY A 122 -25.48 11.77 2.98
CA GLY A 122 -25.52 10.33 2.78
C GLY A 122 -24.17 9.81 2.30
#